data_4N0Q
#
_entry.id   4N0Q
#
_cell.length_a   69.500
_cell.length_b   59.850
_cell.length_c   147.900
_cell.angle_alpha   90.00
_cell.angle_beta   91.22
_cell.angle_gamma   90.00
#
_symmetry.space_group_name_H-M   'P 1 21 1'
#
loop_
_entity.id
_entity.type
_entity.pdbx_description
1 polymer 'Leu/Ile/Val-binding protein homolog 3'
2 non-polymer LEUCINE
3 water water
#
_entity_poly.entity_id   1
_entity_poly.type   'polypeptide(L)'
_entity_poly.pdbx_seq_one_letter_code
;MAHHHHHHADITIGVIAPLTGPVAAFGDQVKKGAETAVEVINKAGGIKGEKVVLKFADDAGEPKQGVSAANQIVGDGIKF
VVGLVTTGVAVPVSDVLSENGVLMVTPTATGPDLTARGLENVFRTCGRDGQQAEVMADYVLKNMKDKKVAVIHDKGAYGK
GLADAFKAAINKGGITEVHYDSVTPGDKDFSALVTKLKSAGAEVVYFGGYHAEGGLLSRQLHDAGMQALVLGGEGLSNTE
YWAIGGTNAQGTLFTNAKDATKNPAAKDAIQALKAKNIPAEAFTMNAYAAVEVIKAGIERAGSTDDSAAVAKALHDGKPI
ETAIGTLTYSETGDLSSPSFDIFKWDDGKIVGLE
;
_entity_poly.pdbx_strand_id   A,B,C,D
#
# COMPACT_ATOMS: atom_id res chain seq x y z
N ASP A 10 -14.11 25.01 -43.56
CA ASP A 10 -12.90 24.67 -42.77
C ASP A 10 -12.85 25.51 -41.53
N ILE A 11 -12.25 24.97 -40.46
CA ILE A 11 -12.08 25.69 -39.21
C ILE A 11 -10.66 26.25 -39.17
N THR A 12 -10.54 27.57 -39.15
CA THR A 12 -9.22 28.18 -39.22
C THR A 12 -8.78 28.63 -37.84
N ILE A 13 -7.59 28.21 -37.46
CA ILE A 13 -6.93 28.68 -36.25
C ILE A 13 -5.71 29.49 -36.65
N GLY A 14 -5.68 30.75 -36.21
CA GLY A 14 -4.53 31.61 -36.40
C GLY A 14 -3.47 31.32 -35.37
N VAL A 15 -2.22 31.41 -35.78
CA VAL A 15 -1.10 31.28 -34.86
C VAL A 15 -0.22 32.51 -34.96
N ILE A 16 -0.18 33.29 -33.87
CA ILE A 16 0.65 34.48 -33.79
C ILE A 16 1.86 34.12 -32.95
N ALA A 17 3.04 34.07 -33.58
CA ALA A 17 4.24 33.61 -32.90
C ALA A 17 5.52 34.14 -33.53
N PRO A 18 6.58 34.31 -32.73
CA PRO A 18 7.86 34.74 -33.27
C PRO A 18 8.50 33.63 -34.08
N LEU A 19 8.47 33.77 -35.40
CA LEU A 19 9.14 32.82 -36.27
C LEU A 19 10.48 33.38 -36.72
N THR A 20 10.71 34.67 -36.52
CA THR A 20 12.01 35.25 -36.80
C THR A 20 12.45 36.05 -35.57
N GLY A 21 13.74 36.34 -35.50
CA GLY A 21 14.29 37.16 -34.41
C GLY A 21 14.88 36.35 -33.28
N PRO A 22 15.27 37.04 -32.18
CA PRO A 22 16.01 36.37 -31.11
C PRO A 22 15.22 35.34 -30.33
N VAL A 23 13.89 35.32 -30.43
CA VAL A 23 13.11 34.30 -29.76
C VAL A 23 12.29 33.41 -30.70
N ALA A 24 12.79 33.22 -31.92
CA ALA A 24 12.13 32.34 -32.91
C ALA A 24 12.21 30.87 -32.50
N ALA A 25 13.11 30.55 -31.59
CA ALA A 25 13.22 29.18 -31.13
C ALA A 25 11.97 28.78 -30.34
N PHE A 26 11.40 29.71 -29.57
CA PHE A 26 10.14 29.48 -28.88
C PHE A 26 9.01 29.40 -29.89
N GLY A 27 9.01 30.36 -30.82
CA GLY A 27 8.02 30.38 -31.86
C GLY A 27 7.95 29.05 -32.55
N ASP A 28 9.12 28.51 -32.90
CA ASP A 28 9.21 27.23 -33.60
C ASP A 28 8.51 26.14 -32.82
N GLN A 29 8.76 26.09 -31.51
CA GLN A 29 8.11 25.12 -30.64
C GLN A 29 6.58 25.24 -30.63
N VAL A 30 6.10 26.47 -30.57
CA VAL A 30 4.67 26.69 -30.52
C VAL A 30 4.05 26.26 -31.87
N LYS A 31 4.68 26.64 -32.98
CA LYS A 31 4.17 26.25 -34.30
C LYS A 31 4.09 24.73 -34.38
N LYS A 32 5.20 24.06 -34.10
CA LYS A 32 5.25 22.60 -34.25
C LYS A 32 4.29 21.84 -33.32
N GLY A 33 4.04 22.38 -32.12
CA GLY A 33 3.05 21.80 -31.22
C GLY A 33 1.65 22.02 -31.75
N ALA A 34 1.37 23.25 -32.16
CA ALA A 34 0.08 23.53 -32.77
C ALA A 34 -0.13 22.72 -34.04
N GLU A 35 0.90 22.59 -34.86
CA GLU A 35 0.82 21.82 -36.10
C GLU A 35 0.44 20.38 -35.80
N THR A 36 1.15 19.77 -34.87
CA THR A 36 1.01 18.34 -34.62
C THR A 36 -0.38 18.03 -34.07
N ALA A 37 -0.92 18.94 -33.26
CA ALA A 37 -2.23 18.72 -32.71
C ALA A 37 -3.26 18.70 -33.85
N VAL A 38 -3.13 19.66 -34.75
CA VAL A 38 -4.05 19.78 -35.86
C VAL A 38 -4.04 18.54 -36.75
N GLU A 39 -2.86 18.05 -37.13
CA GLU A 39 -2.81 16.79 -37.88
C GLU A 39 -3.61 15.67 -37.18
N VAL A 40 -3.35 15.45 -35.89
CA VAL A 40 -3.98 14.35 -35.17
C VAL A 40 -5.50 14.50 -35.13
N ILE A 41 -5.95 15.73 -34.92
CA ILE A 41 -7.39 15.99 -34.89
C ILE A 41 -7.99 15.77 -36.27
N ASN A 42 -7.37 16.31 -37.31
CA ASN A 42 -7.87 16.06 -38.67
C ASN A 42 -7.84 14.59 -39.05
N LYS A 43 -6.73 13.90 -38.74
CA LYS A 43 -6.66 12.43 -38.89
C LYS A 43 -7.80 11.75 -38.17
N ALA A 44 -8.13 12.24 -36.98
CA ALA A 44 -9.20 11.68 -36.16
C ALA A 44 -10.59 12.24 -36.55
N GLY A 45 -10.69 12.93 -37.69
CA GLY A 45 -11.98 13.40 -38.22
C GLY A 45 -12.31 14.88 -38.03
N GLY A 46 -11.32 15.65 -37.60
CA GLY A 46 -11.49 17.09 -37.45
C GLY A 46 -12.46 17.47 -36.35
N ILE A 47 -13.07 18.63 -36.50
CA ILE A 47 -14.15 19.06 -35.60
C ILE A 47 -15.53 18.85 -36.21
N LYS A 48 -16.31 17.97 -35.59
CA LYS A 48 -17.68 17.79 -36.04
C LYS A 48 -17.74 17.43 -37.54
N GLY A 49 -16.60 17.02 -38.12
CA GLY A 49 -16.54 16.65 -39.54
C GLY A 49 -15.82 17.63 -40.47
N GLU A 50 -15.18 18.64 -39.91
CA GLU A 50 -14.52 19.69 -40.70
C GLU A 50 -13.00 19.82 -40.47
N LYS A 51 -12.24 20.10 -41.54
CA LYS A 51 -10.79 20.25 -41.44
C LYS A 51 -10.37 21.50 -40.66
N VAL A 52 -9.44 21.32 -39.74
CA VAL A 52 -8.85 22.45 -39.03
C VAL A 52 -7.60 22.88 -39.78
N VAL A 53 -7.44 24.17 -39.99
CA VAL A 53 -6.24 24.65 -40.66
C VAL A 53 -5.62 25.77 -39.84
N LEU A 54 -4.30 25.78 -39.88
CA LEU A 54 -3.55 26.80 -39.27
C LEU A 54 -3.22 27.87 -40.30
N LYS A 55 -3.30 29.14 -39.85
CA LYS A 55 -2.76 30.31 -40.54
C LYS A 55 -1.74 31.05 -39.67
N PHE A 56 -0.53 31.24 -40.20
CA PHE A 56 0.58 31.75 -39.39
C PHE A 56 0.86 33.23 -39.65
N ALA A 57 1.30 33.93 -38.59
CA ALA A 57 1.59 35.36 -38.65
C ALA A 57 2.71 35.71 -37.67
N ASP A 58 3.84 36.17 -38.17
CA ASP A 58 5.08 36.32 -37.42
C ASP A 58 5.12 37.66 -36.65
N ASP A 59 5.18 37.60 -35.31
CA ASP A 59 5.34 38.79 -34.46
C ASP A 59 6.79 39.18 -34.26
N ALA A 60 7.72 38.32 -34.66
CA ALA A 60 9.17 38.59 -34.58
C ALA A 60 9.66 38.88 -33.16
N GLY A 61 8.81 38.58 -32.18
CA GLY A 61 9.05 38.90 -30.79
C GLY A 61 9.03 40.40 -30.51
N GLU A 62 8.37 41.17 -31.38
CA GLU A 62 8.30 42.62 -31.24
C GLU A 62 6.86 43.02 -31.01
N PRO A 63 6.55 43.63 -29.88
CA PRO A 63 5.17 43.98 -29.57
C PRO A 63 4.46 44.82 -30.67
N LYS A 64 5.13 45.75 -31.33
CA LYS A 64 4.49 46.54 -32.39
C LYS A 64 4.13 45.65 -33.58
N GLN A 65 4.99 44.69 -33.88
CA GLN A 65 4.76 43.74 -34.97
CA GLN A 65 4.74 43.76 -34.99
C GLN A 65 3.68 42.73 -34.59
N GLY A 66 3.55 42.46 -33.28
CA GLY A 66 2.48 41.60 -32.77
C GLY A 66 1.10 42.18 -33.00
N VAL A 67 0.96 43.46 -32.77
CA VAL A 67 -0.29 44.18 -33.05
C VAL A 67 -0.63 44.03 -34.53
N SER A 68 0.39 44.16 -35.37
CA SER A 68 0.22 44.12 -36.81
C SER A 68 -0.24 42.73 -37.26
N ALA A 69 0.36 41.71 -36.64
CA ALA A 69 -0.01 40.33 -36.89
C ALA A 69 -1.44 40.12 -36.45
N ALA A 70 -1.75 40.55 -35.22
CA ALA A 70 -3.11 40.50 -34.75
C ALA A 70 -4.04 41.13 -35.76
N ASN A 71 -3.78 42.37 -36.15
CA ASN A 71 -4.65 43.04 -37.13
C ASN A 71 -4.92 42.21 -38.39
N GLN A 72 -3.89 41.58 -38.93
CA GLN A 72 -4.03 40.71 -40.11
C GLN A 72 -4.94 39.54 -39.78
N ILE A 73 -4.78 39.03 -38.56
CA ILE A 73 -5.60 37.94 -38.08
C ILE A 73 -7.07 38.33 -38.03
N VAL A 74 -7.33 39.52 -37.51
CA VAL A 74 -8.70 40.04 -37.48
C VAL A 74 -9.23 40.20 -38.90
N GLY A 75 -8.40 40.76 -39.79
CA GLY A 75 -8.81 41.05 -41.16
C GLY A 75 -9.04 39.83 -42.04
N ASP A 76 -8.55 38.66 -41.61
CA ASP A 76 -8.84 37.41 -42.30
C ASP A 76 -10.13 36.79 -41.72
N GLY A 77 -10.71 37.38 -40.69
CA GLY A 77 -11.94 36.83 -40.10
C GLY A 77 -11.74 35.56 -39.27
N ILE A 78 -10.52 35.36 -38.82
CA ILE A 78 -10.16 34.23 -38.01
C ILE A 78 -10.66 34.53 -36.58
N LYS A 79 -11.22 33.51 -35.94
CA LYS A 79 -11.92 33.67 -34.66
C LYS A 79 -11.24 32.95 -33.49
N PHE A 80 -10.17 32.18 -33.77
CA PHE A 80 -9.43 31.42 -32.76
C PHE A 80 -7.93 31.55 -32.97
N VAL A 81 -7.19 31.74 -31.89
CA VAL A 81 -5.78 31.96 -31.97
C VAL A 81 -5.04 31.20 -30.89
N VAL A 82 -3.93 30.60 -31.28
CA VAL A 82 -2.93 30.04 -30.37
C VAL A 82 -1.65 30.85 -30.58
N GLY A 83 -1.04 31.32 -29.50
CA GLY A 83 0.13 32.15 -29.63
C GLY A 83 0.24 33.12 -28.47
N LEU A 84 0.59 34.38 -28.76
CA LEU A 84 0.89 35.34 -27.72
C LEU A 84 1.98 34.72 -26.84
N VAL A 85 3.14 34.49 -27.44
CA VAL A 85 4.17 33.63 -26.87
C VAL A 85 4.96 34.31 -25.74
N THR A 86 5.48 35.50 -26.00
CA THR A 86 6.18 36.31 -24.99
C THR A 86 5.25 37.34 -24.34
N THR A 87 5.53 37.64 -23.09
CA THR A 87 4.60 38.42 -22.31
C THR A 87 4.48 39.80 -22.95
N GLY A 88 5.61 40.37 -23.31
CA GLY A 88 5.66 41.69 -23.91
C GLY A 88 4.80 41.86 -25.15
N VAL A 89 4.66 40.78 -25.91
CA VAL A 89 3.83 40.81 -27.13
C VAL A 89 2.40 40.43 -26.73
N ALA A 90 2.30 39.48 -25.79
CA ALA A 90 1.01 38.88 -25.44
C ALA A 90 -0.04 39.92 -25.09
N VAL A 91 0.31 40.80 -24.18
CA VAL A 91 -0.64 41.79 -23.67
C VAL A 91 -1.15 42.73 -24.77
N PRO A 92 -0.26 43.40 -25.49
CA PRO A 92 -0.81 44.22 -26.59
C PRO A 92 -1.57 43.43 -27.68
N VAL A 93 -1.13 42.21 -27.98
CA VAL A 93 -1.89 41.39 -28.91
C VAL A 93 -3.27 41.11 -28.31
N SER A 94 -3.33 40.76 -27.03
CA SER A 94 -4.58 40.40 -26.38
C SER A 94 -5.67 41.44 -26.59
N ASP A 95 -5.30 42.72 -26.45
CA ASP A 95 -6.29 43.78 -26.60
C ASP A 95 -6.91 43.78 -27.99
N VAL A 96 -6.05 43.69 -29.00
CA VAL A 96 -6.51 43.70 -30.38
C VAL A 96 -7.40 42.49 -30.65
N LEU A 97 -6.97 41.34 -30.17
CA LEU A 97 -7.72 40.14 -30.38
C LEU A 97 -9.08 40.21 -29.68
N SER A 98 -9.07 40.59 -28.40
CA SER A 98 -10.26 40.62 -27.55
C SER A 98 -11.31 41.59 -28.05
N GLU A 99 -10.88 42.79 -28.46
CA GLU A 99 -11.80 43.80 -29.00
C GLU A 99 -12.60 43.28 -30.18
N ASN A 100 -11.94 42.48 -31.03
CA ASN A 100 -12.56 42.01 -32.26
C ASN A 100 -13.08 40.57 -32.19
N GLY A 101 -13.45 40.12 -31.00
CA GLY A 101 -14.10 38.81 -30.87
C GLY A 101 -13.23 37.66 -31.33
N VAL A 102 -11.91 37.78 -31.13
CA VAL A 102 -11.04 36.64 -31.40
C VAL A 102 -10.56 35.95 -30.09
N LEU A 103 -10.95 34.70 -29.94
CA LEU A 103 -10.56 33.93 -28.77
C LEU A 103 -9.07 33.60 -28.89
N MET A 104 -8.37 33.58 -27.77
CA MET A 104 -6.92 33.36 -27.74
C MET A 104 -6.48 32.47 -26.58
N VAL A 105 -5.52 31.61 -26.87
CA VAL A 105 -4.94 30.73 -25.86
C VAL A 105 -3.46 30.88 -25.95
N THR A 106 -2.84 31.26 -24.85
CA THR A 106 -1.39 31.29 -24.80
C THR A 106 -0.81 30.02 -24.20
N PRO A 107 0.14 29.40 -24.91
CA PRO A 107 0.83 28.25 -24.37
C PRO A 107 2.09 28.56 -23.60
N THR A 108 2.49 29.83 -23.51
CA THR A 108 3.81 30.17 -22.92
C THR A 108 3.91 31.46 -22.08
N ALA A 109 3.10 32.46 -22.41
CA ALA A 109 3.11 33.74 -21.66
C ALA A 109 2.67 33.63 -20.20
N THR A 110 3.51 34.10 -19.28
CA THR A 110 3.31 33.92 -17.85
C THR A 110 3.16 35.21 -17.07
N GLY A 111 3.25 36.35 -17.74
CA GLY A 111 3.08 37.63 -17.07
C GLY A 111 1.65 37.74 -16.59
N PRO A 112 1.48 38.06 -15.30
CA PRO A 112 0.15 38.05 -14.70
C PRO A 112 -0.82 38.99 -15.37
N ASP A 113 -0.35 40.12 -15.88
CA ASP A 113 -1.25 41.18 -16.36
C ASP A 113 -2.15 40.70 -17.49
N LEU A 114 -1.70 39.69 -18.23
CA LEU A 114 -2.45 39.20 -19.37
C LEU A 114 -3.85 38.77 -18.94
N THR A 115 -3.97 38.20 -17.76
CA THR A 115 -5.25 37.67 -17.29
C THR A 115 -5.86 38.50 -16.18
N ALA A 116 -5.42 39.74 -15.99
CA ALA A 116 -5.92 40.58 -14.92
C ALA A 116 -6.47 41.91 -15.40
N ARG A 117 -6.93 41.98 -16.65
CA ARG A 117 -7.42 43.24 -17.23
C ARG A 117 -8.85 43.13 -17.77
N GLY A 118 -9.62 42.21 -17.20
CA GLY A 118 -11.04 42.11 -17.52
C GLY A 118 -11.43 41.29 -18.75
N LEU A 119 -10.47 40.62 -19.39
CA LEU A 119 -10.71 40.00 -20.69
C LEU A 119 -11.37 38.62 -20.55
N GLU A 120 -12.48 38.43 -21.25
CA GLU A 120 -13.30 37.23 -21.08
C GLU A 120 -12.98 36.14 -22.09
N ASN A 121 -12.08 36.40 -23.05
CA ASN A 121 -11.77 35.40 -24.08
C ASN A 121 -10.29 35.13 -24.19
N VAL A 122 -9.61 35.24 -23.06
CA VAL A 122 -8.21 34.84 -22.97
C VAL A 122 -8.00 33.67 -21.99
N PHE A 123 -7.15 32.75 -22.43
CA PHE A 123 -6.80 31.55 -21.72
C PHE A 123 -5.30 31.23 -21.78
N ARG A 124 -4.84 30.44 -20.81
CA ARG A 124 -3.47 29.93 -20.84
C ARG A 124 -3.44 28.39 -20.82
N THR A 125 -2.39 27.79 -21.40
CA THR A 125 -2.04 26.42 -21.04
C THR A 125 -0.75 26.40 -20.22
N CYS A 126 -0.47 27.55 -19.57
CA CYS A 126 0.69 27.70 -18.66
C CYS A 126 0.33 28.52 -17.40
N GLY A 127 1.18 28.46 -16.38
CA GLY A 127 0.97 29.22 -15.15
C GLY A 127 1.53 30.64 -15.25
N ARG A 128 1.81 31.25 -14.11
CA ARG A 128 2.23 32.62 -14.02
C ARG A 128 3.53 32.77 -13.24
N ASP A 129 4.16 33.92 -13.46
CA ASP A 129 5.49 34.20 -12.94
C ASP A 129 5.58 34.21 -11.44
N GLY A 130 4.54 34.70 -10.77
CA GLY A 130 4.58 34.78 -9.29
C GLY A 130 4.85 33.42 -8.68
N GLN A 131 4.17 32.39 -9.19
CA GLN A 131 4.39 31.01 -8.75
C GLN A 131 5.82 30.49 -9.07
N GLN A 132 6.35 30.71 -10.27
CA GLN A 132 7.65 30.13 -10.60
C GLN A 132 8.79 30.86 -9.91
N ALA A 133 8.68 32.18 -9.75
CA ALA A 133 9.68 32.89 -8.96
C ALA A 133 9.64 32.42 -7.51
N GLU A 134 8.43 32.26 -6.95
CA GLU A 134 8.31 31.80 -5.55
C GLU A 134 8.85 30.36 -5.39
N VAL A 135 8.64 29.51 -6.40
CA VAL A 135 9.26 28.18 -6.37
C VAL A 135 10.81 28.22 -6.28
N MET A 136 11.46 29.02 -7.12
CA MET A 136 12.93 29.10 -7.13
C MET A 136 13.41 29.80 -5.86
N ALA A 137 12.66 30.80 -5.38
CA ALA A 137 13.02 31.49 -4.14
C ALA A 137 13.03 30.54 -2.94
N ASP A 138 11.97 29.74 -2.79
CA ASP A 138 11.96 28.69 -1.76
C ASP A 138 13.19 27.80 -1.85
N TYR A 139 13.47 27.31 -3.05
CA TYR A 139 14.65 26.52 -3.27
C TYR A 139 15.91 27.23 -2.80
N VAL A 140 16.00 28.53 -3.07
CA VAL A 140 17.15 29.33 -2.66
C VAL A 140 17.22 29.49 -1.13
N LEU A 141 16.11 29.85 -0.53
CA LEU A 141 16.05 30.02 0.91
C LEU A 141 16.39 28.71 1.64
N LYS A 142 15.88 27.59 1.12
CA LYS A 142 16.09 26.30 1.77
C LYS A 142 17.54 25.87 1.60
N ASN A 143 18.01 25.93 0.36
CA ASN A 143 19.27 25.29 0.03
C ASN A 143 20.47 26.19 -0.12
N MET A 144 20.29 27.52 -0.06
CA MET A 144 21.38 28.45 -0.36
C MET A 144 21.30 29.77 0.43
N LYS A 145 20.82 29.68 1.67
CA LYS A 145 20.48 30.87 2.49
C LYS A 145 21.66 31.79 2.65
N ASP A 146 22.84 31.19 2.53
CA ASP A 146 24.11 31.81 2.83
C ASP A 146 24.89 32.25 1.58
N LYS A 147 24.33 32.05 0.40
CA LYS A 147 25.01 32.43 -0.85
C LYS A 147 24.85 33.91 -1.16
N LYS A 148 25.85 34.49 -1.82
CA LYS A 148 25.73 35.85 -2.32
C LYS A 148 24.84 35.80 -3.55
N VAL A 149 23.64 36.34 -3.47
CA VAL A 149 22.71 36.23 -4.58
C VAL A 149 22.59 37.56 -5.32
N ALA A 150 22.50 37.48 -6.65
CA ALA A 150 22.27 38.66 -7.48
C ALA A 150 20.98 38.47 -8.25
N VAL A 151 20.32 39.57 -8.59
CA VAL A 151 19.08 39.47 -9.35
C VAL A 151 19.21 40.30 -10.61
N ILE A 152 19.06 39.69 -11.79
CA ILE A 152 19.24 40.38 -13.06
C ILE A 152 18.04 40.16 -13.98
N HIS A 153 17.65 41.19 -14.72
CA HIS A 153 16.62 41.04 -15.76
C HIS A 153 17.04 41.72 -17.08
N ASP A 154 16.17 41.59 -18.08
CA ASP A 154 16.45 42.06 -19.44
C ASP A 154 15.55 43.23 -19.81
N LYS A 155 15.10 43.93 -18.78
CA LYS A 155 14.21 45.08 -18.89
C LYS A 155 12.84 44.74 -19.49
N GLY A 156 12.58 43.48 -19.81
CA GLY A 156 11.38 43.11 -20.52
C GLY A 156 10.19 42.90 -19.61
N ALA A 157 9.00 42.91 -20.21
CA ALA A 157 7.77 42.72 -19.47
C ALA A 157 7.84 41.45 -18.62
N TYR A 158 8.32 40.38 -19.24
CA TYR A 158 8.56 39.11 -18.57
C TYR A 158 9.74 39.18 -17.61
N GLY A 159 10.87 39.58 -18.16
CA GLY A 159 12.12 39.55 -17.45
C GLY A 159 12.10 40.30 -16.13
N LYS A 160 11.77 41.58 -16.15
CA LYS A 160 11.63 42.40 -14.92
C LYS A 160 10.52 41.96 -13.93
N GLY A 161 9.34 41.59 -14.44
CA GLY A 161 8.23 41.15 -13.58
C GLY A 161 8.67 39.93 -12.76
N LEU A 162 9.22 38.97 -13.49
CA LEU A 162 9.71 37.71 -12.94
C LEU A 162 10.81 37.88 -11.92
N ALA A 163 11.85 38.59 -12.32
CA ALA A 163 12.99 38.82 -11.45
C ALA A 163 12.61 39.65 -10.22
N ASP A 164 11.68 40.60 -10.37
CA ASP A 164 11.25 41.42 -9.22
C ASP A 164 10.44 40.60 -8.21
N ALA A 165 9.68 39.64 -8.74
CA ALA A 165 8.92 38.70 -7.92
C ALA A 165 9.85 37.76 -7.13
N PHE A 166 10.89 37.26 -7.79
CA PHE A 166 11.89 36.45 -7.11
C PHE A 166 12.56 37.28 -6.03
N LYS A 167 12.99 38.48 -6.38
CA LYS A 167 13.64 39.37 -5.43
C LYS A 167 12.74 39.53 -4.20
N ALA A 168 11.45 39.82 -4.43
CA ALA A 168 10.52 40.07 -3.33
C ALA A 168 10.45 38.88 -2.38
N ALA A 169 10.31 37.70 -2.97
CA ALA A 169 10.18 36.47 -2.20
C ALA A 169 11.43 36.14 -1.36
N ILE A 170 12.63 36.44 -1.86
CA ILE A 170 13.82 36.13 -1.09
C ILE A 170 14.10 37.20 -0.03
N ASN A 171 13.82 38.47 -0.35
CA ASN A 171 13.84 39.55 0.66
C ASN A 171 12.88 39.29 1.81
N LYS A 172 11.68 38.80 1.49
CA LYS A 172 10.71 38.36 2.49
C LYS A 172 11.27 37.24 3.36
N GLY A 173 11.90 36.27 2.72
CA GLY A 173 12.59 35.21 3.46
C GLY A 173 13.89 35.61 4.14
N GLY A 174 14.31 36.87 4.02
CA GLY A 174 15.48 37.38 4.77
C GLY A 174 16.76 37.58 3.99
N ILE A 175 16.78 37.18 2.71
CA ILE A 175 18.00 37.31 1.91
C ILE A 175 18.05 38.65 1.21
N THR A 176 19.16 39.35 1.37
CA THR A 176 19.39 40.62 0.70
C THR A 176 20.27 40.38 -0.52
N GLU A 177 19.80 40.74 -1.71
CA GLU A 177 20.64 40.48 -2.89
C GLU A 177 21.85 41.36 -2.85
N VAL A 178 22.97 40.85 -3.34
CA VAL A 178 24.20 41.63 -3.35
C VAL A 178 24.29 42.56 -4.57
N HIS A 179 23.39 42.33 -5.53
CA HIS A 179 23.23 43.22 -6.65
C HIS A 179 21.94 42.95 -7.42
N TYR A 180 21.32 44.05 -7.86
CA TYR A 180 20.15 44.07 -8.72
C TYR A 180 20.55 44.91 -9.94
N ASP A 181 20.22 44.44 -11.14
CA ASP A 181 20.59 45.18 -12.36
C ASP A 181 19.98 44.55 -13.59
N SER A 182 20.22 45.18 -14.74
CA SER A 182 19.66 44.75 -16.01
C SER A 182 20.62 44.89 -17.19
N VAL A 183 20.28 44.20 -18.28
CA VAL A 183 20.96 44.31 -19.55
C VAL A 183 19.92 44.60 -20.61
N THR A 184 20.39 44.99 -21.78
CA THR A 184 19.52 45.40 -22.85
C THR A 184 19.58 44.36 -23.97
N PRO A 185 18.43 43.77 -24.34
CA PRO A 185 18.40 42.83 -25.46
C PRO A 185 19.01 43.42 -26.72
N GLY A 186 20.00 42.74 -27.25
CA GLY A 186 20.65 43.18 -28.48
C GLY A 186 22.06 43.60 -28.17
N ASP A 187 22.26 44.11 -26.95
CA ASP A 187 23.62 44.30 -26.46
C ASP A 187 24.16 42.90 -26.18
N LYS A 188 25.44 42.71 -26.48
CA LYS A 188 26.08 41.42 -26.30
C LYS A 188 27.31 41.48 -25.39
N ASP A 189 27.76 42.68 -25.01
CA ASP A 189 28.88 42.81 -24.09
C ASP A 189 28.35 43.12 -22.69
N PHE A 190 28.39 42.14 -21.79
CA PHE A 190 27.97 42.31 -20.39
C PHE A 190 29.15 42.31 -19.43
N SER A 191 30.36 42.49 -19.96
CA SER A 191 31.59 42.50 -19.14
C SER A 191 31.55 43.52 -17.98
N ALA A 192 30.87 44.66 -18.20
CA ALA A 192 30.71 45.68 -17.16
C ALA A 192 29.91 45.11 -16.02
N LEU A 193 28.72 44.60 -16.33
CA LEU A 193 27.89 43.99 -15.33
C LEU A 193 28.61 42.85 -14.62
N VAL A 194 29.29 42.03 -15.38
CA VAL A 194 30.03 40.92 -14.83
C VAL A 194 31.09 41.44 -13.86
N THR A 195 31.74 42.53 -14.24
CA THR A 195 32.74 43.14 -13.38
C THR A 195 32.20 43.46 -12.01
N LYS A 196 31.00 44.05 -11.97
CA LYS A 196 30.32 44.33 -10.71
C LYS A 196 29.97 43.03 -9.97
N LEU A 197 29.58 42.02 -10.74
CA LEU A 197 29.20 40.78 -10.10
C LEU A 197 30.43 40.21 -9.40
N LYS A 198 31.56 40.09 -10.10
CA LYS A 198 32.77 39.58 -9.44
C LYS A 198 33.02 40.29 -8.10
N SER A 199 33.03 41.63 -8.13
CA SER A 199 33.35 42.46 -6.96
C SER A 199 32.28 42.43 -5.85
N ALA A 200 31.05 42.14 -6.22
CA ALA A 200 30.04 41.85 -5.20
C ALA A 200 30.15 40.39 -4.68
N GLY A 201 31.07 39.61 -5.23
CA GLY A 201 31.23 38.20 -4.83
C GLY A 201 29.99 37.35 -5.10
N ALA A 202 29.24 37.66 -6.15
CA ALA A 202 28.01 36.93 -6.49
C ALA A 202 28.28 35.46 -6.77
N GLU A 203 27.59 34.59 -6.05
CA GLU A 203 27.73 33.14 -6.15
C GLU A 203 26.52 32.56 -6.85
N VAL A 204 25.44 33.34 -6.91
CA VAL A 204 24.17 32.91 -7.52
C VAL A 204 23.55 34.13 -8.19
N VAL A 205 23.11 33.96 -9.44
CA VAL A 205 22.62 35.06 -10.26
C VAL A 205 21.33 34.71 -10.96
N TYR A 206 20.22 35.26 -10.47
CA TYR A 206 18.92 34.99 -11.04
C TYR A 206 18.73 35.93 -12.23
N PHE A 207 18.49 35.32 -13.40
CA PHE A 207 18.25 36.04 -14.63
C PHE A 207 16.83 35.87 -15.17
N GLY A 208 16.10 36.98 -15.24
CA GLY A 208 14.76 37.01 -15.78
C GLY A 208 14.83 37.50 -17.20
N GLY A 209 14.66 36.59 -18.14
CA GLY A 209 14.83 36.89 -19.55
C GLY A 209 14.93 35.62 -20.36
N TYR A 210 15.39 35.79 -21.59
CA TYR A 210 15.43 34.73 -22.57
C TYR A 210 16.88 34.27 -22.84
N HIS A 211 17.02 33.31 -23.75
CA HIS A 211 18.30 32.63 -23.99
C HIS A 211 19.39 33.51 -24.65
N ALA A 212 19.02 34.35 -25.62
CA ALA A 212 20.02 35.21 -26.26
C ALA A 212 20.83 35.95 -25.21
N GLU A 213 20.15 36.55 -24.23
CA GLU A 213 20.84 37.30 -23.17
C GLU A 213 21.40 36.38 -22.09
N GLY A 214 20.64 35.35 -21.73
CA GLY A 214 21.01 34.47 -20.61
C GLY A 214 22.30 33.74 -20.91
N GLY A 215 22.34 33.10 -22.06
CA GLY A 215 23.55 32.48 -22.56
C GLY A 215 24.77 33.36 -22.49
N LEU A 216 24.63 34.61 -22.91
CA LEU A 216 25.77 35.50 -22.89
C LEU A 216 26.25 35.77 -21.46
N LEU A 217 25.30 35.91 -20.53
CA LEU A 217 25.63 36.17 -19.12
C LEU A 217 26.35 34.95 -18.56
N SER A 218 25.82 33.75 -18.80
CA SER A 218 26.52 32.52 -18.41
C SER A 218 27.96 32.42 -18.96
N ARG A 219 28.15 32.78 -20.23
CA ARG A 219 29.48 32.73 -20.86
C ARG A 219 30.44 33.71 -20.22
N GLN A 220 30.00 34.95 -20.14
CA GLN A 220 30.88 36.04 -19.77
C GLN A 220 31.21 36.06 -18.27
N LEU A 221 30.31 35.49 -17.46
CA LEU A 221 30.62 35.15 -16.07
C LEU A 221 31.83 34.21 -15.98
N HIS A 222 31.82 33.15 -16.78
CA HIS A 222 32.90 32.19 -16.66
C HIS A 222 34.18 32.75 -17.25
N ASP A 223 34.09 33.54 -18.30
CA ASP A 223 35.31 34.13 -18.87
C ASP A 223 36.00 35.05 -17.87
N ALA A 224 35.24 35.70 -17.01
CA ALA A 224 35.82 36.56 -15.98
C ALA A 224 36.37 35.76 -14.80
N GLY A 225 36.23 34.44 -14.86
CA GLY A 225 36.78 33.53 -13.88
C GLY A 225 35.90 33.25 -12.67
N MET A 226 34.58 33.41 -12.83
CA MET A 226 33.64 33.19 -11.74
C MET A 226 33.01 31.82 -11.87
N GLN A 227 32.55 31.27 -10.74
CA GLN A 227 31.88 29.98 -10.70
C GLN A 227 30.46 30.17 -10.14
N ALA A 228 29.68 30.99 -10.82
CA ALA A 228 28.39 31.39 -10.29
C ALA A 228 27.34 30.48 -10.82
N LEU A 229 26.32 30.20 -10.00
CA LEU A 229 25.14 29.43 -10.43
C LEU A 229 24.05 30.34 -11.03
N VAL A 230 23.71 30.07 -12.27
CA VAL A 230 22.70 30.86 -12.96
C VAL A 230 21.32 30.26 -12.70
N LEU A 231 20.39 31.11 -12.26
CA LEU A 231 19.00 30.70 -12.08
C LEU A 231 18.09 31.56 -12.92
N GLY A 232 17.00 31.00 -13.40
CA GLY A 232 15.96 31.82 -14.02
C GLY A 232 14.63 31.11 -14.17
N GLY A 233 13.73 31.74 -14.93
CA GLY A 233 12.44 31.16 -15.29
C GLY A 233 12.49 30.32 -16.55
N GLU A 234 11.35 30.10 -17.18
CA GLU A 234 11.26 29.15 -18.26
C GLU A 234 11.74 29.79 -19.61
N GLY A 235 12.17 31.06 -19.55
CA GLY A 235 12.87 31.69 -20.67
C GLY A 235 14.25 31.09 -20.95
N LEU A 236 14.73 30.28 -20.02
CA LEU A 236 15.98 29.60 -20.21
C LEU A 236 15.76 28.14 -20.53
N SER A 237 14.56 27.78 -21.02
CA SER A 237 14.28 26.36 -21.27
C SER A 237 14.71 25.90 -22.66
N ASN A 238 15.12 26.82 -23.53
CA ASN A 238 15.46 26.42 -24.89
C ASN A 238 16.91 26.01 -25.08
N THR A 239 17.12 24.97 -25.86
CA THR A 239 18.44 24.43 -26.09
C THR A 239 19.40 25.48 -26.66
N GLU A 240 18.88 26.47 -27.38
CA GLU A 240 19.71 27.61 -27.78
C GLU A 240 20.46 28.26 -26.59
N TYR A 241 19.86 28.27 -25.39
CA TYR A 241 20.58 28.73 -24.17
C TYR A 241 21.86 27.92 -23.99
N TRP A 242 21.78 26.60 -24.16
CA TRP A 242 22.98 25.78 -24.16
C TRP A 242 23.88 26.04 -25.37
N ALA A 243 23.27 26.15 -26.55
CA ALA A 243 24.05 26.43 -27.75
C ALA A 243 24.93 27.66 -27.54
N ILE A 244 24.37 28.70 -26.92
CA ILE A 244 25.07 29.96 -26.69
C ILE A 244 26.04 29.84 -25.52
N GLY A 245 25.54 29.33 -24.41
CA GLY A 245 26.31 29.31 -23.18
C GLY A 245 27.41 28.27 -23.14
N GLY A 246 27.27 27.22 -23.93
CA GLY A 246 28.25 26.14 -23.90
C GLY A 246 28.25 25.38 -22.58
N THR A 247 29.39 24.80 -22.24
CA THR A 247 29.50 24.00 -21.00
C THR A 247 29.39 24.87 -19.75
N ASN A 248 29.54 26.18 -19.92
CA ASN A 248 29.44 27.11 -18.79
C ASN A 248 28.10 27.03 -18.12
N ALA A 249 27.06 26.79 -18.93
CA ALA A 249 25.69 26.64 -18.44
C ALA A 249 25.43 25.31 -17.72
N GLN A 250 26.47 24.51 -17.48
CA GLN A 250 26.33 23.27 -16.72
C GLN A 250 25.87 23.60 -15.32
N GLY A 251 24.76 22.98 -14.90
CA GLY A 251 24.20 23.27 -13.58
C GLY A 251 23.12 24.35 -13.56
N THR A 252 23.00 25.16 -14.63
CA THR A 252 21.95 26.17 -14.68
C THR A 252 20.62 25.56 -14.26
N LEU A 253 19.92 26.19 -13.32
CA LEU A 253 18.60 25.71 -12.85
C LEU A 253 17.56 26.71 -13.31
N PHE A 254 16.39 26.22 -13.69
CA PHE A 254 15.29 27.08 -14.13
C PHE A 254 13.96 26.41 -13.84
N THR A 255 12.90 27.22 -13.75
CA THR A 255 11.56 26.72 -13.49
C THR A 255 10.78 26.53 -14.77
N ASN A 256 9.90 25.54 -14.79
CA ASN A 256 9.00 25.34 -15.91
C ASN A 256 7.85 24.46 -15.43
N ALA A 257 6.89 24.18 -16.30
CA ALA A 257 5.78 23.29 -15.92
C ALA A 257 6.29 21.87 -15.60
N LYS A 258 5.44 21.07 -14.94
CA LYS A 258 5.80 19.66 -14.68
C LYS A 258 5.98 18.94 -16.01
N ASP A 259 6.95 18.03 -16.05
CA ASP A 259 7.13 17.13 -17.19
C ASP A 259 5.80 16.46 -17.55
N ALA A 260 5.24 16.86 -18.69
CA ALA A 260 3.97 16.32 -19.15
C ALA A 260 4.09 14.86 -19.63
N THR A 261 5.30 14.46 -20.03
CA THR A 261 5.56 13.11 -20.57
C THR A 261 5.27 11.99 -19.53
N LYS A 262 5.43 12.32 -18.23
CA LYS A 262 5.05 11.42 -17.12
C LYS A 262 3.53 11.07 -17.03
N ASN A 263 2.64 11.94 -17.49
CA ASN A 263 1.20 11.63 -17.52
C ASN A 263 0.87 10.70 -18.67
N PRO A 264 0.01 9.69 -18.45
CA PRO A 264 -0.50 8.89 -19.57
C PRO A 264 -1.33 9.67 -20.59
N ALA A 265 -1.88 10.79 -20.19
CA ALA A 265 -2.64 11.63 -21.13
C ALA A 265 -1.79 12.11 -22.29
N ALA A 266 -0.47 12.15 -22.12
CA ALA A 266 0.43 12.57 -23.19
C ALA A 266 0.73 11.47 -24.23
N LYS A 267 0.11 10.30 -24.14
CA LYS A 267 0.42 9.19 -25.05
C LYS A 267 0.32 9.60 -26.54
N ASP A 268 -0.83 10.13 -26.94
CA ASP A 268 -1.11 10.46 -28.35
C ASP A 268 -0.21 11.55 -28.92
N ALA A 269 0.07 12.56 -28.12
CA ALA A 269 0.91 13.67 -28.53
C ALA A 269 2.36 13.23 -28.68
N ILE A 270 2.82 12.36 -27.78
CA ILE A 270 4.22 11.94 -27.81
C ILE A 270 4.47 11.16 -29.10
N GLN A 271 3.62 10.16 -29.36
CA GLN A 271 3.74 9.35 -30.57
C GLN A 271 3.74 10.21 -31.87
N ALA A 272 2.86 11.22 -31.94
CA ALA A 272 2.73 12.04 -33.15
C ALA A 272 3.99 12.87 -33.35
N LEU A 273 4.55 13.34 -32.25
CA LEU A 273 5.80 14.08 -32.27
C LEU A 273 7.00 13.18 -32.60
N LYS A 274 7.13 12.05 -31.93
CA LYS A 274 8.23 11.12 -32.23
C LYS A 274 8.25 10.85 -33.74
N ALA A 275 7.07 10.58 -34.31
CA ALA A 275 6.92 10.33 -35.75
C ALA A 275 7.41 11.46 -36.68
N LYS A 276 7.50 12.67 -36.13
CA LYS A 276 7.93 13.83 -36.89
CA LYS A 276 7.92 13.84 -36.88
C LYS A 276 9.30 14.32 -36.42
N ASN A 277 9.93 13.54 -35.52
CA ASN A 277 11.21 13.89 -34.88
C ASN A 277 11.16 15.24 -34.20
N ILE A 278 10.07 15.49 -33.48
CA ILE A 278 9.97 16.72 -32.68
C ILE A 278 10.06 16.34 -31.21
N PRO A 279 10.96 16.99 -30.48
CA PRO A 279 11.10 16.66 -29.07
C PRO A 279 9.88 17.09 -28.28
N ALA A 280 9.49 16.30 -27.27
CA ALA A 280 8.34 16.60 -26.41
C ALA A 280 8.68 17.63 -25.29
N GLU A 281 9.04 18.85 -25.68
CA GLU A 281 9.43 19.89 -24.72
C GLU A 281 8.17 20.58 -24.21
N ALA A 282 8.33 21.37 -23.15
CA ALA A 282 7.18 21.86 -22.40
C ALA A 282 6.32 22.81 -23.24
N PHE A 283 6.98 23.75 -23.90
CA PHE A 283 6.27 24.73 -24.71
C PHE A 283 5.56 24.04 -25.86
N THR A 284 6.25 23.07 -26.45
CA THR A 284 5.70 22.34 -27.56
C THR A 284 4.42 21.67 -27.09
N MET A 285 4.50 20.93 -25.98
CA MET A 285 3.30 20.29 -25.41
C MET A 285 2.20 21.27 -25.07
N ASN A 286 2.53 22.39 -24.44
CA ASN A 286 1.52 23.38 -24.10
C ASN A 286 0.84 23.95 -25.38
N ALA A 287 1.58 24.06 -26.49
CA ALA A 287 0.96 24.59 -27.72
C ALA A 287 -0.04 23.57 -28.26
N TYR A 288 0.31 22.30 -28.19
CA TYR A 288 -0.59 21.20 -28.57
C TYR A 288 -1.87 21.19 -27.72
N ALA A 289 -1.71 21.46 -26.43
CA ALA A 289 -2.85 21.45 -25.51
C ALA A 289 -3.72 22.66 -25.75
N ALA A 290 -3.12 23.73 -26.27
CA ALA A 290 -3.87 24.94 -26.55
C ALA A 290 -4.78 24.72 -27.71
N VAL A 291 -4.34 23.93 -28.69
CA VAL A 291 -5.25 23.60 -29.78
C VAL A 291 -6.36 22.73 -29.25
N GLU A 292 -6.05 21.84 -28.31
CA GLU A 292 -7.07 20.93 -27.76
C GLU A 292 -8.11 21.72 -27.02
N VAL A 293 -7.68 22.76 -26.32
CA VAL A 293 -8.62 23.61 -25.62
C VAL A 293 -9.60 24.31 -26.55
N ILE A 294 -9.11 24.82 -27.68
CA ILE A 294 -9.97 25.47 -28.63
C ILE A 294 -10.99 24.47 -29.15
N LYS A 295 -10.51 23.26 -29.47
CA LYS A 295 -11.41 22.21 -29.94
C LYS A 295 -12.49 21.94 -28.89
N ALA A 296 -12.09 21.85 -27.60
CA ALA A 296 -13.04 21.50 -26.54
C ALA A 296 -14.04 22.62 -26.36
N GLY A 297 -13.55 23.84 -26.42
CA GLY A 297 -14.41 25.01 -26.43
C GLY A 297 -15.50 24.87 -27.48
N ILE A 298 -15.10 24.75 -28.74
CA ILE A 298 -16.04 24.63 -29.83
C ILE A 298 -17.04 23.49 -29.66
N GLU A 299 -16.56 22.35 -29.13
CA GLU A 299 -17.42 21.16 -29.02
C GLU A 299 -18.52 21.42 -28.01
N ARG A 300 -18.17 22.07 -26.91
CA ARG A 300 -19.13 22.32 -25.84
C ARG A 300 -20.12 23.39 -26.20
N ALA A 301 -19.61 24.44 -26.82
CA ALA A 301 -20.46 25.52 -27.31
C ALA A 301 -21.40 25.03 -28.37
N GLY A 302 -20.92 24.12 -29.22
CA GLY A 302 -21.70 23.64 -30.35
C GLY A 302 -21.59 24.53 -31.58
N SER A 303 -20.71 25.53 -31.56
CA SER A 303 -20.57 26.44 -32.70
C SER A 303 -19.11 26.82 -32.90
N THR A 304 -18.80 27.10 -34.17
CA THR A 304 -17.50 27.60 -34.55
C THR A 304 -17.61 29.03 -35.01
N ASP A 305 -18.77 29.64 -34.77
CA ASP A 305 -19.02 30.98 -35.27
C ASP A 305 -19.02 32.00 -34.12
N ASP A 306 -19.67 31.67 -32.99
CA ASP A 306 -19.63 32.56 -31.81
C ASP A 306 -18.45 32.19 -30.92
N SER A 307 -17.37 32.97 -31.00
CA SER A 307 -16.22 32.84 -30.07
C SER A 307 -16.55 33.21 -28.63
N ALA A 308 -17.52 34.08 -28.42
CA ALA A 308 -17.95 34.46 -27.06
C ALA A 308 -18.60 33.27 -26.34
N ALA A 309 -19.41 32.53 -27.09
CA ALA A 309 -20.06 31.32 -26.62
C ALA A 309 -19.02 30.24 -26.34
N VAL A 310 -18.02 30.14 -27.20
CA VAL A 310 -16.93 29.23 -27.00
C VAL A 310 -16.17 29.63 -25.75
N ALA A 311 -15.95 30.93 -25.57
CA ALA A 311 -15.27 31.41 -24.37
C ALA A 311 -16.06 31.11 -23.11
N LYS A 312 -17.38 31.34 -23.17
CA LYS A 312 -18.23 31.10 -22.01
C LYS A 312 -18.18 29.61 -21.64
N ALA A 313 -18.19 28.76 -22.66
CA ALA A 313 -18.13 27.33 -22.45
C ALA A 313 -16.82 26.88 -21.77
N LEU A 314 -15.69 27.44 -22.19
CA LEU A 314 -14.45 27.08 -21.52
C LEU A 314 -14.46 27.57 -20.06
N HIS A 315 -15.24 28.62 -19.77
CA HIS A 315 -15.27 29.25 -18.43
C HIS A 315 -16.32 28.68 -17.50
N ASP A 316 -17.06 27.66 -17.93
CA ASP A 316 -18.26 27.21 -17.22
C ASP A 316 -18.02 26.18 -16.11
N GLY A 317 -16.77 25.96 -15.76
CA GLY A 317 -16.42 25.12 -14.60
C GLY A 317 -16.12 23.66 -14.90
N LYS A 318 -16.46 23.20 -16.09
CA LYS A 318 -16.23 21.80 -16.49
C LYS A 318 -14.78 21.59 -16.95
N PRO A 319 -14.14 20.49 -16.54
CA PRO A 319 -12.73 20.24 -16.79
C PRO A 319 -12.44 19.89 -18.24
N ILE A 320 -11.21 20.06 -18.66
CA ILE A 320 -10.85 19.88 -20.06
C ILE A 320 -9.65 18.94 -20.14
N GLU A 321 -9.81 17.85 -20.87
CA GLU A 321 -8.74 16.88 -21.02
C GLU A 321 -7.74 17.35 -22.06
N THR A 322 -6.46 17.41 -21.69
CA THR A 322 -5.42 17.76 -22.66
C THR A 322 -4.15 16.90 -22.51
N ALA A 323 -3.27 17.00 -23.49
CA ALA A 323 -1.98 16.31 -23.49
C ALA A 323 -1.11 16.63 -22.26
N ILE A 324 -1.25 17.82 -21.70
CA ILE A 324 -0.50 18.17 -20.49
C ILE A 324 -1.26 17.84 -19.22
N GLY A 325 -2.50 17.38 -19.35
CA GLY A 325 -3.33 17.03 -18.21
C GLY A 325 -4.72 17.61 -18.30
N THR A 326 -5.48 17.43 -17.22
CA THR A 326 -6.86 17.87 -17.12
C THR A 326 -6.89 19.31 -16.56
N LEU A 327 -7.47 20.25 -17.30
CA LEU A 327 -7.49 21.67 -16.92
C LEU A 327 -8.88 22.16 -16.55
N THR A 328 -8.97 23.05 -15.58
CA THR A 328 -10.20 23.77 -15.31
C THR A 328 -9.87 25.28 -15.16
N TYR A 329 -10.54 26.10 -15.96
CA TYR A 329 -10.25 27.54 -16.00
C TYR A 329 -10.97 28.34 -14.91
N SER A 330 -10.21 29.28 -14.32
CA SER A 330 -10.77 30.34 -13.44
C SER A 330 -11.50 31.36 -14.29
N GLU A 331 -12.26 32.25 -13.65
CA GLU A 331 -12.97 33.32 -14.36
C GLU A 331 -12.01 34.23 -15.13
N THR A 332 -10.74 34.32 -14.67
CA THR A 332 -9.75 35.15 -15.34
C THR A 332 -9.13 34.47 -16.57
N GLY A 333 -9.32 33.18 -16.72
CA GLY A 333 -8.71 32.44 -17.82
C GLY A 333 -7.40 31.77 -17.49
N ASP A 334 -7.02 31.82 -16.23
CA ASP A 334 -5.88 31.08 -15.78
C ASP A 334 -6.26 29.65 -15.43
N LEU A 335 -5.26 28.79 -15.40
CA LEU A 335 -5.39 27.44 -14.91
C LEU A 335 -5.71 27.50 -13.41
N SER A 336 -6.56 26.60 -12.95
CA SER A 336 -6.94 26.57 -11.53
C SER A 336 -5.89 25.84 -10.72
N SER A 337 -5.23 24.82 -11.29
CA SER A 337 -4.15 24.09 -10.57
C SER A 337 -2.77 24.11 -11.22
N PRO A 338 -2.22 25.31 -11.45
CA PRO A 338 -0.88 25.43 -12.02
C PRO A 338 0.17 24.89 -11.07
N SER A 339 1.30 24.48 -11.62
CA SER A 339 2.44 24.03 -10.82
C SER A 339 3.70 24.17 -11.66
N PHE A 340 4.82 24.37 -11.00
CA PHE A 340 6.12 24.58 -11.63
C PHE A 340 7.14 23.72 -10.93
N ASP A 341 8.00 23.05 -11.70
CA ASP A 341 9.10 22.30 -11.13
C ASP A 341 10.40 22.93 -11.57
N ILE A 342 11.47 22.54 -10.87
CA ILE A 342 12.79 23.01 -11.16
C ILE A 342 13.52 21.98 -11.99
N PHE A 343 14.19 22.43 -13.04
CA PHE A 343 14.99 21.57 -13.91
C PHE A 343 16.39 22.17 -14.02
N LYS A 344 17.35 21.36 -14.47
CA LYS A 344 18.75 21.76 -14.59
C LYS A 344 19.31 21.32 -15.93
N TRP A 345 20.18 22.14 -16.50
CA TRP A 345 20.84 21.82 -17.73
C TRP A 345 22.04 20.95 -17.44
N ASP A 346 22.10 19.75 -18.01
CA ASP A 346 23.23 18.84 -17.82
C ASP A 346 23.72 18.25 -19.14
N ASP A 347 24.95 18.60 -19.49
CA ASP A 347 25.59 18.14 -20.71
C ASP A 347 24.67 18.35 -21.93
N GLY A 348 24.06 19.53 -22.00
CA GLY A 348 23.17 19.87 -23.13
C GLY A 348 21.76 19.29 -23.09
N LYS A 349 21.42 18.53 -22.04
CA LYS A 349 20.06 17.97 -21.88
C LYS A 349 19.38 18.56 -20.62
N ILE A 350 18.05 18.66 -20.65
CA ILE A 350 17.24 19.09 -19.50
C ILE A 350 16.89 17.91 -18.58
N VAL A 351 17.24 18.02 -17.29
CA VAL A 351 16.95 16.96 -16.32
C VAL A 351 16.27 17.52 -15.08
N GLY A 352 15.43 16.69 -14.44
CA GLY A 352 14.71 17.07 -13.21
C GLY A 352 15.56 17.10 -11.94
N LEU A 353 14.94 17.54 -10.84
CA LEU A 353 15.57 17.56 -9.51
C LEU A 353 16.81 18.47 -9.50
N ALA B 9 -22.87 -54.46 26.92
CA ALA B 9 -22.75 -53.58 28.14
C ALA B 9 -22.18 -52.22 27.74
N ASP B 10 -22.07 -51.36 28.74
CA ASP B 10 -21.59 -50.00 28.60
C ASP B 10 -20.25 -50.01 27.86
N ILE B 11 -20.00 -48.96 27.09
CA ILE B 11 -18.71 -48.80 26.45
C ILE B 11 -17.96 -47.73 27.23
N THR B 12 -16.82 -48.08 27.81
CA THR B 12 -16.12 -47.14 28.66
C THR B 12 -15.00 -46.41 27.91
N ILE B 13 -14.97 -45.10 28.00
CA ILE B 13 -13.86 -44.32 27.49
C ILE B 13 -13.08 -43.68 28.64
N GLY B 14 -11.78 -43.93 28.67
CA GLY B 14 -10.93 -43.33 29.67
C GLY B 14 -10.57 -41.91 29.32
N VAL B 15 -10.59 -41.04 30.31
CA VAL B 15 -10.10 -39.70 30.11
C VAL B 15 -8.94 -39.49 31.05
N ILE B 16 -7.75 -39.37 30.47
CA ILE B 16 -6.53 -39.05 31.22
C ILE B 16 -6.22 -37.59 30.97
N ALA B 17 -6.41 -36.79 32.01
CA ALA B 17 -6.29 -35.36 31.85
C ALA B 17 -5.76 -34.66 33.11
N PRO B 18 -5.11 -33.49 32.94
CA PRO B 18 -4.68 -32.76 34.12
C PRO B 18 -5.87 -32.09 34.83
N LEU B 19 -6.35 -32.71 35.89
CA LEU B 19 -7.55 -32.21 36.59
C LEU B 19 -7.22 -31.42 37.84
N THR B 20 -5.95 -31.43 38.22
CA THR B 20 -5.44 -30.60 39.29
C THR B 20 -4.09 -30.10 38.81
N GLY B 21 -3.51 -29.14 39.54
CA GLY B 21 -2.17 -28.62 39.25
C GLY B 21 -2.24 -27.48 38.26
N PRO B 22 -1.09 -26.91 37.89
CA PRO B 22 -0.99 -25.67 37.11
C PRO B 22 -1.57 -25.67 35.70
N VAL B 23 -1.86 -26.87 35.16
CA VAL B 23 -2.52 -26.96 33.83
C VAL B 23 -3.92 -27.57 33.91
N ALA B 24 -4.51 -27.51 35.09
CA ALA B 24 -5.86 -28.03 35.31
C ALA B 24 -6.90 -27.35 34.42
N ALA B 25 -6.76 -26.05 34.22
CA ALA B 25 -7.65 -25.34 33.30
C ALA B 25 -7.79 -26.04 31.92
N PHE B 26 -6.70 -26.53 31.36
CA PHE B 26 -6.74 -27.32 30.10
C PHE B 26 -7.51 -28.64 30.27
N GLY B 27 -7.23 -29.35 31.36
CA GLY B 27 -7.87 -30.60 31.63
C GLY B 27 -9.36 -30.41 31.82
N ASP B 28 -9.73 -29.28 32.42
CA ASP B 28 -11.12 -28.93 32.61
C ASP B 28 -11.89 -28.77 31.29
N GLN B 29 -11.30 -28.04 30.32
CA GLN B 29 -11.88 -27.93 28.96
C GLN B 29 -12.08 -29.31 28.30
N VAL B 30 -11.05 -30.16 28.38
CA VAL B 30 -11.08 -31.44 27.74
C VAL B 30 -12.13 -32.32 28.40
N LYS B 31 -12.15 -32.31 29.73
CA LYS B 31 -13.16 -33.04 30.47
C LYS B 31 -14.57 -32.61 30.05
N LYS B 32 -14.81 -31.31 30.05
CA LYS B 32 -16.11 -30.73 29.67
C LYS B 32 -16.49 -31.05 28.21
N GLY B 33 -15.52 -30.89 27.30
CA GLY B 33 -15.74 -31.27 25.90
C GLY B 33 -16.21 -32.70 25.74
N ALA B 34 -15.43 -33.61 26.28
CA ALA B 34 -15.70 -35.04 26.27
C ALA B 34 -17.07 -35.46 26.86
N GLU B 35 -17.33 -34.98 28.08
CA GLU B 35 -18.62 -35.13 28.75
C GLU B 35 -19.81 -34.67 27.93
N THR B 36 -19.69 -33.51 27.31
CA THR B 36 -20.74 -32.96 26.50
C THR B 36 -21.07 -33.89 25.32
N ALA B 37 -20.02 -34.36 24.65
CA ALA B 37 -20.17 -35.20 23.49
C ALA B 37 -20.79 -36.54 23.83
N VAL B 38 -20.38 -37.08 24.97
CA VAL B 38 -20.92 -38.30 25.50
C VAL B 38 -22.41 -38.22 25.80
N GLU B 39 -22.84 -37.11 26.39
N GLU B 39 -22.84 -37.10 26.39
CA GLU B 39 -24.25 -36.87 26.66
CA GLU B 39 -24.25 -36.86 26.66
C GLU B 39 -25.05 -36.77 25.36
C GLU B 39 -25.05 -36.76 25.37
N VAL B 40 -24.51 -36.06 24.38
CA VAL B 40 -25.18 -35.92 23.10
C VAL B 40 -25.33 -37.28 22.39
N ILE B 41 -24.28 -38.10 22.44
CA ILE B 41 -24.32 -39.41 21.86
C ILE B 41 -25.34 -40.33 22.56
N ASN B 42 -25.27 -40.39 23.89
CA ASN B 42 -26.22 -41.18 24.65
C ASN B 42 -27.67 -40.77 24.40
N LYS B 43 -27.94 -39.47 24.43
CA LYS B 43 -29.26 -38.95 24.12
C LYS B 43 -29.72 -39.48 22.76
N ALA B 44 -28.78 -39.60 21.82
CA ALA B 44 -29.03 -40.06 20.46
C ALA B 44 -29.10 -41.62 20.31
N GLY B 45 -29.00 -42.33 21.42
CA GLY B 45 -29.11 -43.76 21.42
C GLY B 45 -27.83 -44.49 21.69
N GLY B 46 -26.78 -43.78 22.05
CA GLY B 46 -25.54 -44.44 22.38
C GLY B 46 -24.84 -44.92 21.14
N ILE B 47 -23.98 -45.89 21.35
CA ILE B 47 -23.23 -46.45 20.27
C ILE B 47 -23.80 -47.85 20.14
N LYS B 48 -24.58 -48.02 19.07
CA LYS B 48 -25.17 -49.30 18.76
C LYS B 48 -26.06 -49.71 19.90
N GLY B 49 -26.76 -48.74 20.49
CA GLY B 49 -27.69 -49.06 21.58
C GLY B 49 -27.02 -49.12 22.94
N GLU B 50 -25.70 -49.11 22.98
CA GLU B 50 -25.00 -49.13 24.26
C GLU B 50 -24.60 -47.76 24.77
N LYS B 51 -24.68 -47.60 26.08
CA LYS B 51 -24.34 -46.34 26.74
C LYS B 51 -22.84 -46.16 26.80
N VAL B 52 -22.42 -44.94 26.60
CA VAL B 52 -21.03 -44.54 26.70
C VAL B 52 -20.85 -43.93 28.07
N VAL B 53 -19.73 -44.24 28.68
CA VAL B 53 -19.47 -43.84 30.05
C VAL B 53 -18.01 -43.34 30.09
N LEU B 54 -17.75 -42.29 30.84
CA LEU B 54 -16.35 -41.79 31.00
C LEU B 54 -15.80 -42.21 32.34
N LYS B 55 -14.53 -42.54 32.35
CA LYS B 55 -13.83 -42.78 33.57
C LYS B 55 -12.57 -41.89 33.59
N PHE B 56 -12.38 -41.17 34.70
CA PHE B 56 -11.36 -40.14 34.79
C PHE B 56 -10.15 -40.60 35.57
N ALA B 57 -8.98 -40.21 35.09
CA ALA B 57 -7.76 -40.28 35.87
C ALA B 57 -6.94 -39.01 35.63
N ASP B 58 -6.47 -38.47 36.74
CA ASP B 58 -5.79 -37.20 36.79
C ASP B 58 -4.31 -37.41 36.63
N ASP B 59 -3.73 -36.87 35.58
CA ASP B 59 -2.28 -36.92 35.44
C ASP B 59 -1.58 -35.73 36.13
N ALA B 60 -2.35 -34.73 36.53
CA ALA B 60 -1.79 -33.53 37.18
C ALA B 60 -0.74 -32.77 36.36
N GLY B 61 -0.67 -33.03 35.07
CA GLY B 61 0.39 -32.45 34.22
C GLY B 61 1.82 -32.93 34.50
N GLU B 62 1.94 -34.01 35.29
CA GLU B 62 3.20 -34.63 35.62
C GLU B 62 3.29 -35.96 34.86
N PRO B 63 4.35 -36.16 34.05
CA PRO B 63 4.51 -37.37 33.23
C PRO B 63 4.52 -38.69 34.00
N LYS B 64 5.23 -38.74 35.12
CA LYS B 64 5.19 -39.94 35.95
C LYS B 64 3.80 -40.31 36.42
N GLN B 65 2.99 -39.29 36.74
CA GLN B 65 1.67 -39.47 37.18
C GLN B 65 0.77 -39.88 36.02
N GLY B 66 1.11 -39.43 34.81
CA GLY B 66 0.42 -39.91 33.63
C GLY B 66 0.67 -41.39 33.41
N VAL B 67 1.89 -41.82 33.62
CA VAL B 67 2.19 -43.25 33.55
C VAL B 67 1.30 -44.08 34.52
N SER B 68 1.20 -43.60 35.75
CA SER B 68 0.37 -44.23 36.77
C SER B 68 -1.13 -44.26 36.37
N ALA B 69 -1.62 -43.14 35.83
CA ALA B 69 -2.97 -43.02 35.29
C ALA B 69 -3.23 -43.95 34.09
N ALA B 70 -2.28 -43.98 33.18
CA ALA B 70 -2.36 -44.94 32.08
C ALA B 70 -2.43 -46.37 32.59
N ASN B 71 -1.67 -46.68 33.64
CA ASN B 71 -1.73 -48.02 34.22
C ASN B 71 -3.11 -48.31 34.83
N GLN B 72 -3.74 -47.33 35.50
CA GLN B 72 -5.07 -47.55 36.09
C GLN B 72 -6.07 -47.87 34.97
N ILE B 73 -6.02 -47.09 33.88
CA ILE B 73 -6.90 -47.24 32.75
C ILE B 73 -6.86 -48.65 32.21
N VAL B 74 -5.65 -49.16 32.08
CA VAL B 74 -5.37 -50.48 31.54
C VAL B 74 -5.83 -51.56 32.46
N GLY B 75 -5.55 -51.39 33.75
CA GLY B 75 -6.02 -52.29 34.78
C GLY B 75 -7.53 -52.32 34.87
N ASP B 76 -8.20 -51.29 34.32
CA ASP B 76 -9.66 -51.27 34.24
C ASP B 76 -10.22 -51.98 33.04
N GLY B 77 -9.37 -52.50 32.16
CA GLY B 77 -9.82 -53.13 30.94
C GLY B 77 -10.32 -52.15 29.89
N ILE B 78 -9.97 -50.88 30.04
CA ILE B 78 -10.48 -49.83 29.15
C ILE B 78 -9.73 -49.85 27.82
N LYS B 79 -10.44 -49.69 26.72
CA LYS B 79 -9.84 -49.92 25.41
C LYS B 79 -9.69 -48.66 24.58
N PHE B 80 -10.32 -47.58 25.03
CA PHE B 80 -10.35 -46.30 24.36
C PHE B 80 -10.14 -45.13 25.32
N VAL B 81 -9.25 -44.23 24.94
CA VAL B 81 -8.93 -43.08 25.76
C VAL B 81 -8.97 -41.78 24.93
N VAL B 82 -9.55 -40.77 25.55
CA VAL B 82 -9.38 -39.37 25.16
C VAL B 82 -8.55 -38.67 26.24
N GLY B 83 -7.59 -37.85 25.84
CA GLY B 83 -6.73 -37.16 26.77
C GLY B 83 -5.35 -36.95 26.21
N LEU B 84 -4.32 -37.26 27.01
CA LEU B 84 -2.93 -37.01 26.66
C LEU B 84 -2.78 -35.51 26.28
N VAL B 85 -3.16 -34.67 27.24
CA VAL B 85 -3.42 -33.27 27.05
C VAL B 85 -2.12 -32.44 26.80
N THR B 86 -1.13 -32.57 27.65
CA THR B 86 0.18 -31.95 27.38
C THR B 86 1.18 -32.97 26.75
N THR B 87 2.06 -32.46 25.92
CA THR B 87 3.05 -33.30 25.22
C THR B 87 3.92 -34.13 26.16
N GLY B 88 4.42 -33.45 27.19
CA GLY B 88 5.22 -34.05 28.23
C GLY B 88 4.61 -35.28 28.88
N VAL B 89 3.31 -35.24 29.14
CA VAL B 89 2.54 -36.37 29.65
C VAL B 89 2.20 -37.35 28.52
N ALA B 90 1.89 -36.81 27.34
CA ALA B 90 1.27 -37.55 26.25
C ALA B 90 2.14 -38.70 25.75
N VAL B 91 3.44 -38.40 25.61
CA VAL B 91 4.37 -39.36 25.07
C VAL B 91 4.56 -40.56 26.02
N PRO B 92 4.95 -40.30 27.27
CA PRO B 92 5.05 -41.49 28.13
C PRO B 92 3.75 -42.27 28.30
N VAL B 93 2.60 -41.60 28.32
CA VAL B 93 1.33 -42.28 28.47
C VAL B 93 1.05 -43.11 27.21
N SER B 94 1.40 -42.58 26.04
CA SER B 94 1.12 -43.24 24.80
C SER B 94 1.76 -44.63 24.75
N ASP B 95 3.01 -44.74 25.21
CA ASP B 95 3.67 -46.03 25.21
C ASP B 95 2.88 -47.11 26.00
N VAL B 96 2.44 -46.78 27.21
CA VAL B 96 1.75 -47.73 28.08
C VAL B 96 0.41 -48.11 27.47
N LEU B 97 -0.28 -47.12 26.91
CA LEU B 97 -1.58 -47.38 26.34
C LEU B 97 -1.42 -48.27 25.10
N SER B 98 -0.49 -47.87 24.25
CA SER B 98 -0.27 -48.53 22.99
C SER B 98 0.20 -49.97 23.17
N GLU B 99 1.15 -50.15 24.06
CA GLU B 99 1.62 -51.48 24.45
C GLU B 99 0.47 -52.40 24.83
N ASN B 100 -0.55 -51.85 25.51
CA ASN B 100 -1.65 -52.63 26.08
C ASN B 100 -2.95 -52.68 25.29
N GLY B 101 -2.86 -52.32 24.02
CA GLY B 101 -4.00 -52.38 23.14
C GLY B 101 -5.06 -51.36 23.48
N VAL B 102 -4.62 -50.18 23.92
CA VAL B 102 -5.52 -49.11 24.18
C VAL B 102 -5.37 -48.02 23.13
N LEU B 103 -6.45 -47.76 22.43
CA LEU B 103 -6.51 -46.67 21.46
C LEU B 103 -6.64 -45.33 22.21
N MET B 104 -5.92 -44.32 21.75
CA MET B 104 -5.93 -43.01 22.37
C MET B 104 -6.10 -41.89 21.35
N VAL B 105 -6.84 -40.86 21.71
CA VAL B 105 -7.00 -39.66 20.88
C VAL B 105 -6.74 -38.43 21.73
N THR B 106 -5.77 -37.62 21.32
CA THR B 106 -5.45 -36.38 21.98
C THR B 106 -6.11 -35.20 21.27
N PRO B 107 -6.89 -34.42 22.03
CA PRO B 107 -7.41 -33.17 21.49
C PRO B 107 -6.43 -31.98 21.57
N THR B 108 -5.31 -32.10 22.26
CA THR B 108 -4.45 -30.94 22.57
C THR B 108 -2.93 -31.07 22.35
N ALA B 109 -2.37 -32.27 22.50
CA ALA B 109 -0.92 -32.43 22.38
C ALA B 109 -0.45 -32.16 20.93
N THR B 110 0.44 -31.20 20.76
CA THR B 110 0.91 -30.75 19.45
C THR B 110 2.42 -31.14 19.18
N GLY B 111 3.06 -31.79 20.16
CA GLY B 111 4.47 -32.15 20.03
C GLY B 111 4.58 -33.27 19.00
N PRO B 112 5.48 -33.14 18.01
CA PRO B 112 5.53 -34.11 16.90
C PRO B 112 5.88 -35.51 17.29
N ASP B 113 6.74 -35.67 18.28
CA ASP B 113 7.20 -37.02 18.63
C ASP B 113 6.09 -38.00 18.93
N LEU B 114 4.93 -37.52 19.37
CA LEU B 114 3.82 -38.37 19.74
C LEU B 114 3.45 -39.33 18.60
N THR B 115 3.34 -38.78 17.40
CA THR B 115 2.97 -39.54 16.23
C THR B 115 4.14 -39.99 15.30
N ALA B 116 5.41 -39.81 15.70
CA ALA B 116 6.57 -40.27 14.88
C ALA B 116 7.33 -41.42 15.53
N ARG B 117 6.66 -42.18 16.37
CA ARG B 117 7.32 -43.26 17.05
C ARG B 117 6.70 -44.60 16.65
N GLY B 118 6.00 -44.65 15.53
CA GLY B 118 5.42 -45.89 15.04
C GLY B 118 4.19 -46.42 15.71
N LEU B 119 3.57 -45.69 16.60
CA LEU B 119 2.32 -46.16 17.20
C LEU B 119 1.17 -46.10 16.20
N GLU B 120 0.45 -47.22 16.15
CA GLU B 120 -0.60 -47.45 15.15
C GLU B 120 -1.98 -47.06 15.64
N ASN B 121 -2.09 -46.82 16.96
CA ASN B 121 -3.37 -46.52 17.63
C ASN B 121 -3.40 -45.17 18.40
N VAL B 122 -2.62 -44.21 17.93
CA VAL B 122 -2.62 -42.91 18.50
C VAL B 122 -3.20 -41.99 17.43
N PHE B 123 -4.02 -41.04 17.85
CA PHE B 123 -4.66 -40.06 16.96
C PHE B 123 -4.67 -38.68 17.63
N ARG B 124 -4.85 -37.67 16.79
CA ARG B 124 -5.04 -36.31 17.26
C ARG B 124 -6.31 -35.70 16.62
N THR B 125 -6.99 -34.83 17.38
CA THR B 125 -7.89 -33.83 16.81
C THR B 125 -7.26 -32.39 16.82
N CYS B 126 -5.93 -32.33 16.90
CA CYS B 126 -5.21 -31.07 16.75
C CYS B 126 -4.00 -31.23 15.82
N GLY B 127 -3.39 -30.12 15.47
CA GLY B 127 -2.20 -30.10 14.67
C GLY B 127 -0.90 -30.20 15.47
N ARG B 128 0.21 -29.88 14.79
CA ARG B 128 1.53 -30.03 15.38
C ARG B 128 2.36 -28.74 15.47
N ASP B 129 3.34 -28.74 16.36
CA ASP B 129 4.09 -27.51 16.73
C ASP B 129 4.85 -26.85 15.63
N GLY B 130 5.38 -27.67 14.77
CA GLY B 130 6.09 -27.19 13.62
C GLY B 130 5.24 -26.21 12.83
N GLN B 131 3.97 -26.55 12.58
CA GLN B 131 3.11 -25.70 11.79
C GLN B 131 2.71 -24.41 12.52
N GLN B 132 2.36 -24.51 13.79
CA GLN B 132 1.92 -23.30 14.48
C GLN B 132 3.14 -22.36 14.71
N ALA B 133 4.35 -22.95 14.86
CA ALA B 133 5.54 -22.15 14.96
C ALA B 133 5.74 -21.38 13.69
N GLU B 134 5.52 -22.07 12.56
CA GLU B 134 5.74 -21.48 11.25
C GLU B 134 4.73 -20.36 10.92
N VAL B 135 3.49 -20.54 11.34
CA VAL B 135 2.48 -19.53 11.12
C VAL B 135 2.85 -18.22 11.84
N MET B 136 3.26 -18.32 13.11
CA MET B 136 3.65 -17.14 13.86
C MET B 136 4.93 -16.50 13.32
N ALA B 137 5.89 -17.32 12.91
CA ALA B 137 7.14 -16.81 12.39
C ALA B 137 6.93 -16.08 11.05
N ASP B 138 6.09 -16.61 10.17
CA ASP B 138 5.77 -15.89 8.95
C ASP B 138 5.18 -14.52 9.26
N TYR B 139 4.32 -14.48 10.26
CA TYR B 139 3.69 -13.23 10.61
C TYR B 139 4.71 -12.22 11.12
N VAL B 140 5.65 -12.68 11.92
CA VAL B 140 6.72 -11.87 12.40
C VAL B 140 7.62 -11.41 11.26
N LEU B 141 7.98 -12.33 10.35
CA LEU B 141 8.82 -12.01 9.18
C LEU B 141 8.21 -10.97 8.24
N LYS B 142 6.88 -10.98 8.17
CA LYS B 142 6.09 -10.06 7.35
C LYS B 142 5.72 -8.73 8.02
N ASN B 143 5.36 -8.73 9.31
CA ASN B 143 4.87 -7.51 9.95
C ASN B 143 5.82 -6.87 10.99
N MET B 144 6.87 -7.59 11.38
CA MET B 144 7.74 -7.13 12.45
C MET B 144 9.21 -7.41 12.16
N LYS B 145 9.59 -7.39 10.89
CA LYS B 145 10.91 -7.93 10.41
C LYS B 145 12.14 -7.28 11.04
N ASP B 146 11.99 -6.01 11.46
CA ASP B 146 13.09 -5.24 12.09
C ASP B 146 12.98 -5.07 13.62
N LYS B 147 11.99 -5.73 14.25
CA LYS B 147 11.83 -5.76 15.67
C LYS B 147 12.83 -6.70 16.34
N LYS B 148 13.37 -6.30 17.47
CA LYS B 148 14.17 -7.19 18.29
C LYS B 148 13.29 -8.26 18.94
N VAL B 149 13.57 -9.50 18.58
CA VAL B 149 12.76 -10.64 19.01
C VAL B 149 13.59 -11.49 19.98
N ALA B 150 12.98 -11.93 21.05
CA ALA B 150 13.57 -12.90 21.96
C ALA B 150 12.71 -14.15 21.97
N VAL B 151 13.32 -15.27 22.32
CA VAL B 151 12.64 -16.55 22.32
C VAL B 151 12.89 -17.17 23.69
N ILE B 152 11.81 -17.43 24.41
CA ILE B 152 11.81 -17.99 25.73
C ILE B 152 10.95 -19.26 25.72
N HIS B 153 11.33 -20.25 26.53
CA HIS B 153 10.51 -21.42 26.73
C HIS B 153 10.58 -21.87 28.21
N ASP B 154 9.81 -22.92 28.57
CA ASP B 154 9.66 -23.39 29.93
C ASP B 154 10.34 -24.73 30.19
N LYS B 155 11.33 -25.04 29.36
CA LYS B 155 12.08 -26.30 29.38
C LYS B 155 11.27 -27.59 29.09
N GLY B 156 9.98 -27.44 28.77
CA GLY B 156 9.08 -28.59 28.61
C GLY B 156 9.14 -29.13 27.21
N ALA B 157 8.69 -30.36 27.05
CA ALA B 157 8.65 -30.98 25.73
C ALA B 157 7.92 -30.08 24.72
N TYR B 158 6.74 -29.59 25.09
CA TYR B 158 5.99 -28.65 24.27
C TYR B 158 6.68 -27.28 24.11
N GLY B 159 6.88 -26.58 25.21
CA GLY B 159 7.44 -25.25 25.14
C GLY B 159 8.77 -25.13 24.42
N LYS B 160 9.73 -25.96 24.81
CA LYS B 160 11.05 -25.93 24.17
C LYS B 160 10.95 -26.20 22.67
N GLY B 161 10.25 -27.29 22.30
CA GLY B 161 10.13 -27.74 20.91
C GLY B 161 9.40 -26.72 20.05
N LEU B 162 8.37 -26.11 20.62
CA LEU B 162 7.66 -25.02 19.96
C LEU B 162 8.55 -23.76 19.75
N ALA B 163 9.17 -23.33 20.83
CA ALA B 163 9.99 -22.14 20.79
C ALA B 163 11.20 -22.40 19.84
N ASP B 164 11.76 -23.62 19.90
CA ASP B 164 12.92 -23.94 19.01
C ASP B 164 12.50 -23.94 17.55
N ALA B 165 11.28 -24.39 17.29
CA ALA B 165 10.72 -24.35 15.93
C ALA B 165 10.48 -22.90 15.47
N PHE B 166 9.94 -22.08 16.35
CA PHE B 166 9.75 -20.66 16.03
C PHE B 166 11.07 -19.96 15.75
N LYS B 167 12.08 -20.20 16.58
CA LYS B 167 13.44 -19.66 16.36
C LYS B 167 14.04 -20.08 14.97
N ALA B 168 14.05 -21.38 14.72
CA ALA B 168 14.52 -21.89 13.45
C ALA B 168 13.86 -21.21 12.22
N ALA B 169 12.55 -21.00 12.29
CA ALA B 169 11.85 -20.39 11.19
C ALA B 169 12.29 -18.96 10.98
N ILE B 170 12.33 -18.19 12.05
CA ILE B 170 12.76 -16.81 11.95
C ILE B 170 14.25 -16.72 11.64
N ASN B 171 15.08 -17.60 12.17
CA ASN B 171 16.49 -17.59 11.79
C ASN B 171 16.61 -17.80 10.29
N LYS B 172 15.81 -18.69 9.74
CA LYS B 172 15.95 -19.09 8.35
C LYS B 172 15.43 -17.95 7.49
N GLY B 173 14.52 -17.16 8.03
CA GLY B 173 14.04 -15.96 7.36
C GLY B 173 14.91 -14.73 7.56
N GLY B 174 16.05 -14.87 8.25
CA GLY B 174 17.01 -13.76 8.36
C GLY B 174 16.93 -12.94 9.64
N ILE B 175 16.11 -13.35 10.60
CA ILE B 175 16.07 -12.69 11.87
C ILE B 175 16.89 -13.44 12.92
N THR B 176 17.78 -12.68 13.54
CA THR B 176 18.59 -13.19 14.65
C THR B 176 17.96 -12.67 15.97
N GLU B 177 17.46 -13.63 16.75
CA GLU B 177 16.85 -13.32 18.03
C GLU B 177 17.90 -12.64 18.93
N VAL B 178 17.47 -11.68 19.72
CA VAL B 178 18.38 -10.94 20.58
C VAL B 178 18.68 -11.66 21.88
N HIS B 179 17.90 -12.69 22.20
CA HIS B 179 18.06 -13.43 23.41
C HIS B 179 17.23 -14.73 23.35
N TYR B 180 17.79 -15.77 23.94
CA TYR B 180 17.21 -17.09 24.00
C TYR B 180 17.44 -17.56 25.42
N ASP B 181 16.40 -18.08 26.05
CA ASP B 181 16.44 -18.42 27.46
C ASP B 181 15.18 -19.18 27.90
N SER B 182 15.20 -19.61 29.16
CA SER B 182 14.11 -20.36 29.67
C SER B 182 13.84 -20.08 31.13
N VAL B 183 12.65 -20.47 31.54
CA VAL B 183 12.22 -20.42 32.91
C VAL B 183 11.85 -21.83 33.37
N THR B 184 11.80 -21.99 34.69
CA THR B 184 11.45 -23.25 35.33
C THR B 184 10.02 -23.17 35.91
N PRO B 185 9.10 -23.98 35.37
CA PRO B 185 7.73 -24.02 35.89
C PRO B 185 7.74 -24.29 37.37
N GLY B 186 6.99 -23.49 38.13
CA GLY B 186 7.10 -23.45 39.63
C GLY B 186 7.77 -22.19 40.14
N ASP B 187 8.77 -21.72 39.41
CA ASP B 187 9.41 -20.45 39.72
C ASP B 187 8.45 -19.39 39.28
N LYS B 188 8.31 -18.36 40.09
CA LYS B 188 7.39 -17.28 39.89
C LYS B 188 8.10 -15.93 39.66
N ASP B 189 9.39 -15.82 40.06
CA ASP B 189 10.20 -14.62 39.88
C ASP B 189 11.14 -14.73 38.67
N PHE B 190 10.84 -13.97 37.63
CA PHE B 190 11.63 -13.92 36.40
C PHE B 190 12.32 -12.58 36.26
N SER B 191 12.51 -11.84 37.35
CA SER B 191 13.20 -10.52 37.27
C SER B 191 14.48 -10.58 36.47
N ALA B 192 15.31 -11.59 36.77
CA ALA B 192 16.64 -11.70 36.13
C ALA B 192 16.57 -11.80 34.63
N LEU B 193 15.64 -12.66 34.17
CA LEU B 193 15.37 -12.85 32.78
C LEU B 193 14.81 -11.57 32.19
N VAL B 194 13.84 -10.95 32.84
CA VAL B 194 13.29 -9.70 32.31
C VAL B 194 14.40 -8.62 32.19
N THR B 195 15.24 -8.49 33.21
CA THR B 195 16.41 -7.56 33.14
C THR B 195 17.32 -7.79 31.93
N LYS B 196 17.63 -9.03 31.61
CA LYS B 196 18.32 -9.35 30.34
C LYS B 196 17.51 -8.97 29.10
N LEU B 197 16.18 -9.19 29.14
CA LEU B 197 15.34 -8.87 28.01
C LEU B 197 15.31 -7.36 27.82
N LYS B 198 15.28 -6.63 28.92
CA LYS B 198 15.35 -5.19 28.89
C LYS B 198 16.71 -4.68 28.38
N SER B 199 17.79 -5.24 28.90
CA SER B 199 19.11 -4.86 28.44
C SER B 199 19.29 -5.11 26.94
N ALA B 200 18.78 -6.23 26.45
CA ALA B 200 18.76 -6.58 25.04
C ALA B 200 17.79 -5.76 24.20
N GLY B 201 16.93 -4.95 24.80
CA GLY B 201 15.91 -4.18 24.02
C GLY B 201 14.78 -5.02 23.38
N ALA B 202 14.53 -6.22 23.90
CA ALA B 202 13.50 -7.06 23.29
C ALA B 202 12.16 -6.30 23.12
N GLU B 203 11.67 -6.27 21.89
CA GLU B 203 10.38 -5.66 21.61
C GLU B 203 9.33 -6.73 21.41
N VAL B 204 9.73 -7.95 21.11
CA VAL B 204 8.74 -9.02 20.82
C VAL B 204 9.29 -10.21 21.54
N VAL B 205 8.50 -10.79 22.43
CA VAL B 205 8.93 -12.00 23.16
C VAL B 205 8.02 -13.24 22.88
N TYR B 206 8.57 -14.23 22.18
CA TYR B 206 7.89 -15.45 21.91
C TYR B 206 8.09 -16.35 23.16
N PHE B 207 7.01 -16.85 23.74
CA PHE B 207 7.07 -17.76 24.85
C PHE B 207 6.42 -19.11 24.54
N GLY B 208 7.24 -20.14 24.58
CA GLY B 208 6.80 -21.49 24.44
C GLY B 208 6.48 -22.07 25.80
N GLY B 209 5.18 -22.27 26.06
CA GLY B 209 4.74 -22.82 27.33
C GLY B 209 3.31 -22.48 27.69
N TYR B 210 3.02 -22.63 28.96
CA TYR B 210 1.66 -22.46 29.47
C TYR B 210 1.36 -21.14 30.25
N HIS B 211 0.09 -20.93 30.62
CA HIS B 211 -0.34 -19.67 31.24
C HIS B 211 0.32 -19.34 32.58
N ALA B 212 0.54 -20.34 33.44
CA ALA B 212 1.15 -20.04 34.73
C ALA B 212 2.45 -19.22 34.58
N GLU B 213 3.27 -19.63 33.65
CA GLU B 213 4.53 -18.97 33.31
C GLU B 213 4.32 -17.76 32.40
N GLY B 214 3.46 -17.95 31.42
CA GLY B 214 3.26 -16.94 30.39
C GLY B 214 2.75 -15.65 30.98
N GLY B 215 1.75 -15.79 31.83
CA GLY B 215 1.09 -14.68 32.45
C GLY B 215 2.03 -13.91 33.36
N LEU B 216 2.89 -14.63 34.08
CA LEU B 216 3.90 -14.00 34.94
C LEU B 216 4.88 -13.19 34.13
N LEU B 217 5.28 -13.71 32.99
CA LEU B 217 6.26 -13.05 32.18
C LEU B 217 5.70 -11.74 31.59
N SER B 218 4.44 -11.75 31.18
CA SER B 218 3.77 -10.52 30.73
C SER B 218 3.77 -9.46 31.81
N ARG B 219 3.32 -9.87 33.00
CA ARG B 219 3.28 -9.02 34.17
C ARG B 219 4.62 -8.36 34.40
N GLN B 220 5.69 -9.16 34.48
CA GLN B 220 6.98 -8.69 34.93
C GLN B 220 7.70 -7.89 33.88
N LEU B 221 7.40 -8.15 32.59
CA LEU B 221 7.91 -7.31 31.56
C LEU B 221 7.30 -5.93 31.76
N HIS B 222 6.01 -5.88 32.07
CA HIS B 222 5.39 -4.56 32.25
C HIS B 222 5.77 -3.85 33.53
N ASP B 223 5.98 -4.61 34.62
CA ASP B 223 6.51 -4.06 35.89
C ASP B 223 7.90 -3.48 35.70
N ALA B 224 8.70 -4.01 34.81
CA ALA B 224 9.99 -3.39 34.53
C ALA B 224 9.91 -2.21 33.54
N GLY B 225 8.69 -1.79 33.19
CA GLY B 225 8.47 -0.63 32.36
C GLY B 225 8.66 -0.92 30.88
N MET B 226 8.77 -2.20 30.50
CA MET B 226 8.94 -2.54 29.08
C MET B 226 7.54 -2.62 28.51
N GLN B 227 7.40 -2.36 27.21
CA GLN B 227 6.14 -2.55 26.47
C GLN B 227 6.45 -3.55 25.36
N ALA B 228 6.55 -4.81 25.73
CA ALA B 228 6.93 -5.83 24.78
C ALA B 228 5.68 -6.61 24.37
N LEU B 229 5.61 -6.93 23.08
CA LEU B 229 4.56 -7.81 22.52
C LEU B 229 4.85 -9.31 22.77
N VAL B 230 3.97 -9.97 23.51
CA VAL B 230 4.16 -11.40 23.78
C VAL B 230 3.41 -12.19 22.73
N LEU B 231 4.05 -13.27 22.29
CA LEU B 231 3.57 -14.22 21.34
C LEU B 231 3.75 -15.62 21.92
N GLY B 232 2.89 -16.54 21.53
CA GLY B 232 3.00 -17.91 21.98
C GLY B 232 2.14 -18.81 21.15
N GLY B 233 2.11 -20.07 21.57
CA GLY B 233 1.25 -21.07 20.94
C GLY B 233 -0.05 -21.14 21.70
N GLU B 234 -0.80 -22.21 21.46
CA GLU B 234 -2.11 -22.39 22.07
C GLU B 234 -2.01 -22.72 23.58
N GLY B 235 -0.78 -22.85 24.04
CA GLY B 235 -0.48 -22.85 25.46
C GLY B 235 -0.88 -21.59 26.19
N LEU B 236 -1.03 -20.50 25.43
CA LEU B 236 -1.59 -19.25 25.93
C LEU B 236 -3.07 -19.00 25.59
N SER B 237 -3.86 -20.04 25.33
CA SER B 237 -5.29 -19.89 24.86
C SER B 237 -6.33 -19.87 26.01
N ASN B 238 -5.92 -20.21 27.22
CA ASN B 238 -6.79 -20.20 28.35
C ASN B 238 -6.99 -18.82 28.99
N THR B 239 -8.23 -18.59 29.44
CA THR B 239 -8.51 -17.34 30.17
C THR B 239 -7.58 -17.15 31.36
N GLU B 240 -7.12 -18.25 31.98
CA GLU B 240 -6.19 -18.19 33.12
C GLU B 240 -4.89 -17.38 32.79
N TYR B 241 -4.54 -17.29 31.52
CA TYR B 241 -3.46 -16.41 31.08
C TYR B 241 -3.82 -14.98 31.35
N TRP B 242 -5.05 -14.60 31.01
CA TRP B 242 -5.54 -13.24 31.28
C TRP B 242 -5.69 -12.97 32.77
N ALA B 243 -6.23 -13.94 33.50
CA ALA B 243 -6.36 -13.83 34.92
C ALA B 243 -5.02 -13.54 35.60
N ILE B 244 -3.95 -14.20 35.16
CA ILE B 244 -2.65 -13.95 35.79
C ILE B 244 -2.02 -12.69 35.24
N GLY B 245 -2.13 -12.51 33.94
CA GLY B 245 -1.46 -11.39 33.28
C GLY B 245 -2.12 -10.06 33.44
N GLY B 246 -3.44 -10.04 33.60
CA GLY B 246 -4.17 -8.81 33.71
C GLY B 246 -4.14 -8.03 32.42
N THR B 247 -4.43 -6.74 32.51
CA THR B 247 -4.39 -5.80 31.37
C THR B 247 -3.03 -5.73 30.74
N ASN B 248 -1.99 -6.15 31.43
CA ASN B 248 -0.70 -6.25 30.82
C ASN B 248 -0.65 -7.25 29.65
N ALA B 249 -1.56 -8.22 29.60
CA ALA B 249 -1.64 -9.17 28.50
C ALA B 249 -2.32 -8.63 27.23
N GLN B 250 -2.78 -7.38 27.27
CA GLN B 250 -3.47 -6.71 26.12
C GLN B 250 -2.60 -6.82 24.87
N GLY B 251 -3.12 -7.43 23.81
CA GLY B 251 -2.44 -7.48 22.53
C GLY B 251 -1.60 -8.74 22.27
N THR B 252 -1.41 -9.56 23.31
CA THR B 252 -0.72 -10.81 23.20
C THR B 252 -1.34 -11.63 22.08
N LEU B 253 -0.49 -12.11 21.17
CA LEU B 253 -0.95 -12.94 20.05
C LEU B 253 -0.57 -14.42 20.27
N PHE B 254 -1.39 -15.35 19.76
CA PHE B 254 -1.06 -16.75 19.92
C PHE B 254 -1.73 -17.56 18.84
N THR B 255 -1.11 -18.69 18.48
CA THR B 255 -1.68 -19.57 17.45
C THR B 255 -2.63 -20.59 18.08
N ASN B 256 -3.65 -20.95 17.35
CA ASN B 256 -4.48 -22.09 17.70
C ASN B 256 -5.22 -22.58 16.45
N ALA B 257 -6.00 -23.65 16.63
CA ALA B 257 -6.92 -24.13 15.59
C ALA B 257 -7.83 -23.03 15.08
N LYS B 258 -8.23 -23.11 13.82
CA LYS B 258 -9.27 -22.20 13.30
C LYS B 258 -10.55 -22.23 14.13
N ASP B 259 -11.28 -21.13 14.12
CA ASP B 259 -12.46 -21.00 14.98
C ASP B 259 -13.55 -21.90 14.42
N ALA B 260 -13.90 -22.93 15.19
CA ALA B 260 -14.79 -24.01 14.74
C ALA B 260 -16.25 -23.59 14.72
N THR B 261 -16.59 -22.64 15.57
CA THR B 261 -17.95 -22.14 15.68
C THR B 261 -18.38 -21.42 14.41
N LYS B 262 -17.42 -21.22 13.48
CA LYS B 262 -17.70 -20.66 12.14
C LYS B 262 -18.26 -21.69 11.14
N ASN B 263 -18.15 -22.98 11.42
CA ASN B 263 -18.68 -23.99 10.48
C ASN B 263 -20.02 -24.51 10.95
N PRO B 264 -20.92 -24.81 10.01
CA PRO B 264 -22.18 -25.48 10.36
C PRO B 264 -22.02 -26.83 11.07
N ALA B 265 -20.92 -27.53 10.87
CA ALA B 265 -20.73 -28.80 11.55
C ALA B 265 -20.72 -28.72 13.09
N ALA B 266 -20.43 -27.55 13.63
CA ALA B 266 -20.34 -27.36 15.06
C ALA B 266 -21.69 -27.15 15.78
N LYS B 267 -22.78 -27.05 15.00
CA LYS B 267 -24.07 -26.62 15.49
C LYS B 267 -24.53 -27.43 16.69
N ASP B 268 -24.53 -28.75 16.60
CA ASP B 268 -24.96 -29.54 17.71
C ASP B 268 -24.09 -29.48 18.97
N ALA B 269 -22.78 -29.41 18.78
CA ALA B 269 -21.87 -29.25 19.90
C ALA B 269 -22.13 -27.89 20.57
N ILE B 270 -22.33 -26.85 19.76
CA ILE B 270 -22.56 -25.50 20.27
C ILE B 270 -23.81 -25.44 21.14
N GLN B 271 -24.87 -26.06 20.63
CA GLN B 271 -26.14 -26.04 21.32
C GLN B 271 -26.03 -26.81 22.64
N ALA B 272 -25.33 -27.95 22.65
CA ALA B 272 -25.19 -28.72 23.90
C ALA B 272 -24.31 -27.97 24.93
N LEU B 273 -23.28 -27.28 24.47
CA LEU B 273 -22.38 -26.53 25.32
C LEU B 273 -23.04 -25.30 25.96
N LYS B 274 -23.67 -24.47 25.14
CA LYS B 274 -24.46 -23.35 25.62
C LYS B 274 -25.54 -23.73 26.68
N ALA B 275 -26.23 -24.86 26.52
CA ALA B 275 -27.19 -25.30 27.53
C ALA B 275 -26.55 -25.61 28.88
N LYS B 276 -25.26 -25.94 28.86
CA LYS B 276 -24.51 -26.24 30.07
C LYS B 276 -23.60 -25.09 30.49
N ASN B 277 -23.78 -23.93 29.86
CA ASN B 277 -22.91 -22.78 30.05
C ASN B 277 -21.45 -23.09 29.95
N ILE B 278 -21.11 -23.88 28.96
CA ILE B 278 -19.72 -24.15 28.65
C ILE B 278 -19.35 -23.39 27.39
N PRO B 279 -18.35 -22.53 27.50
CA PRO B 279 -17.98 -21.78 26.31
C PRO B 279 -17.32 -22.71 25.27
N ALA B 280 -17.61 -22.44 24.02
CA ALA B 280 -17.22 -23.26 22.92
C ALA B 280 -15.76 -22.96 22.46
N GLU B 281 -14.84 -23.20 23.37
CA GLU B 281 -13.42 -22.94 23.12
C GLU B 281 -12.70 -24.10 22.29
N ALA B 282 -11.60 -23.76 21.65
CA ALA B 282 -10.86 -24.67 20.79
C ALA B 282 -10.65 -26.04 21.43
N PHE B 283 -10.07 -26.05 22.62
CA PHE B 283 -9.73 -27.30 23.27
C PHE B 283 -10.95 -28.13 23.63
N THR B 284 -11.97 -27.44 24.07
CA THR B 284 -13.23 -28.05 24.45
C THR B 284 -13.85 -28.70 23.20
N MET B 285 -13.91 -27.96 22.10
CA MET B 285 -14.37 -28.49 20.84
C MET B 285 -13.50 -29.67 20.35
N ASN B 286 -12.19 -29.57 20.48
CA ASN B 286 -11.30 -30.65 20.05
C ASN B 286 -11.61 -31.96 20.81
N ALA B 287 -11.90 -31.85 22.10
CA ALA B 287 -12.22 -32.97 22.95
C ALA B 287 -13.58 -33.60 22.60
N TYR B 288 -14.57 -32.76 22.29
CA TYR B 288 -15.87 -33.21 21.83
C TYR B 288 -15.64 -34.07 20.58
N ALA B 289 -14.87 -33.53 19.65
CA ALA B 289 -14.55 -34.21 18.40
C ALA B 289 -13.73 -35.53 18.62
N ALA B 290 -12.79 -35.52 19.57
CA ALA B 290 -12.09 -36.74 19.93
C ALA B 290 -13.06 -37.89 20.27
N VAL B 291 -14.11 -37.59 21.00
CA VAL B 291 -15.10 -38.60 21.33
C VAL B 291 -15.80 -39.06 20.07
N GLU B 292 -16.14 -38.12 19.19
CA GLU B 292 -16.81 -38.47 17.94
C GLU B 292 -15.95 -39.42 17.09
N VAL B 293 -14.65 -39.11 17.02
CA VAL B 293 -13.68 -39.98 16.36
C VAL B 293 -13.71 -41.45 16.89
N ILE B 294 -13.70 -41.61 18.19
CA ILE B 294 -13.74 -42.93 18.77
C ILE B 294 -15.08 -43.63 18.39
N LYS B 295 -16.17 -42.86 18.34
CA LYS B 295 -17.47 -43.38 17.96
CA LYS B 295 -17.45 -43.38 17.95
C LYS B 295 -17.46 -43.80 16.49
N ALA B 296 -16.99 -42.93 15.61
CA ALA B 296 -16.87 -43.25 14.18
C ALA B 296 -16.05 -44.55 13.99
N GLY B 297 -14.95 -44.65 14.73
CA GLY B 297 -14.05 -45.79 14.71
C GLY B 297 -14.73 -47.11 15.04
N ILE B 298 -15.50 -47.06 16.13
CA ILE B 298 -16.19 -48.22 16.64
C ILE B 298 -17.25 -48.69 15.65
N GLU B 299 -17.91 -47.75 14.98
CA GLU B 299 -19.03 -48.06 14.08
C GLU B 299 -18.56 -48.56 12.75
N ARG B 300 -17.46 -48.05 12.24
CA ARG B 300 -16.99 -48.62 10.97
C ARG B 300 -16.24 -49.94 11.18
N ALA B 301 -15.57 -50.12 12.29
CA ALA B 301 -14.98 -51.44 12.53
C ALA B 301 -16.08 -52.44 12.87
N GLY B 302 -17.16 -51.94 13.49
CA GLY B 302 -18.29 -52.75 13.86
C GLY B 302 -18.12 -53.51 15.17
N SER B 303 -17.21 -53.06 16.03
CA SER B 303 -16.99 -53.72 17.30
C SER B 303 -16.40 -52.76 18.27
N THR B 304 -16.61 -53.06 19.54
CA THR B 304 -16.15 -52.26 20.68
C THR B 304 -15.17 -53.02 21.54
N ASP B 305 -14.65 -54.15 21.07
CA ASP B 305 -13.69 -54.94 21.86
C ASP B 305 -12.30 -55.11 21.28
N ASP B 306 -12.14 -54.98 19.96
CA ASP B 306 -10.83 -55.10 19.33
C ASP B 306 -10.40 -53.68 18.96
N SER B 307 -9.65 -53.04 19.85
CA SER B 307 -9.16 -51.69 19.59
C SER B 307 -8.31 -51.59 18.37
N ALA B 308 -7.58 -52.66 18.06
CA ALA B 308 -6.77 -52.70 16.87
C ALA B 308 -7.59 -52.56 15.64
N ALA B 309 -8.75 -53.22 15.61
CA ALA B 309 -9.65 -53.13 14.47
C ALA B 309 -10.21 -51.71 14.34
N VAL B 310 -10.57 -51.09 15.46
CA VAL B 310 -11.03 -49.71 15.47
C VAL B 310 -9.89 -48.78 15.02
N ALA B 311 -8.66 -48.99 15.50
CA ALA B 311 -7.55 -48.11 15.03
C ALA B 311 -7.35 -48.22 13.53
N LYS B 312 -7.43 -49.46 13.06
CA LYS B 312 -7.25 -49.76 11.66
C LYS B 312 -8.35 -49.09 10.82
N ALA B 313 -9.58 -49.13 11.32
CA ALA B 313 -10.68 -48.54 10.63
C ALA B 313 -10.54 -46.99 10.53
N LEU B 314 -10.09 -46.33 11.60
CA LEU B 314 -9.83 -44.94 11.56
C LEU B 314 -8.76 -44.54 10.55
N HIS B 315 -7.81 -45.43 10.33
CA HIS B 315 -6.69 -45.24 9.42
C HIS B 315 -7.01 -45.59 7.98
N ASP B 316 -8.25 -46.03 7.66
CA ASP B 316 -8.57 -46.60 6.35
C ASP B 316 -8.79 -45.61 5.23
N GLY B 317 -8.51 -44.34 5.50
CA GLY B 317 -8.58 -43.34 4.44
C GLY B 317 -9.94 -42.63 4.27
N LYS B 318 -10.95 -43.07 5.00
CA LYS B 318 -12.28 -42.50 4.90
C LYS B 318 -12.49 -41.36 5.94
N PRO B 319 -13.15 -40.26 5.52
CA PRO B 319 -13.28 -39.05 6.31
C PRO B 319 -14.19 -39.22 7.52
N ILE B 320 -13.92 -38.45 8.55
CA ILE B 320 -14.76 -38.46 9.74
C ILE B 320 -15.37 -37.10 9.98
N GLU B 321 -16.70 -37.04 10.08
CA GLU B 321 -17.42 -35.80 10.36
C GLU B 321 -17.43 -35.55 11.86
N THR B 322 -17.00 -34.35 12.24
CA THR B 322 -16.96 -33.94 13.65
C THR B 322 -17.40 -32.49 13.81
N ALA B 323 -17.54 -32.08 15.06
CA ALA B 323 -17.84 -30.70 15.43
C ALA B 323 -16.77 -29.70 15.02
N ILE B 324 -15.52 -30.14 14.84
CA ILE B 324 -14.49 -29.24 14.28
C ILE B 324 -14.16 -29.42 12.81
N GLY B 325 -14.95 -30.22 12.10
CA GLY B 325 -14.76 -30.44 10.68
C GLY B 325 -14.65 -31.88 10.23
N THR B 326 -14.46 -32.04 8.92
CA THR B 326 -14.22 -33.36 8.33
C THR B 326 -12.75 -33.76 8.38
N LEU B 327 -12.45 -34.82 9.10
CA LEU B 327 -11.06 -35.20 9.36
C LEU B 327 -10.71 -36.46 8.58
N THR B 328 -9.50 -36.52 8.04
CA THR B 328 -8.99 -37.77 7.42
C THR B 328 -7.63 -38.04 8.04
N TYR B 329 -7.47 -39.22 8.61
CA TYR B 329 -6.22 -39.56 9.34
C TYR B 329 -5.11 -40.08 8.40
N SER B 330 -3.90 -39.56 8.58
CA SER B 330 -2.71 -40.13 7.98
C SER B 330 -2.30 -41.44 8.68
N GLU B 331 -1.34 -42.13 8.10
CA GLU B 331 -0.79 -43.37 8.64
C GLU B 331 -0.16 -43.18 10.07
N THR B 332 0.31 -41.96 10.36
CA THR B 332 0.89 -41.61 11.66
C THR B 332 -0.15 -41.32 12.77
N GLY B 333 -1.41 -41.12 12.37
CA GLY B 333 -2.48 -40.72 13.29
C GLY B 333 -2.70 -39.20 13.39
N ASP B 334 -2.06 -38.45 12.50
CA ASP B 334 -2.20 -36.99 12.41
C ASP B 334 -3.33 -36.60 11.43
N LEU B 335 -3.81 -35.38 11.60
CA LEU B 335 -4.76 -34.81 10.63
C LEU B 335 -4.05 -34.61 9.30
N SER B 336 -4.74 -34.90 8.22
CA SER B 336 -4.17 -34.70 6.90
C SER B 336 -4.16 -33.21 6.49
N SER B 337 -5.15 -32.43 6.97
CA SER B 337 -5.31 -31.00 6.61
C SER B 337 -5.30 -30.05 7.81
N PRO B 338 -4.24 -30.07 8.62
CA PRO B 338 -4.24 -29.22 9.80
C PRO B 338 -4.06 -27.74 9.44
N SER B 339 -4.53 -26.86 10.30
CA SER B 339 -4.25 -25.43 10.13
C SER B 339 -4.29 -24.71 11.46
N PHE B 340 -3.53 -23.62 11.52
CA PHE B 340 -3.59 -22.73 12.67
C PHE B 340 -3.81 -21.29 12.22
N ASP B 341 -4.65 -20.58 12.97
CA ASP B 341 -4.78 -19.14 12.85
C ASP B 341 -4.17 -18.48 14.04
N ILE B 342 -4.04 -17.15 13.93
CA ILE B 342 -3.47 -16.31 14.96
C ILE B 342 -4.60 -15.53 15.56
N PHE B 343 -4.62 -15.51 16.89
CA PHE B 343 -5.61 -14.86 17.69
C PHE B 343 -4.96 -13.88 18.66
N LYS B 344 -5.78 -13.01 19.21
CA LYS B 344 -5.27 -11.91 20.06
C LYS B 344 -6.08 -11.78 21.35
N TRP B 345 -5.38 -11.55 22.46
CA TRP B 345 -6.07 -11.27 23.69
C TRP B 345 -6.48 -9.80 23.71
N ASP B 346 -7.80 -9.56 23.76
CA ASP B 346 -8.37 -8.19 23.78
C ASP B 346 -9.36 -8.07 24.92
N ASP B 347 -8.96 -7.37 25.97
CA ASP B 347 -9.87 -7.04 27.06
C ASP B 347 -10.47 -8.32 27.63
N GLY B 348 -9.62 -9.31 27.92
CA GLY B 348 -10.06 -10.50 28.62
C GLY B 348 -10.80 -11.46 27.74
N LYS B 349 -10.88 -11.15 26.44
CA LYS B 349 -11.48 -12.06 25.44
C LYS B 349 -10.54 -12.39 24.25
N ILE B 350 -10.85 -13.49 23.57
CA ILE B 350 -10.05 -13.94 22.45
C ILE B 350 -10.72 -13.47 21.18
N VAL B 351 -9.94 -12.91 20.27
CA VAL B 351 -10.47 -12.28 19.07
C VAL B 351 -9.58 -12.78 17.94
N GLY B 352 -10.21 -13.17 16.84
CA GLY B 352 -9.49 -13.54 15.63
C GLY B 352 -8.81 -12.33 14.99
N LEU B 353 -7.81 -12.60 14.14
CA LEU B 353 -7.01 -11.61 13.37
C LEU B 353 -6.10 -10.77 14.28
N ASP C 10 10.45 28.79 36.59
CA ASP C 10 9.40 28.09 35.80
C ASP C 10 9.70 28.25 34.33
N ILE C 11 9.59 27.17 33.58
CA ILE C 11 9.78 27.21 32.14
C ILE C 11 8.41 27.34 31.48
N THR C 12 8.28 28.27 30.54
CA THR C 12 6.95 28.61 30.03
C THR C 12 6.87 28.31 28.53
N ILE C 13 5.98 27.42 28.14
CA ILE C 13 5.70 27.17 26.73
C ILE C 13 4.35 27.81 26.34
N GLY C 14 4.39 28.70 25.36
CA GLY C 14 3.17 29.29 24.80
C GLY C 14 2.43 28.28 23.93
N VAL C 15 1.10 28.29 24.00
CA VAL C 15 0.27 27.49 23.09
C VAL C 15 -0.63 28.41 22.27
N ILE C 16 -0.31 28.55 20.99
CA ILE C 16 -1.13 29.30 20.09
C ILE C 16 -2.01 28.33 19.33
N ALA C 17 -3.31 28.33 19.65
CA ALA C 17 -4.23 27.38 19.03
C ALA C 17 -5.66 27.93 18.91
N PRO C 18 -6.44 27.41 17.95
CA PRO C 18 -7.84 27.83 17.83
C PRO C 18 -8.77 27.25 18.93
N LEU C 19 -9.05 28.06 19.94
CA LEU C 19 -9.91 27.67 21.08
C LEU C 19 -11.36 28.15 20.90
N THR C 20 -11.59 29.03 19.93
CA THR C 20 -12.95 29.43 19.54
C THR C 20 -13.01 29.38 18.05
N GLY C 21 -14.21 29.61 17.51
CA GLY C 21 -14.43 29.58 16.07
C GLY C 21 -14.67 28.18 15.50
N PRO C 22 -14.72 28.09 14.16
CA PRO C 22 -15.15 26.86 13.47
C PRO C 22 -14.16 25.70 13.50
N VAL C 23 -12.91 25.93 13.91
CA VAL C 23 -11.95 24.85 14.09
C VAL C 23 -11.50 24.75 15.55
N ALA C 24 -12.39 25.12 16.45
CA ALA C 24 -12.09 25.01 17.88
C ALA C 24 -11.79 23.59 18.29
N ALA C 25 -12.44 22.62 17.64
CA ALA C 25 -12.29 21.23 18.04
C ALA C 25 -10.86 20.75 17.85
N PHE C 26 -10.19 21.31 16.86
CA PHE C 26 -8.79 21.01 16.62
C PHE C 26 -7.91 21.61 17.73
N GLY C 27 -8.19 22.85 18.13
CA GLY C 27 -7.39 23.51 19.14
C GLY C 27 -7.61 22.93 20.53
N ASP C 28 -8.76 22.30 20.75
CA ASP C 28 -9.05 21.65 22.01
C ASP C 28 -8.20 20.42 22.18
N GLN C 29 -8.09 19.65 21.08
CA GLN C 29 -7.31 18.43 21.08
C GLN C 29 -5.84 18.71 21.40
N VAL C 30 -5.33 19.79 20.80
CA VAL C 30 -3.94 20.20 20.90
C VAL C 30 -3.64 20.65 22.33
N LYS C 31 -4.51 21.54 22.82
CA LYS C 31 -4.55 21.94 24.20
C LYS C 31 -4.48 20.74 25.15
N LYS C 32 -5.40 19.80 25.00
CA LYS C 32 -5.46 18.65 25.92
C LYS C 32 -4.17 17.82 25.80
N GLY C 33 -3.71 17.63 24.57
CA GLY C 33 -2.46 16.94 24.33
C GLY C 33 -1.36 17.64 25.11
N ALA C 34 -1.21 18.93 24.87
CA ALA C 34 -0.13 19.70 25.47
C ALA C 34 -0.20 19.65 26.97
N GLU C 35 -1.34 20.06 27.51
CA GLU C 35 -1.57 20.05 28.95
C GLU C 35 -1.18 18.72 29.58
N THR C 36 -1.74 17.65 29.04
CA THR C 36 -1.49 16.32 29.53
C THR C 36 0.01 16.04 29.56
N ALA C 37 0.73 16.38 28.51
CA ALA C 37 2.18 16.17 28.49
C ALA C 37 2.85 16.89 29.64
N VAL C 38 2.53 18.17 29.80
CA VAL C 38 3.16 18.98 30.85
C VAL C 38 2.96 18.40 32.25
N GLU C 39 1.79 17.86 32.52
CA GLU C 39 1.51 17.28 33.84
C GLU C 39 2.40 16.07 34.11
N VAL C 40 2.54 15.18 33.12
CA VAL C 40 3.37 13.98 33.25
C VAL C 40 4.84 14.35 33.48
N ILE C 41 5.34 15.23 32.62
CA ILE C 41 6.71 15.69 32.71
C ILE C 41 6.96 16.29 34.09
N ASN C 42 6.06 17.16 34.52
CA ASN C 42 6.20 17.80 35.82
C ASN C 42 6.13 16.82 36.95
N LYS C 43 5.19 15.87 36.84
CA LYS C 43 5.07 14.74 37.78
C LYS C 43 6.36 13.93 37.89
N ALA C 44 7.10 13.83 36.79
CA ALA C 44 8.38 13.13 36.75
C ALA C 44 9.58 14.07 37.03
N GLY C 45 9.31 15.27 37.57
CA GLY C 45 10.37 16.19 38.02
C GLY C 45 10.60 17.44 37.20
N GLY C 46 9.93 17.58 36.06
CA GLY C 46 10.11 18.75 35.21
C GLY C 46 11.23 18.56 34.18
N ILE C 47 11.68 19.66 33.60
CA ILE C 47 12.75 19.58 32.61
C ILE C 47 14.09 19.52 33.35
N LYS C 48 14.57 20.63 33.91
CA LYS C 48 15.82 20.60 34.64
C LYS C 48 15.43 20.12 36.04
N GLY C 49 15.39 21.06 36.99
CA GLY C 49 14.63 20.87 38.22
C GLY C 49 13.42 21.79 38.18
N GLU C 50 13.08 22.26 36.97
CA GLU C 50 12.18 23.40 36.76
C GLU C 50 10.82 22.94 36.26
N LYS C 51 9.76 23.62 36.70
CA LYS C 51 8.41 23.24 36.31
C LYS C 51 8.05 23.85 34.95
N VAL C 52 7.30 23.11 34.14
CA VAL C 52 6.84 23.61 32.85
C VAL C 52 5.46 24.22 33.05
N VAL C 53 5.26 25.43 32.54
CA VAL C 53 3.94 26.10 32.53
C VAL C 53 3.51 26.38 31.08
N LEU C 54 2.21 26.33 30.81
CA LEU C 54 1.65 26.69 29.50
C LEU C 54 0.93 28.07 29.58
N LYS C 55 1.09 28.91 28.54
CA LYS C 55 0.27 30.14 28.36
C LYS C 55 -0.42 30.06 27.03
N PHE C 56 -1.75 30.00 27.06
CA PHE C 56 -2.57 29.85 25.86
C PHE C 56 -2.90 31.19 25.22
N ALA C 57 -2.99 31.19 23.89
CA ALA C 57 -3.48 32.34 23.15
C ALA C 57 -4.36 31.84 22.02
N ASP C 58 -5.60 32.33 22.01
CA ASP C 58 -6.57 31.95 21.02
C ASP C 58 -6.26 32.66 19.69
N ASP C 59 -5.98 31.91 18.64
CA ASP C 59 -5.94 32.46 17.26
C ASP C 59 -7.29 32.51 16.55
N ALA C 60 -8.24 31.72 17.04
CA ALA C 60 -9.58 31.63 16.45
C ALA C 60 -9.62 31.08 15.02
N GLY C 61 -8.56 30.39 14.59
CA GLY C 61 -8.44 29.92 13.20
C GLY C 61 -8.40 31.07 12.20
N GLU C 62 -7.96 32.24 12.66
CA GLU C 62 -7.96 33.46 11.84
C GLU C 62 -6.52 34.01 11.79
N PRO C 63 -5.91 34.00 10.59
CA PRO C 63 -4.53 34.44 10.37
C PRO C 63 -4.16 35.74 11.08
N LYS C 64 -5.07 36.72 11.09
CA LYS C 64 -4.83 38.01 11.78
C LYS C 64 -4.78 37.85 13.32
N GLN C 65 -5.81 37.23 13.91
CA GLN C 65 -5.82 37.00 15.37
C GLN C 65 -4.63 36.13 15.80
N GLY C 66 -4.20 35.22 14.90
CA GLY C 66 -2.99 34.45 15.10
C GLY C 66 -1.72 35.29 15.13
N VAL C 67 -1.62 36.25 14.23
CA VAL C 67 -0.52 37.24 14.27
C VAL C 67 -0.55 38.00 15.61
N SER C 68 -1.73 38.48 15.97
CA SER C 68 -1.99 39.11 17.25
C SER C 68 -1.47 38.24 18.42
N ALA C 69 -1.90 36.98 18.42
CA ALA C 69 -1.50 36.03 19.45
C ALA C 69 0.02 35.80 19.51
N ALA C 70 0.62 35.62 18.34
CA ALA C 70 2.08 35.51 18.22
C ALA C 70 2.83 36.71 18.81
N ASN C 71 2.33 37.91 18.52
CA ASN C 71 2.93 39.13 19.05
C ASN C 71 2.82 39.25 20.56
N GLN C 72 1.71 38.76 21.10
CA GLN C 72 1.54 38.69 22.56
C GLN C 72 2.57 37.71 23.17
N ILE C 73 2.76 36.56 22.52
CA ILE C 73 3.67 35.52 23.01
C ILE C 73 5.11 36.04 23.03
N VAL C 74 5.46 36.70 21.94
CA VAL C 74 6.73 37.37 21.83
C VAL C 74 6.83 38.43 22.94
N GLY C 75 5.75 39.17 23.14
CA GLY C 75 5.69 40.22 24.17
C GLY C 75 5.95 39.75 25.59
N ASP C 76 5.64 38.47 25.85
CA ASP C 76 5.86 37.84 27.17
C ASP C 76 7.27 37.25 27.33
N GLY C 77 8.16 37.47 26.37
CA GLY C 77 9.51 36.88 26.42
C GLY C 77 9.54 35.36 26.30
N ILE C 78 8.49 34.77 25.77
CA ILE C 78 8.40 33.30 25.67
C ILE C 78 9.18 32.81 24.47
N LYS C 79 9.91 31.72 24.65
CA LYS C 79 10.90 31.23 23.67
C LYS C 79 10.50 29.94 23.00
N PHE C 80 9.36 29.38 23.43
CA PHE C 80 8.88 28.10 22.95
C PHE C 80 7.39 28.10 22.80
N VAL C 81 6.93 27.56 21.67
CA VAL C 81 5.50 27.51 21.33
C VAL C 81 5.08 26.16 20.75
N VAL C 82 3.91 25.70 21.19
CA VAL C 82 3.20 24.64 20.51
C VAL C 82 1.89 25.21 19.95
N GLY C 83 1.62 24.93 18.68
CA GLY C 83 0.48 25.55 18.01
C GLY C 83 0.62 25.60 16.50
N LEU C 84 0.20 26.72 15.92
CA LEU C 84 0.21 26.89 14.47
C LEU C 84 -0.56 25.68 13.91
N VAL C 85 -1.79 25.57 14.37
CA VAL C 85 -2.59 24.36 14.20
C VAL C 85 -3.00 24.16 12.75
N THR C 86 -3.50 25.22 12.11
CA THR C 86 -3.87 25.20 10.68
C THR C 86 -2.83 25.92 9.81
N THR C 87 -2.70 25.44 8.56
CA THR C 87 -1.69 25.94 7.64
C THR C 87 -1.83 27.45 7.40
N GLY C 88 -3.05 27.92 7.18
CA GLY C 88 -3.28 29.36 6.98
C GLY C 88 -2.85 30.22 8.14
N VAL C 89 -3.02 29.71 9.35
CA VAL C 89 -2.55 30.44 10.53
C VAL C 89 -1.03 30.27 10.70
N ALA C 90 -0.55 29.06 10.48
CA ALA C 90 0.82 28.67 10.74
C ALA C 90 1.78 29.59 10.01
N VAL C 91 1.56 29.80 8.72
CA VAL C 91 2.53 30.55 7.92
C VAL C 91 2.84 31.95 8.45
N PRO C 92 1.84 32.86 8.50
CA PRO C 92 2.13 34.22 9.00
C PRO C 92 2.65 34.26 10.44
N VAL C 93 2.12 33.38 11.29
CA VAL C 93 2.54 33.33 12.69
C VAL C 93 4.02 32.98 12.78
N SER C 94 4.39 31.96 12.01
CA SER C 94 5.79 31.54 11.93
C SER C 94 6.72 32.72 11.65
N ASP C 95 6.35 33.62 10.72
CA ASP C 95 7.22 34.77 10.40
C ASP C 95 7.47 35.59 11.64
N VAL C 96 6.41 35.83 12.40
CA VAL C 96 6.51 36.65 13.61
C VAL C 96 7.41 35.92 14.57
N LEU C 97 7.10 34.65 14.83
CA LEU C 97 7.80 33.89 15.83
C LEU C 97 9.24 33.64 15.52
N SER C 98 9.50 33.23 14.28
CA SER C 98 10.86 32.91 13.85
C SER C 98 11.78 34.14 13.93
N GLU C 99 11.29 35.27 13.42
CA GLU C 99 12.10 36.50 13.40
C GLU C 99 12.47 36.96 14.81
N ASN C 100 11.66 36.60 15.81
CA ASN C 100 11.92 36.95 17.20
C ASN C 100 12.58 35.87 18.07
N GLY C 101 13.24 34.89 17.48
CA GLY C 101 13.97 33.89 18.28
C GLY C 101 13.04 33.06 19.17
N VAL C 102 11.87 32.72 18.62
CA VAL C 102 10.87 31.91 19.30
C VAL C 102 10.71 30.64 18.51
N LEU C 103 11.17 29.55 19.09
CA LEU C 103 11.00 28.22 18.54
C LEU C 103 9.53 27.82 18.55
N MET C 104 9.12 27.12 17.49
CA MET C 104 7.76 26.66 17.35
C MET C 104 7.73 25.20 16.92
N VAL C 105 6.76 24.47 17.47
CA VAL C 105 6.41 23.14 17.01
C VAL C 105 4.93 23.13 16.68
N THR C 106 4.59 22.60 15.51
CA THR C 106 3.21 22.42 15.12
C THR C 106 2.92 20.94 15.16
N PRO C 107 1.85 20.56 15.83
CA PRO C 107 1.44 19.17 15.84
C PRO C 107 0.48 18.79 14.71
N THR C 108 -0.03 19.75 13.95
CA THR C 108 -1.15 19.50 13.02
C THR C 108 -1.11 20.24 11.67
N ALA C 109 -0.38 21.33 11.56
CA ALA C 109 -0.24 21.99 10.25
C ALA C 109 0.49 21.04 9.31
N THR C 110 -0.04 20.82 8.11
CA THR C 110 0.62 19.93 7.13
C THR C 110 0.97 20.61 5.81
N GLY C 111 0.77 21.92 5.73
CA GLY C 111 1.06 22.64 4.50
C GLY C 111 2.56 22.76 4.27
N PRO C 112 3.01 22.45 3.04
CA PRO C 112 4.42 22.44 2.64
C PRO C 112 5.13 23.78 2.81
N ASP C 113 4.45 24.89 2.49
CA ASP C 113 5.04 26.25 2.59
C ASP C 113 5.61 26.58 3.99
N LEU C 114 5.09 25.94 5.04
CA LEU C 114 5.53 26.25 6.40
C LEU C 114 7.01 25.97 6.60
N THR C 115 7.48 24.82 6.12
CA THR C 115 8.89 24.43 6.25
C THR C 115 9.68 24.54 4.94
N ALA C 116 9.12 25.23 3.95
CA ALA C 116 9.73 25.33 2.66
C ALA C 116 10.46 26.66 2.45
N ARG C 117 10.39 27.55 3.43
CA ARG C 117 10.99 28.90 3.33
C ARG C 117 12.31 29.08 4.10
N GLY C 118 12.96 27.98 4.51
CA GLY C 118 14.33 28.00 5.08
C GLY C 118 14.50 28.34 6.56
N LEU C 119 13.38 28.44 7.28
CA LEU C 119 13.41 28.77 8.72
C LEU C 119 14.03 27.61 9.49
N GLU C 120 14.91 27.93 10.43
CA GLU C 120 15.70 26.92 11.15
C GLU C 120 15.16 26.54 12.54
N ASN C 121 14.04 27.17 12.95
CA ASN C 121 13.46 26.91 14.28
C ASN C 121 11.97 26.55 14.22
N VAL C 122 11.54 25.94 13.12
CA VAL C 122 10.20 25.42 13.01
C VAL C 122 10.31 23.92 12.88
N PHE C 123 9.46 23.21 13.60
CA PHE C 123 9.42 21.76 13.55
C PHE C 123 7.97 21.29 13.53
N ARG C 124 7.73 20.07 13.04
CA ARG C 124 6.41 19.47 13.08
C ARG C 124 6.54 18.15 13.80
N THR C 125 5.43 17.67 14.37
CA THR C 125 5.25 16.29 14.81
C THR C 125 4.19 15.60 13.93
N CYS C 126 3.97 16.15 12.73
CA CYS C 126 3.08 15.59 11.69
C CYS C 126 3.78 15.59 10.31
N GLY C 127 3.20 14.87 9.35
CA GLY C 127 3.71 14.83 7.98
C GLY C 127 3.25 16.01 7.14
N ARG C 128 3.28 15.87 5.82
CA ARG C 128 2.89 16.97 4.93
C ARG C 128 1.85 16.57 3.87
N ASP C 129 1.18 17.60 3.34
CA ASP C 129 0.06 17.40 2.43
C ASP C 129 0.36 16.56 1.18
N GLY C 130 1.58 16.65 0.63
CA GLY C 130 1.91 15.90 -0.57
C GLY C 130 1.82 14.38 -0.37
N GLN C 131 2.36 13.92 0.75
CA GLN C 131 2.36 12.50 1.10
C GLN C 131 0.96 11.99 1.38
N GLN C 132 0.26 12.70 2.24
CA GLN C 132 -1.11 12.34 2.63
C GLN C 132 -2.08 12.37 1.41
N ALA C 133 -1.85 13.26 0.45
CA ALA C 133 -2.64 13.24 -0.77
C ALA C 133 -2.30 12.02 -1.64
N GLU C 134 -1.00 11.68 -1.68
CA GLU C 134 -0.52 10.54 -2.45
C GLU C 134 -1.06 9.22 -1.89
N VAL C 135 -1.09 9.10 -0.57
CA VAL C 135 -1.61 7.88 0.05
C VAL C 135 -3.03 7.61 -0.41
N MET C 136 -3.89 8.64 -0.37
CA MET C 136 -5.28 8.50 -0.78
C MET C 136 -5.37 8.32 -2.29
N ALA C 137 -4.53 9.01 -3.05
CA ALA C 137 -4.50 8.82 -4.49
C ALA C 137 -4.14 7.37 -4.87
N ASP C 138 -3.14 6.80 -4.23
CA ASP C 138 -2.77 5.40 -4.50
C ASP C 138 -3.93 4.43 -4.21
N TYR C 139 -4.63 4.62 -3.08
CA TYR C 139 -5.78 3.79 -2.74
C TYR C 139 -6.91 3.93 -3.78
N VAL C 140 -7.16 5.16 -4.21
CA VAL C 140 -8.23 5.38 -5.20
C VAL C 140 -7.88 4.65 -6.50
N LEU C 141 -6.63 4.83 -6.95
CA LEU C 141 -6.07 4.21 -8.15
C LEU C 141 -6.12 2.70 -8.09
N LYS C 142 -5.99 2.21 -6.87
CA LYS C 142 -5.91 0.78 -6.58
C LYS C 142 -7.27 0.12 -6.64
N ASN C 143 -8.24 0.77 -6.00
CA ASN C 143 -9.54 0.18 -5.68
C ASN C 143 -10.75 0.82 -6.38
N MET C 144 -10.55 1.91 -7.10
CA MET C 144 -11.69 2.64 -7.68
C MET C 144 -11.29 3.25 -9.03
N LYS C 145 -10.43 2.54 -9.76
CA LYS C 145 -9.87 3.04 -11.02
C LYS C 145 -10.93 3.63 -11.96
N ASP C 146 -12.10 2.98 -12.05
CA ASP C 146 -13.09 3.33 -13.07
C ASP C 146 -14.23 4.24 -12.57
N LYS C 147 -14.12 4.73 -11.34
CA LYS C 147 -15.12 5.64 -10.79
C LYS C 147 -14.99 7.05 -11.32
N LYS C 148 -16.09 7.80 -11.25
CA LYS C 148 -16.05 9.23 -11.55
C LYS C 148 -15.64 9.98 -10.29
N VAL C 149 -14.45 10.59 -10.33
CA VAL C 149 -13.87 11.25 -9.14
C VAL C 149 -13.90 12.76 -9.32
N ALA C 150 -14.34 13.48 -8.30
CA ALA C 150 -14.35 14.94 -8.33
C ALA C 150 -13.48 15.47 -7.20
N VAL C 151 -12.93 16.65 -7.40
CA VAL C 151 -11.93 17.19 -6.45
C VAL C 151 -12.38 18.56 -5.98
N ILE C 152 -12.62 18.68 -4.68
CA ILE C 152 -13.16 19.90 -4.10
C ILE C 152 -12.28 20.39 -2.97
N HIS C 153 -12.26 21.70 -2.76
CA HIS C 153 -11.54 22.28 -1.65
C HIS C 153 -12.26 23.52 -1.15
N ASP C 154 -11.78 24.08 -0.04
CA ASP C 154 -12.40 25.26 0.61
C ASP C 154 -11.62 26.57 0.37
N LYS C 155 -10.70 26.55 -0.61
CA LYS C 155 -9.91 27.70 -1.08
C LYS C 155 -8.82 28.08 -0.08
N GLY C 156 -8.54 27.20 0.86
CA GLY C 156 -7.56 27.52 1.92
C GLY C 156 -6.17 27.00 1.58
N ALA C 157 -5.16 27.54 2.26
CA ALA C 157 -3.80 27.09 2.04
C ALA C 157 -3.76 25.56 2.18
N TYR C 158 -4.27 25.05 3.30
CA TYR C 158 -4.37 23.59 3.50
C TYR C 158 -5.22 22.86 2.46
N GLY C 159 -6.50 23.22 2.36
CA GLY C 159 -7.46 22.52 1.51
C GLY C 159 -7.10 22.44 0.03
N LYS C 160 -6.61 23.54 -0.52
CA LYS C 160 -6.28 23.60 -1.95
C LYS C 160 -4.95 22.91 -2.23
N GLY C 161 -3.96 23.13 -1.38
CA GLY C 161 -2.70 22.42 -1.56
C GLY C 161 -2.91 20.90 -1.53
N LEU C 162 -3.75 20.45 -0.63
CA LEU C 162 -4.00 19.03 -0.43
C LEU C 162 -4.70 18.44 -1.65
N ALA C 163 -5.78 19.10 -2.01
CA ALA C 163 -6.61 18.68 -3.09
C ALA C 163 -5.80 18.71 -4.43
N ASP C 164 -5.01 19.75 -4.63
CA ASP C 164 -4.12 19.82 -5.81
C ASP C 164 -3.06 18.73 -5.84
N ALA C 165 -2.53 18.35 -4.70
CA ALA C 165 -1.57 17.26 -4.69
C ALA C 165 -2.29 15.94 -5.01
N PHE C 166 -3.51 15.81 -4.48
CA PHE C 166 -4.34 14.64 -4.79
C PHE C 166 -4.70 14.56 -6.27
N LYS C 167 -5.24 15.63 -6.83
CA LYS C 167 -5.56 15.67 -8.27
C LYS C 167 -4.34 15.26 -9.12
N ALA C 168 -3.19 15.87 -8.83
CA ALA C 168 -1.94 15.62 -9.58
C ALA C 168 -1.47 14.15 -9.53
N ALA C 169 -1.69 13.50 -8.38
CA ALA C 169 -1.35 12.07 -8.22
C ALA C 169 -2.26 11.10 -9.02
N ILE C 170 -3.57 11.31 -8.93
CA ILE C 170 -4.53 10.49 -9.70
C ILE C 170 -4.39 10.74 -11.22
N ASN C 171 -4.12 11.99 -11.63
CA ASN C 171 -3.87 12.25 -13.04
C ASN C 171 -2.68 11.44 -13.54
N LYS C 172 -1.53 11.60 -12.86
CA LYS C 172 -0.32 10.82 -13.15
C LYS C 172 -0.66 9.31 -13.22
N GLY C 173 -1.56 8.87 -12.34
CA GLY C 173 -2.07 7.50 -12.36
C GLY C 173 -3.08 7.16 -13.45
N GLY C 174 -3.59 8.17 -14.13
CA GLY C 174 -4.39 7.96 -15.32
C GLY C 174 -5.86 8.24 -15.12
N ILE C 175 -6.25 8.67 -13.92
CA ILE C 175 -7.64 9.04 -13.70
C ILE C 175 -7.84 10.53 -13.98
N THR C 176 -8.91 10.87 -14.71
CA THR C 176 -9.22 12.25 -15.04
C THR C 176 -10.50 12.67 -14.29
N GLU C 177 -10.38 13.60 -13.34
CA GLU C 177 -11.51 13.99 -12.51
C GLU C 177 -12.63 14.53 -13.36
N VAL C 178 -13.86 14.26 -12.95
CA VAL C 178 -15.02 14.73 -13.71
C VAL C 178 -15.38 16.15 -13.31
N HIS C 179 -14.86 16.63 -12.18
CA HIS C 179 -15.08 18.02 -11.75
C HIS C 179 -14.05 18.50 -10.77
N TYR C 180 -13.67 19.76 -10.93
CA TYR C 180 -12.75 20.41 -10.00
C TYR C 180 -13.36 21.73 -9.58
N ASP C 181 -13.47 21.94 -8.26
CA ASP C 181 -14.20 23.08 -7.74
C ASP C 181 -13.88 23.37 -6.27
N SER C 182 -14.52 24.42 -5.75
CA SER C 182 -14.33 24.85 -4.38
C SER C 182 -15.59 25.38 -3.73
N VAL C 183 -15.60 25.37 -2.39
CA VAL C 183 -16.61 26.04 -1.58
C VAL C 183 -15.94 27.09 -0.72
N THR C 184 -16.73 28.03 -0.23
CA THR C 184 -16.24 29.11 0.66
C THR C 184 -16.54 28.83 2.16
N PRO C 185 -15.51 28.77 3.02
CA PRO C 185 -15.71 28.61 4.47
C PRO C 185 -16.77 29.55 4.99
N GLY C 186 -17.72 29.01 5.75
CA GLY C 186 -18.84 29.79 6.31
C GLY C 186 -20.14 29.64 5.53
N ASP C 187 -20.03 29.35 4.23
CA ASP C 187 -21.19 29.06 3.40
C ASP C 187 -21.87 27.76 3.86
N LYS C 188 -23.21 27.80 3.84
CA LYS C 188 -24.02 26.70 4.40
C LYS C 188 -24.79 25.92 3.35
N ASP C 189 -24.84 26.44 2.13
CA ASP C 189 -25.58 25.84 1.03
C ASP C 189 -24.69 25.56 -0.16
N PHE C 190 -24.30 24.30 -0.31
CA PHE C 190 -23.52 23.86 -1.46
C PHE C 190 -24.38 23.26 -2.59
N SER C 191 -25.68 23.58 -2.63
CA SER C 191 -26.57 23.03 -3.65
C SER C 191 -26.04 23.31 -5.08
N ALA C 192 -25.40 24.47 -5.29
CA ALA C 192 -24.85 24.86 -6.59
C ALA C 192 -23.77 23.91 -7.08
N LEU C 193 -22.88 23.54 -6.18
CA LEU C 193 -21.85 22.55 -6.46
C LEU C 193 -22.51 21.18 -6.65
N VAL C 194 -23.46 20.81 -5.79
CA VAL C 194 -24.12 19.50 -5.88
C VAL C 194 -24.59 19.21 -7.31
N THR C 195 -25.27 20.19 -7.90
CA THR C 195 -25.68 20.17 -9.31
C THR C 195 -24.57 19.75 -10.27
N LYS C 196 -23.41 20.37 -10.11
CA LYS C 196 -22.31 20.17 -11.03
C LYS C 196 -21.82 18.76 -10.80
N LEU C 197 -21.84 18.33 -9.54
CA LEU C 197 -21.44 16.96 -9.21
C LEU C 197 -22.39 15.91 -9.79
N LYS C 198 -23.68 16.20 -9.78
CA LYS C 198 -24.64 15.30 -10.43
C LYS C 198 -24.50 15.30 -11.96
N SER C 199 -24.42 16.47 -12.60
CA SER C 199 -24.15 16.49 -14.06
C SER C 199 -22.89 15.69 -14.41
N ALA C 200 -21.87 15.83 -13.59
CA ALA C 200 -20.62 15.12 -13.82
C ALA C 200 -20.71 13.61 -13.52
N GLY C 201 -21.84 13.18 -12.97
CA GLY C 201 -21.98 11.81 -12.47
C GLY C 201 -20.90 11.40 -11.47
N ALA C 202 -20.45 12.34 -10.63
CA ALA C 202 -19.43 12.07 -9.58
C ALA C 202 -19.91 10.99 -8.63
N GLU C 203 -19.16 9.91 -8.52
CA GLU C 203 -19.43 8.85 -7.56
C GLU C 203 -18.51 8.91 -6.35
N VAL C 204 -17.41 9.66 -6.46
CA VAL C 204 -16.39 9.78 -5.43
C VAL C 204 -15.93 11.24 -5.41
N VAL C 205 -15.85 11.80 -4.19
CA VAL C 205 -15.63 13.21 -4.02
C VAL C 205 -14.55 13.42 -2.95
N TYR C 206 -13.34 13.72 -3.40
CA TYR C 206 -12.28 14.12 -2.50
C TYR C 206 -12.47 15.56 -2.06
N PHE C 207 -12.54 15.80 -0.75
CA PHE C 207 -12.73 17.17 -0.24
C PHE C 207 -11.59 17.62 0.63
N GLY C 208 -10.96 18.71 0.21
CA GLY C 208 -9.80 19.25 0.89
C GLY C 208 -10.28 20.35 1.79
N GLY C 209 -10.29 20.08 3.11
CA GLY C 209 -10.64 21.10 4.09
C GLY C 209 -11.03 20.48 5.42
N TYR C 210 -11.89 21.21 6.14
CA TYR C 210 -12.21 20.88 7.52
C TYR C 210 -13.66 20.48 7.66
N HIS C 211 -14.02 19.98 8.86
CA HIS C 211 -15.35 19.47 9.18
C HIS C 211 -16.56 20.38 8.92
N ALA C 212 -16.50 21.67 9.22
CA ALA C 212 -17.68 22.55 9.05
C ALA C 212 -18.23 22.45 7.63
N GLU C 213 -17.33 22.56 6.67
CA GLU C 213 -17.70 22.47 5.26
C GLU C 213 -17.86 21.03 4.80
N GLY C 214 -16.95 20.18 5.21
CA GLY C 214 -16.94 18.79 4.74
C GLY C 214 -18.16 17.99 5.17
N GLY C 215 -18.56 18.15 6.42
CA GLY C 215 -19.76 17.56 6.91
C GLY C 215 -21.03 18.01 6.20
N LEU C 216 -21.10 19.29 5.84
CA LEU C 216 -22.27 19.81 5.14
C LEU C 216 -22.31 19.27 3.72
N LEU C 217 -21.13 19.17 3.11
CA LEU C 217 -21.00 18.61 1.77
C LEU C 217 -21.52 17.19 1.82
N SER C 218 -21.01 16.42 2.75
CA SER C 218 -21.39 15.03 2.89
C SER C 218 -22.90 14.87 3.01
N ARG C 219 -23.50 15.68 3.89
CA ARG C 219 -24.95 15.72 4.13
C ARG C 219 -25.77 16.10 2.89
N GLN C 220 -25.38 17.18 2.21
CA GLN C 220 -26.17 17.74 1.11
C GLN C 220 -26.08 16.93 -0.20
N LEU C 221 -24.99 16.20 -0.36
CA LEU C 221 -24.83 15.22 -1.44
C LEU C 221 -25.83 14.10 -1.30
N HIS C 222 -25.95 13.59 -0.07
CA HIS C 222 -26.90 12.50 0.23
C HIS C 222 -28.34 13.00 0.19
N ASP C 223 -28.58 14.18 0.73
CA ASP C 223 -29.92 14.79 0.66
C ASP C 223 -30.37 15.05 -0.80
N ALA C 224 -29.42 15.36 -1.67
CA ALA C 224 -29.74 15.47 -3.10
C ALA C 224 -29.92 14.10 -3.81
N GLY C 225 -29.78 13.00 -3.08
CA GLY C 225 -29.93 11.65 -3.65
C GLY C 225 -28.70 10.97 -4.28
N MET C 226 -27.50 11.46 -3.99
CA MET C 226 -26.23 10.87 -4.47
C MET C 226 -25.64 9.87 -3.47
N GLN C 227 -25.00 8.84 -3.99
CA GLN C 227 -24.45 7.78 -3.17
C GLN C 227 -22.93 7.85 -3.32
N ALA C 228 -22.38 9.01 -2.99
CA ALA C 228 -20.95 9.28 -3.17
C ALA C 228 -20.07 9.03 -1.92
N LEU C 229 -18.92 8.41 -2.14
CA LEU C 229 -17.90 8.26 -1.11
C LEU C 229 -17.05 9.54 -0.98
N VAL C 230 -17.08 10.17 0.18
CA VAL C 230 -16.26 11.35 0.43
C VAL C 230 -14.89 10.89 0.89
N LEU C 231 -13.84 11.58 0.42
CA LEU C 231 -12.47 11.38 0.88
C LEU C 231 -11.94 12.69 1.41
N GLY C 232 -10.94 12.64 2.28
CA GLY C 232 -10.31 13.87 2.75
C GLY C 232 -8.95 13.62 3.39
N GLY C 233 -8.34 14.69 3.87
CA GLY C 233 -7.17 14.59 4.76
C GLY C 233 -7.58 14.55 6.22
N GLU C 234 -6.65 14.79 7.14
CA GLU C 234 -6.99 14.77 8.58
C GLU C 234 -7.87 15.96 8.99
N GLY C 235 -8.10 16.87 8.06
CA GLY C 235 -9.08 17.90 8.30
C GLY C 235 -10.49 17.36 8.48
N LEU C 236 -10.74 16.11 8.08
CA LEU C 236 -11.99 15.46 8.45
C LEU C 236 -11.84 14.45 9.63
N SER C 237 -10.85 14.64 10.51
CA SER C 237 -10.57 13.61 11.55
C SER C 237 -11.28 13.83 12.87
N ASN C 238 -11.99 14.95 12.98
CA ASN C 238 -12.68 15.29 14.20
C ASN C 238 -14.11 14.77 14.22
N THR C 239 -14.49 14.21 15.37
CA THR C 239 -15.83 13.67 15.52
C THR C 239 -16.90 14.72 15.18
N GLU C 240 -16.51 16.00 15.21
CA GLU C 240 -17.40 17.07 14.80
C GLU C 240 -17.83 16.89 13.36
N TYR C 241 -17.01 16.21 12.57
CA TYR C 241 -17.41 15.83 11.19
C TYR C 241 -18.61 14.89 11.22
N TRP C 242 -18.59 13.88 12.10
CA TRP C 242 -19.77 13.04 12.30
C TRP C 242 -21.00 13.81 12.84
N ALA C 243 -20.79 14.55 13.92
CA ALA C 243 -21.84 15.40 14.46
C ALA C 243 -22.56 16.18 13.37
N ILE C 244 -21.80 16.76 12.44
CA ILE C 244 -22.37 17.59 11.39
C ILE C 244 -22.91 16.76 10.21
N GLY C 245 -22.10 15.82 9.74
CA GLY C 245 -22.50 14.94 8.66
C GLY C 245 -23.69 14.04 8.96
N GLY C 246 -23.76 13.54 10.18
CA GLY C 246 -24.75 12.53 10.55
C GLY C 246 -24.42 11.16 9.95
N THR C 247 -25.45 10.35 9.78
CA THR C 247 -25.31 8.99 9.25
C THR C 247 -25.00 8.98 7.72
N ASN C 248 -25.35 10.06 7.03
CA ASN C 248 -24.94 10.27 5.63
C ASN C 248 -23.41 10.32 5.42
N ALA C 249 -22.63 10.46 6.50
CA ALA C 249 -21.17 10.41 6.45
C ALA C 249 -20.57 9.01 6.65
N GLN C 250 -21.43 7.99 6.72
CA GLN C 250 -20.99 6.60 6.82
C GLN C 250 -20.04 6.23 5.67
N GLY C 251 -18.86 5.69 6.03
CA GLY C 251 -17.93 5.17 5.02
C GLY C 251 -16.87 6.15 4.56
N THR C 252 -17.04 7.41 4.95
CA THR C 252 -16.09 8.41 4.58
C THR C 252 -14.73 7.92 4.96
N LEU C 253 -13.78 8.08 4.04
CA LEU C 253 -12.39 7.73 4.29
C LEU C 253 -11.56 8.98 4.37
N PHE C 254 -10.65 9.01 5.33
CA PHE C 254 -9.63 10.06 5.44
C PHE C 254 -8.23 9.53 5.78
N THR C 255 -7.21 10.31 5.38
CA THR C 255 -5.83 10.03 5.81
C THR C 255 -5.49 10.73 7.11
N ASN C 256 -4.70 10.05 7.93
CA ASN C 256 -4.11 10.65 9.11
C ASN C 256 -2.84 9.92 9.48
N ALA C 257 -2.13 10.41 10.51
CA ALA C 257 -0.93 9.75 11.03
C ALA C 257 -1.22 8.28 11.36
N LYS C 258 -0.17 7.46 11.34
CA LYS C 258 -0.29 6.05 11.80
C LYS C 258 -0.84 6.05 13.19
N ASP C 259 -1.68 5.06 13.49
CA ASP C 259 -2.31 4.93 14.81
C ASP C 259 -1.20 4.83 15.87
N ALA C 260 -1.17 5.77 16.81
CA ALA C 260 -0.19 5.78 17.90
C ALA C 260 -0.49 4.75 19.01
N THR C 261 -1.77 4.39 19.20
CA THR C 261 -2.12 3.25 20.06
C THR C 261 -1.47 1.93 19.61
N LYS C 262 -1.17 1.78 18.32
CA LYS C 262 -0.45 0.61 17.84
C LYS C 262 1.01 0.59 18.34
N ASN C 263 1.57 1.75 18.63
CA ASN C 263 2.95 1.89 19.06
C ASN C 263 3.11 1.71 20.57
N PRO C 264 4.13 0.93 21.00
CA PRO C 264 4.46 0.78 22.44
C PRO C 264 4.91 2.05 23.19
N ALA C 265 5.59 2.98 22.51
CA ALA C 265 6.17 4.15 23.19
C ALA C 265 5.13 5.18 23.63
N ALA C 266 3.89 4.99 23.17
CA ALA C 266 2.75 5.81 23.57
C ALA C 266 2.15 5.40 24.92
N LYS C 267 2.77 4.43 25.60
CA LYS C 267 2.17 3.80 26.79
C LYS C 267 1.84 4.79 27.88
N ASP C 268 2.79 5.65 28.19
CA ASP C 268 2.63 6.66 29.25
C ASP C 268 1.59 7.70 28.89
N ALA C 269 1.69 8.25 27.68
CA ALA C 269 0.71 9.24 27.19
C ALA C 269 -0.73 8.69 27.20
N ILE C 270 -0.90 7.47 26.71
CA ILE C 270 -2.22 6.86 26.66
C ILE C 270 -2.80 6.72 28.07
N GLN C 271 -1.99 6.26 29.02
CA GLN C 271 -2.49 6.07 30.40
C GLN C 271 -2.95 7.40 31.03
N ALA C 272 -2.14 8.44 30.83
CA ALA C 272 -2.41 9.77 31.38
C ALA C 272 -3.65 10.38 30.79
N LEU C 273 -3.78 10.28 29.46
CA LEU C 273 -5.00 10.75 28.79
C LEU C 273 -6.22 9.95 29.24
N LYS C 274 -6.09 8.62 29.31
CA LYS C 274 -7.16 7.74 29.76
C LYS C 274 -7.64 8.18 31.15
N ALA C 275 -6.70 8.46 32.05
CA ALA C 275 -7.02 8.99 33.40
C ALA C 275 -7.93 10.23 33.36
N LYS C 276 -7.61 11.14 32.44
CA LYS C 276 -8.35 12.40 32.28
C LYS C 276 -9.58 12.29 31.38
N ASN C 277 -9.98 11.07 31.01
CA ASN C 277 -11.09 10.80 30.07
C ASN C 277 -10.91 11.34 28.67
N ILE C 278 -9.67 11.46 28.23
CA ILE C 278 -9.36 12.01 26.90
C ILE C 278 -8.95 10.88 25.93
N PRO C 279 -9.69 10.73 24.80
CA PRO C 279 -9.32 9.71 23.81
C PRO C 279 -7.98 10.04 23.15
N ALA C 280 -7.21 9.00 22.88
CA ALA C 280 -5.86 9.15 22.38
C ALA C 280 -5.86 9.37 20.87
N GLU C 281 -6.48 10.46 20.43
CA GLU C 281 -6.62 10.76 19.00
C GLU C 281 -5.27 11.29 18.46
N ALA C 282 -5.12 11.31 17.14
CA ALA C 282 -3.84 11.61 16.55
C ALA C 282 -3.34 13.04 16.87
N PHE C 283 -4.24 14.02 16.70
CA PHE C 283 -3.89 15.42 16.98
C PHE C 283 -3.49 15.63 18.43
N THR C 284 -4.20 14.96 19.31
CA THR C 284 -3.91 15.02 20.77
C THR C 284 -2.56 14.40 21.12
N MET C 285 -2.21 13.29 20.48
CA MET C 285 -0.90 12.66 20.68
C MET C 285 0.17 13.52 20.07
N ASN C 286 -0.15 14.13 18.92
CA ASN C 286 0.79 14.97 18.22
C ASN C 286 1.19 16.17 19.09
N ALA C 287 0.22 16.82 19.70
CA ALA C 287 0.47 17.89 20.66
C ALA C 287 1.30 17.41 21.86
N TYR C 288 1.06 16.17 22.28
CA TYR C 288 1.84 15.63 23.39
C TYR C 288 3.31 15.53 22.97
N ALA C 289 3.58 15.03 21.77
CA ALA C 289 4.96 14.89 21.28
C ALA C 289 5.67 16.23 21.08
N ALA C 290 4.93 17.25 20.66
CA ALA C 290 5.48 18.58 20.45
C ALA C 290 6.13 19.06 21.72
N VAL C 291 5.46 18.82 22.84
CA VAL C 291 6.01 19.19 24.13
C VAL C 291 7.26 18.37 24.40
N GLU C 292 7.19 17.10 24.06
CA GLU C 292 8.31 16.20 24.29
C GLU C 292 9.49 16.61 23.46
N VAL C 293 9.21 17.08 22.25
CA VAL C 293 10.25 17.61 21.40
C VAL C 293 10.97 18.77 22.02
N ILE C 294 10.20 19.72 22.56
CA ILE C 294 10.74 20.92 23.16
C ILE C 294 11.61 20.58 24.38
N LYS C 295 11.09 19.72 25.26
CA LYS C 295 11.80 19.22 26.44
C LYS C 295 13.15 18.67 26.06
N ALA C 296 13.17 17.75 25.10
CA ALA C 296 14.38 17.06 24.64
C ALA C 296 15.43 18.05 24.16
N GLY C 297 14.99 19.00 23.37
CA GLY C 297 15.82 20.10 22.90
C GLY C 297 16.48 20.88 24.02
N ILE C 298 15.71 21.23 25.04
CA ILE C 298 16.30 21.94 26.17
C ILE C 298 17.37 21.06 26.82
N GLU C 299 17.06 19.78 27.02
CA GLU C 299 18.00 18.85 27.69
C GLU C 299 19.38 18.94 27.04
N ARG C 300 19.39 18.83 25.72
CA ARG C 300 20.63 18.72 24.94
C ARG C 300 21.37 20.01 24.84
N ALA C 301 20.63 21.09 24.57
CA ALA C 301 21.21 22.43 24.55
C ALA C 301 21.68 22.83 25.95
N GLY C 302 21.02 22.29 26.97
CA GLY C 302 21.34 22.56 28.36
C GLY C 302 20.89 23.95 28.77
N SER C 303 20.03 24.56 27.97
CA SER C 303 19.54 25.88 28.28
C SER C 303 18.04 25.98 28.04
N THR C 304 17.40 26.88 28.80
CA THR C 304 16.02 27.28 28.62
C THR C 304 15.93 28.70 28.02
N ASP C 305 17.09 29.33 27.79
CA ASP C 305 17.15 30.75 27.42
C ASP C 305 17.71 31.02 25.98
N ASP C 306 18.43 30.06 25.39
CA ASP C 306 18.91 30.18 24.00
C ASP C 306 18.10 29.21 23.10
N SER C 307 17.03 29.69 22.48
CA SER C 307 16.19 28.84 21.61
C SER C 307 16.88 28.43 20.32
N ALA C 308 17.87 29.19 19.89
CA ALA C 308 18.64 28.86 18.69
C ALA C 308 19.48 27.62 18.91
N ALA C 309 20.10 27.51 20.09
CA ALA C 309 20.84 26.30 20.50
C ALA C 309 19.86 25.13 20.63
N VAL C 310 18.66 25.40 21.11
CA VAL C 310 17.67 24.33 21.22
C VAL C 310 17.36 23.86 19.82
N ALA C 311 17.10 24.81 18.92
CA ALA C 311 16.77 24.51 17.53
C ALA C 311 17.88 23.72 16.83
N LYS C 312 19.13 24.16 17.03
CA LYS C 312 20.28 23.50 16.41
C LYS C 312 20.39 22.10 16.98
N ALA C 313 20.15 21.94 18.28
CA ALA C 313 20.28 20.61 18.89
C ALA C 313 19.22 19.62 18.35
N LEU C 314 17.98 20.08 18.22
CA LEU C 314 16.94 19.27 17.60
C LEU C 314 17.32 18.86 16.17
N HIS C 315 17.99 19.75 15.43
CA HIS C 315 18.39 19.46 14.04
C HIS C 315 19.59 18.52 13.91
N ASP C 316 20.60 18.74 14.75
CA ASP C 316 21.91 18.15 14.53
C ASP C 316 22.02 16.77 15.17
N GLY C 317 20.86 16.20 15.47
CA GLY C 317 20.66 14.84 15.01
C GLY C 317 20.13 13.78 15.93
N LYS C 318 20.63 13.69 17.16
CA LYS C 318 20.17 12.60 18.01
C LYS C 318 18.63 12.43 17.79
N PRO C 319 18.18 11.22 17.48
CA PRO C 319 16.73 11.04 17.32
C PRO C 319 15.98 11.33 18.62
N ILE C 320 14.72 11.72 18.49
CA ILE C 320 13.90 12.08 19.67
C ILE C 320 12.85 11.00 19.93
N GLU C 321 12.93 10.38 21.11
CA GLU C 321 11.98 9.39 21.54
C GLU C 321 10.74 10.11 22.10
N THR C 322 9.57 9.93 21.47
CA THR C 322 8.31 10.58 21.89
C THR C 322 7.15 9.59 21.97
N ALA C 323 5.99 10.10 22.40
CA ALA C 323 4.79 9.28 22.53
C ALA C 323 4.29 8.73 21.21
N ILE C 324 4.63 9.40 20.11
CA ILE C 324 4.22 8.93 18.79
C ILE C 324 5.32 8.13 18.12
N GLY C 325 6.41 7.90 18.84
CA GLY C 325 7.54 7.17 18.30
C GLY C 325 8.75 8.06 18.15
N THR C 326 9.78 7.49 17.53
CA THR C 326 11.09 8.13 17.43
C THR C 326 11.16 9.08 16.20
N LEU C 327 11.58 10.32 16.42
CA LEU C 327 11.58 11.36 15.39
C LEU C 327 13.01 11.83 15.04
N THR C 328 13.30 11.92 13.75
CA THR C 328 14.57 12.49 13.29
C THR C 328 14.25 13.59 12.31
N TYR C 329 14.72 14.80 12.62
CA TYR C 329 14.31 16.00 11.89
C TYR C 329 15.21 16.29 10.72
N SER C 330 14.59 16.59 9.57
CA SER C 330 15.30 17.07 8.40
C SER C 330 15.71 18.52 8.64
N GLU C 331 16.54 19.02 7.74
CA GLU C 331 17.05 20.39 7.77
C GLU C 331 15.91 21.40 7.79
N THR C 332 14.77 21.02 7.21
CA THR C 332 13.60 21.89 7.11
C THR C 332 12.78 21.94 8.41
N GLY C 333 13.04 21.04 9.34
CA GLY C 333 12.22 20.93 10.55
C GLY C 333 11.10 19.91 10.39
N ASP C 334 11.11 19.16 9.26
CA ASP C 334 10.13 18.11 9.01
C ASP C 334 10.62 16.76 9.51
N LEU C 335 9.69 15.83 9.65
CA LEU C 335 10.03 14.45 9.99
C LEU C 335 10.65 13.72 8.80
N SER C 336 11.68 12.92 9.10
CA SER C 336 12.45 12.24 8.05
C SER C 336 11.72 11.00 7.56
N SER C 337 11.00 10.33 8.43
CA SER C 337 10.31 9.11 8.05
C SER C 337 8.82 9.18 8.34
N PRO C 338 8.13 10.19 7.76
CA PRO C 338 6.72 10.35 8.06
C PRO C 338 5.91 9.25 7.38
N SER C 339 4.66 9.09 7.81
CA SER C 339 3.75 8.11 7.24
C SER C 339 2.29 8.50 7.50
N PHE C 340 1.40 8.09 6.59
CA PHE C 340 -0.04 8.30 6.71
C PHE C 340 -0.75 7.00 6.42
N ASP C 341 -1.79 6.70 7.20
CA ASP C 341 -2.71 5.60 6.92
C ASP C 341 -4.08 6.18 6.62
N ILE C 342 -4.94 5.34 6.05
CA ILE C 342 -6.31 5.69 5.75
C ILE C 342 -7.22 5.16 6.87
N PHE C 343 -8.22 5.96 7.24
CA PHE C 343 -9.16 5.56 8.28
C PHE C 343 -10.59 5.76 7.79
N LYS C 344 -11.54 5.16 8.50
CA LYS C 344 -12.92 5.15 8.05
C LYS C 344 -13.87 5.58 9.15
N TRP C 345 -14.81 6.46 8.81
CA TRP C 345 -15.93 6.80 9.71
C TRP C 345 -16.99 5.69 9.68
N ASP C 346 -17.03 4.91 10.77
CA ASP C 346 -18.05 3.87 10.94
C ASP C 346 -18.79 4.07 12.26
N ASP C 347 -20.09 4.37 12.17
CA ASP C 347 -20.95 4.42 13.33
C ASP C 347 -20.42 5.45 14.35
N GLY C 348 -20.06 6.64 13.83
CA GLY C 348 -19.54 7.76 14.66
C GLY C 348 -18.17 7.52 15.26
N LYS C 349 -17.49 6.45 14.84
CA LYS C 349 -16.20 6.07 15.39
C LYS C 349 -15.17 5.98 14.26
N ILE C 350 -13.93 6.29 14.57
CA ILE C 350 -12.84 6.06 13.62
C ILE C 350 -12.35 4.59 13.64
N VAL C 351 -12.24 3.97 12.47
CA VAL C 351 -11.77 2.59 12.33
C VAL C 351 -10.78 2.49 11.14
N GLY C 352 -9.82 1.57 11.23
CA GLY C 352 -8.70 1.48 10.30
C GLY C 352 -8.98 0.67 9.04
N LEU C 353 -7.96 0.57 8.19
CA LEU C 353 -8.03 -0.18 6.93
C LEU C 353 -9.12 0.38 6.03
N ASP D 10 23.31 -3.09 -22.19
CA ASP D 10 22.30 -4.18 -22.35
C ASP D 10 21.75 -4.65 -20.99
N ILE D 11 20.42 -4.71 -20.89
CA ILE D 11 19.74 -5.12 -19.66
C ILE D 11 19.37 -6.60 -19.77
N THR D 12 19.90 -7.40 -18.86
CA THR D 12 19.67 -8.83 -18.87
C THR D 12 18.61 -9.25 -17.85
N ILE D 13 17.59 -9.94 -18.34
CA ILE D 13 16.59 -10.56 -17.47
C ILE D 13 16.76 -12.05 -17.58
N GLY D 14 16.85 -12.72 -16.44
CA GLY D 14 16.92 -14.17 -16.42
C GLY D 14 15.54 -14.82 -16.40
N VAL D 15 15.40 -15.96 -17.05
CA VAL D 15 14.14 -16.67 -17.08
C VAL D 15 14.32 -18.09 -16.52
N ILE D 16 13.78 -18.34 -15.33
CA ILE D 16 13.93 -19.60 -14.70
C ILE D 16 12.60 -20.28 -14.85
N ALA D 17 12.58 -21.34 -15.66
CA ALA D 17 11.34 -21.98 -16.08
C ALA D 17 11.52 -23.45 -16.42
N PRO D 18 10.43 -24.23 -16.29
CA PRO D 18 10.47 -25.65 -16.68
C PRO D 18 10.41 -25.78 -18.18
N LEU D 19 11.59 -25.80 -18.79
CA LEU D 19 11.71 -26.06 -20.20
C LEU D 19 11.66 -27.54 -20.50
N THR D 20 11.92 -28.41 -19.52
CA THR D 20 11.83 -29.86 -19.73
C THR D 20 11.07 -30.50 -18.63
N GLY D 21 10.72 -31.75 -18.80
CA GLY D 21 9.99 -32.46 -17.75
C GLY D 21 8.48 -32.39 -17.84
N PRO D 22 7.80 -32.86 -16.80
CA PRO D 22 6.36 -33.05 -16.83
C PRO D 22 5.52 -31.77 -16.92
N VAL D 23 6.08 -30.63 -16.52
CA VAL D 23 5.35 -29.35 -16.63
C VAL D 23 6.01 -28.40 -17.62
N ALA D 24 6.79 -28.98 -18.53
CA ALA D 24 7.45 -28.21 -19.60
C ALA D 24 6.48 -27.32 -20.38
N ALA D 25 5.23 -27.77 -20.54
CA ALA D 25 4.24 -27.00 -21.27
C ALA D 25 4.00 -25.60 -20.64
N PHE D 26 3.95 -25.53 -19.31
CA PHE D 26 3.86 -24.24 -18.60
C PHE D 26 5.08 -23.33 -18.90
N GLY D 27 6.28 -23.92 -18.90
CA GLY D 27 7.49 -23.15 -19.12
C GLY D 27 7.58 -22.60 -20.55
N ASP D 28 7.07 -23.37 -21.50
CA ASP D 28 7.00 -22.91 -22.89
C ASP D 28 6.12 -21.66 -23.00
N GLN D 29 4.96 -21.70 -22.36
CA GLN D 29 4.11 -20.50 -22.24
C GLN D 29 4.84 -19.29 -21.70
N VAL D 30 5.56 -19.49 -20.61
CA VAL D 30 6.21 -18.37 -19.95
C VAL D 30 7.31 -17.86 -20.88
N LYS D 31 8.05 -18.79 -21.46
CA LYS D 31 9.19 -18.45 -22.29
C LYS D 31 8.74 -17.56 -23.43
N LYS D 32 7.74 -18.06 -24.16
CA LYS D 32 7.19 -17.36 -25.31
C LYS D 32 6.58 -16.02 -24.96
N GLY D 33 5.96 -15.92 -23.79
CA GLY D 33 5.41 -14.66 -23.33
C GLY D 33 6.48 -13.62 -22.98
N ALA D 34 7.60 -14.07 -22.40
CA ALA D 34 8.69 -13.14 -22.10
C ALA D 34 9.43 -12.72 -23.38
N GLU D 35 9.71 -13.66 -24.26
CA GLU D 35 10.35 -13.36 -25.55
C GLU D 35 9.56 -12.32 -26.35
N THR D 36 8.24 -12.44 -26.41
CA THR D 36 7.42 -11.54 -27.21
C THR D 36 7.42 -10.14 -26.59
N ALA D 37 7.24 -10.05 -25.27
CA ALA D 37 7.39 -8.77 -24.58
C ALA D 37 8.79 -8.13 -24.80
N VAL D 38 9.83 -8.94 -24.85
CA VAL D 38 11.14 -8.39 -25.08
C VAL D 38 11.26 -7.88 -26.53
N GLU D 39 10.76 -8.65 -27.50
CA GLU D 39 10.83 -8.21 -28.90
C GLU D 39 10.14 -6.88 -29.07
N VAL D 40 8.91 -6.82 -28.58
CA VAL D 40 8.11 -5.62 -28.70
C VAL D 40 8.76 -4.43 -27.98
N ILE D 41 9.34 -4.66 -26.79
CA ILE D 41 9.93 -3.58 -26.01
C ILE D 41 11.08 -2.98 -26.78
N ASN D 42 11.96 -3.84 -27.29
CA ASN D 42 13.13 -3.38 -28.03
C ASN D 42 12.78 -2.61 -29.32
N LYS D 43 11.71 -3.02 -30.00
CA LYS D 43 11.29 -2.38 -31.24
C LYS D 43 10.72 -0.98 -31.00
N ALA D 44 10.30 -0.69 -29.77
CA ALA D 44 9.85 0.66 -29.39
C ALA D 44 10.96 1.52 -28.78
N GLY D 45 12.19 1.03 -28.77
CA GLY D 45 13.33 1.81 -28.23
C GLY D 45 13.92 1.31 -26.91
N GLY D 46 13.57 0.10 -26.49
CA GLY D 46 14.14 -0.48 -25.28
C GLY D 46 13.57 0.14 -24.02
N ILE D 47 14.37 0.18 -22.95
CA ILE D 47 13.86 0.61 -21.64
C ILE D 47 14.18 2.10 -21.41
N LYS D 48 15.43 2.38 -21.00
CA LYS D 48 15.89 3.75 -20.82
C LYS D 48 16.54 4.17 -22.14
N GLY D 49 16.49 3.27 -23.14
CA GLY D 49 17.23 3.40 -24.37
C GLY D 49 18.15 2.20 -24.62
N GLU D 50 18.18 1.25 -23.69
CA GLU D 50 19.09 0.10 -23.82
C GLU D 50 18.32 -1.17 -24.16
N LYS D 51 18.95 -2.07 -24.92
CA LYS D 51 18.29 -3.28 -25.45
C LYS D 51 18.17 -4.33 -24.33
N VAL D 52 17.03 -5.06 -24.34
CA VAL D 52 16.76 -6.06 -23.32
C VAL D 52 17.07 -7.42 -23.90
N VAL D 53 17.59 -8.32 -23.09
CA VAL D 53 17.93 -9.66 -23.52
C VAL D 53 17.49 -10.66 -22.44
N LEU D 54 17.03 -11.83 -22.86
CA LEU D 54 16.64 -12.89 -21.94
C LEU D 54 17.72 -13.95 -21.89
N LYS D 55 18.05 -14.46 -20.69
CA LYS D 55 18.90 -15.66 -20.55
C LYS D 55 18.09 -16.72 -19.82
N PHE D 56 18.03 -17.92 -20.41
CA PHE D 56 17.19 -18.99 -19.93
C PHE D 56 17.96 -20.04 -19.15
N ALA D 57 17.38 -20.48 -18.04
CA ALA D 57 17.91 -21.56 -17.23
C ALA D 57 16.78 -22.50 -16.79
N ASP D 58 16.88 -23.78 -17.19
CA ASP D 58 15.82 -24.79 -17.07
C ASP D 58 15.82 -25.31 -15.65
N ASP D 59 14.68 -25.26 -14.96
CA ASP D 59 14.54 -25.86 -13.63
C ASP D 59 13.92 -27.23 -13.70
N ALA D 60 13.47 -27.61 -14.89
CA ALA D 60 12.77 -28.84 -15.13
C ALA D 60 11.68 -29.11 -14.10
N GLY D 61 11.08 -28.05 -13.54
CA GLY D 61 10.06 -28.20 -12.53
C GLY D 61 10.50 -28.99 -11.30
N GLU D 62 11.81 -29.04 -11.02
CA GLU D 62 12.34 -29.74 -9.86
C GLU D 62 13.12 -28.74 -9.02
N PRO D 63 12.84 -28.69 -7.70
CA PRO D 63 13.41 -27.73 -6.75
C PRO D 63 14.92 -27.69 -6.74
N LYS D 64 15.56 -28.85 -6.71
CA LYS D 64 17.01 -28.93 -6.66
C LYS D 64 17.61 -28.21 -7.84
N GLN D 65 16.99 -28.42 -8.99
CA GLN D 65 17.54 -27.90 -10.24
C GLN D 65 17.17 -26.43 -10.41
N GLY D 66 16.09 -26.02 -9.77
CA GLY D 66 15.81 -24.59 -9.65
C GLY D 66 16.82 -23.79 -8.83
N VAL D 67 17.25 -24.36 -7.71
CA VAL D 67 18.28 -23.73 -6.92
C VAL D 67 19.57 -23.66 -7.78
N SER D 68 19.87 -24.76 -8.46
CA SER D 68 21.01 -24.80 -9.38
C SER D 68 20.89 -23.70 -10.44
N ALA D 69 19.74 -23.65 -11.07
CA ALA D 69 19.47 -22.55 -12.02
C ALA D 69 19.57 -21.16 -11.38
N ALA D 70 19.06 -21.02 -10.15
CA ALA D 70 19.11 -19.73 -9.43
C ALA D 70 20.53 -19.29 -9.12
N ASN D 71 21.38 -20.26 -8.84
CA ASN D 71 22.79 -19.99 -8.57
C ASN D 71 23.54 -19.58 -9.82
N GLN D 72 23.23 -20.23 -10.96
CA GLN D 72 23.88 -19.87 -12.24
C GLN D 72 23.58 -18.43 -12.63
N ILE D 73 22.31 -18.06 -12.51
CA ILE D 73 21.83 -16.67 -12.71
C ILE D 73 22.54 -15.67 -11.79
N VAL D 74 22.70 -16.03 -10.51
CA VAL D 74 23.41 -15.18 -9.58
C VAL D 74 24.87 -14.99 -10.06
N GLY D 75 25.54 -16.12 -10.32
CA GLY D 75 26.90 -16.11 -10.88
C GLY D 75 27.05 -15.26 -12.13
N ASP D 76 26.03 -15.32 -13.02
CA ASP D 76 25.99 -14.50 -14.24
C ASP D 76 25.73 -13.00 -13.92
N GLY D 77 25.75 -12.62 -12.63
CA GLY D 77 25.53 -11.22 -12.21
C GLY D 77 24.16 -10.61 -12.57
N ILE D 78 23.18 -11.44 -12.89
CA ILE D 78 21.85 -10.97 -13.35
C ILE D 78 20.95 -10.50 -12.20
N LYS D 79 20.32 -9.35 -12.38
CA LYS D 79 19.63 -8.66 -11.29
C LYS D 79 18.10 -8.86 -11.28
N PHE D 80 17.58 -9.41 -12.37
CA PHE D 80 16.15 -9.51 -12.62
C PHE D 80 15.77 -10.86 -13.25
N VAL D 81 14.69 -11.45 -12.76
CA VAL D 81 14.27 -12.76 -13.18
C VAL D 81 12.78 -12.78 -13.44
N VAL D 82 12.38 -13.47 -14.51
CA VAL D 82 11.00 -13.83 -14.69
C VAL D 82 10.94 -15.36 -14.63
N GLY D 83 9.96 -15.90 -13.94
CA GLY D 83 9.93 -17.30 -13.68
C GLY D 83 9.34 -17.72 -12.35
N LEU D 84 9.98 -18.69 -11.69
CA LEU D 84 9.50 -19.24 -10.45
C LEU D 84 8.08 -19.72 -10.72
N VAL D 85 7.95 -20.65 -11.67
CA VAL D 85 6.68 -20.92 -12.32
C VAL D 85 5.79 -21.82 -11.50
N THR D 86 6.36 -22.88 -10.96
CA THR D 86 5.66 -23.69 -9.98
C THR D 86 6.01 -23.27 -8.56
N THR D 87 5.08 -23.51 -7.65
CA THR D 87 5.27 -23.17 -6.26
C THR D 87 6.42 -23.99 -5.61
N GLY D 88 6.51 -25.28 -5.91
CA GLY D 88 7.56 -26.16 -5.32
C GLY D 88 8.99 -25.65 -5.62
N VAL D 89 9.15 -25.05 -6.80
CA VAL D 89 10.42 -24.46 -7.27
C VAL D 89 10.51 -22.98 -6.83
N ALA D 90 9.43 -22.23 -6.99
CA ALA D 90 9.38 -20.82 -6.60
C ALA D 90 9.98 -20.53 -5.25
N VAL D 91 9.50 -21.23 -4.22
CA VAL D 91 9.86 -20.88 -2.88
C VAL D 91 11.37 -21.05 -2.57
N PRO D 92 11.96 -22.26 -2.71
CA PRO D 92 13.41 -22.31 -2.47
C PRO D 92 14.22 -21.51 -3.46
N VAL D 93 13.75 -21.31 -4.70
CA VAL D 93 14.47 -20.40 -5.63
C VAL D 93 14.42 -18.97 -5.16
N SER D 94 13.25 -18.58 -4.67
CA SER D 94 13.02 -17.25 -4.13
C SER D 94 14.04 -16.86 -3.11
N ASP D 95 14.44 -17.81 -2.26
CA ASP D 95 15.39 -17.53 -1.17
C ASP D 95 16.79 -17.22 -1.67
N VAL D 96 17.26 -18.02 -2.62
CA VAL D 96 18.57 -17.85 -3.21
C VAL D 96 18.63 -16.53 -3.93
N LEU D 97 17.59 -16.19 -4.71
CA LEU D 97 17.64 -14.94 -5.46
C LEU D 97 17.50 -13.74 -4.55
N SER D 98 16.57 -13.81 -3.59
CA SER D 98 16.32 -12.65 -2.72
C SER D 98 17.57 -12.26 -1.93
N GLU D 99 18.18 -13.25 -1.26
CA GLU D 99 19.40 -13.00 -0.47
C GLU D 99 20.58 -12.45 -1.30
N ASN D 100 20.58 -12.71 -2.63
CA ASN D 100 21.64 -12.29 -3.53
C ASN D 100 21.24 -11.05 -4.36
N GLY D 101 20.18 -10.38 -3.96
CA GLY D 101 19.84 -9.06 -4.49
C GLY D 101 19.30 -9.08 -5.90
N VAL D 102 18.60 -10.17 -6.25
CA VAL D 102 17.98 -10.28 -7.59
C VAL D 102 16.48 -10.29 -7.45
N LEU D 103 15.86 -9.34 -8.15
CA LEU D 103 14.44 -9.14 -8.11
C LEU D 103 13.83 -10.26 -8.92
N MET D 104 12.70 -10.79 -8.47
CA MET D 104 12.00 -11.85 -9.26
C MET D 104 10.54 -11.50 -9.44
N VAL D 105 9.98 -11.92 -10.56
CA VAL D 105 8.55 -11.75 -10.80
C VAL D 105 7.99 -13.09 -11.28
N THR D 106 7.02 -13.65 -10.59
CA THR D 106 6.43 -14.91 -11.05
C THR D 106 5.17 -14.55 -11.79
N PRO D 107 4.97 -15.12 -12.96
CA PRO D 107 3.72 -14.90 -13.65
C PRO D 107 2.70 -15.99 -13.36
N THR D 108 3.06 -17.02 -12.61
CA THR D 108 2.22 -18.23 -12.50
C THR D 108 2.15 -18.88 -11.12
N ALA D 109 3.17 -18.69 -10.30
CA ALA D 109 3.17 -19.35 -8.99
C ALA D 109 2.12 -18.71 -8.10
N THR D 110 1.20 -19.50 -7.56
CA THR D 110 0.04 -19.00 -6.80
C THR D 110 0.06 -19.35 -5.31
N GLY D 111 1.00 -20.17 -4.91
CA GLY D 111 1.00 -20.61 -3.56
C GLY D 111 1.35 -19.38 -2.71
N PRO D 112 0.61 -19.18 -1.59
CA PRO D 112 0.66 -18.02 -0.71
C PRO D 112 1.99 -17.83 -0.01
N ASP D 113 2.66 -18.95 0.27
CA ASP D 113 3.92 -19.02 1.00
C ASP D 113 4.97 -18.13 0.33
N LEU D 114 4.87 -17.96 -1.00
CA LEU D 114 5.86 -17.21 -1.78
C LEU D 114 5.97 -15.79 -1.26
N THR D 115 4.79 -15.21 -0.97
CA THR D 115 4.67 -13.81 -0.52
C THR D 115 4.32 -13.61 0.98
N ALA D 116 4.53 -14.62 1.80
CA ALA D 116 4.12 -14.61 3.18
C ALA D 116 5.29 -14.46 4.12
N ARG D 117 6.49 -14.38 3.55
CA ARG D 117 7.74 -14.53 4.33
C ARG D 117 8.57 -13.27 4.44
N GLY D 118 8.02 -12.14 4.02
CA GLY D 118 8.70 -10.85 4.21
C GLY D 118 9.71 -10.49 3.15
N LEU D 119 9.82 -11.28 2.09
CA LEU D 119 10.75 -10.93 0.99
C LEU D 119 10.23 -9.69 0.28
N GLU D 120 11.15 -8.77 0.02
CA GLU D 120 10.85 -7.45 -0.43
C GLU D 120 11.21 -7.24 -1.89
N ASN D 121 11.63 -8.31 -2.56
CA ASN D 121 11.95 -8.21 -3.97
C ASN D 121 11.30 -9.30 -4.78
N VAL D 122 10.13 -9.74 -4.34
CA VAL D 122 9.34 -10.77 -5.00
C VAL D 122 8.04 -10.16 -5.44
N PHE D 123 7.64 -10.44 -6.66
CA PHE D 123 6.38 -9.95 -7.19
C PHE D 123 5.73 -11.03 -7.96
N ARG D 124 4.41 -10.95 -8.09
CA ARG D 124 3.63 -11.84 -8.94
C ARG D 124 2.88 -11.03 -9.97
N THR D 125 2.61 -11.63 -11.13
CA THR D 125 1.60 -11.11 -12.06
C THR D 125 0.38 -11.99 -12.08
N CYS D 126 0.22 -12.80 -11.03
CA CYS D 126 -0.91 -13.70 -10.87
C CYS D 126 -1.40 -13.63 -9.45
N GLY D 127 -2.60 -14.14 -9.21
CA GLY D 127 -3.20 -14.15 -7.86
C GLY D 127 -2.73 -15.29 -6.97
N ARG D 128 -3.55 -15.58 -5.96
CA ARG D 128 -3.17 -16.63 -4.96
C ARG D 128 -4.19 -17.74 -4.76
N ASP D 129 -3.72 -18.89 -4.27
CA ASP D 129 -4.56 -20.11 -4.22
C ASP D 129 -5.79 -19.94 -3.35
N GLY D 130 -5.66 -19.20 -2.24
CA GLY D 130 -6.80 -19.03 -1.33
C GLY D 130 -7.98 -18.53 -2.15
N GLN D 131 -7.73 -17.45 -2.88
CA GLN D 131 -8.78 -16.83 -3.60
C GLN D 131 -9.36 -17.77 -4.70
N GLN D 132 -8.54 -18.51 -5.44
CA GLN D 132 -9.11 -19.27 -6.57
C GLN D 132 -9.86 -20.47 -6.07
N ALA D 133 -9.41 -20.98 -4.93
CA ALA D 133 -10.04 -22.06 -4.28
C ALA D 133 -11.42 -21.66 -3.88
N GLU D 134 -11.46 -20.47 -3.28
CA GLU D 134 -12.71 -19.88 -2.81
C GLU D 134 -13.71 -19.59 -3.92
N VAL D 135 -13.23 -19.11 -5.08
CA VAL D 135 -14.11 -18.89 -6.24
C VAL D 135 -14.70 -20.24 -6.72
N MET D 136 -13.89 -21.29 -6.78
CA MET D 136 -14.46 -22.61 -7.13
C MET D 136 -15.40 -23.12 -6.01
N ALA D 137 -15.00 -22.96 -4.75
CA ALA D 137 -15.86 -23.36 -3.65
C ALA D 137 -17.26 -22.63 -3.68
N ASP D 138 -17.26 -21.32 -3.89
CA ASP D 138 -18.54 -20.58 -3.97
C ASP D 138 -19.46 -21.12 -5.09
N TYR D 139 -18.86 -21.49 -6.22
CA TYR D 139 -19.61 -22.07 -7.34
C TYR D 139 -20.21 -23.47 -6.99
N VAL D 140 -19.39 -24.34 -6.39
CA VAL D 140 -19.89 -25.63 -5.93
C VAL D 140 -20.98 -25.45 -4.86
N LEU D 141 -20.76 -24.58 -3.89
CA LEU D 141 -21.78 -24.28 -2.85
C LEU D 141 -23.11 -23.74 -3.44
N LYS D 142 -23.01 -22.90 -4.48
CA LYS D 142 -24.19 -22.32 -5.13
C LYS D 142 -24.93 -23.31 -6.00
N ASN D 143 -24.21 -24.13 -6.80
CA ASN D 143 -24.82 -25.01 -7.85
C ASN D 143 -24.78 -26.50 -7.61
N MET D 144 -23.98 -26.96 -6.68
CA MET D 144 -23.86 -28.40 -6.46
C MET D 144 -23.94 -28.79 -5.00
N LYS D 145 -24.64 -27.98 -4.22
CA LYS D 145 -24.63 -28.12 -2.73
C LYS D 145 -24.85 -29.57 -2.26
N ASP D 146 -25.67 -30.32 -2.99
CA ASP D 146 -26.02 -31.68 -2.59
C ASP D 146 -25.24 -32.78 -3.33
N LYS D 147 -24.24 -32.42 -4.13
CA LYS D 147 -23.42 -33.42 -4.81
C LYS D 147 -22.40 -34.01 -3.81
N LYS D 148 -22.04 -35.28 -4.05
CA LYS D 148 -20.98 -35.92 -3.32
C LYS D 148 -19.61 -35.50 -3.88
N VAL D 149 -18.89 -34.71 -3.09
CA VAL D 149 -17.64 -34.09 -3.49
C VAL D 149 -16.43 -34.71 -2.84
N ALA D 150 -15.39 -34.92 -3.67
CA ALA D 150 -14.12 -35.42 -3.20
C ALA D 150 -13.02 -34.39 -3.44
N VAL D 151 -12.00 -34.48 -2.60
CA VAL D 151 -10.89 -33.54 -2.64
C VAL D 151 -9.58 -34.33 -2.76
N ILE D 152 -8.91 -34.12 -3.90
CA ILE D 152 -7.72 -34.83 -4.28
C ILE D 152 -6.58 -33.81 -4.57
N HIS D 153 -5.36 -34.14 -4.14
CA HIS D 153 -4.20 -33.33 -4.54
C HIS D 153 -2.99 -34.24 -4.97
N ASP D 154 -1.88 -33.64 -5.37
CA ASP D 154 -0.71 -34.36 -5.85
C ASP D 154 0.48 -34.26 -4.85
N LYS D 155 0.16 -34.01 -3.60
CA LYS D 155 1.13 -33.83 -2.52
C LYS D 155 2.03 -32.60 -2.64
N GLY D 156 1.86 -31.82 -3.69
CA GLY D 156 2.77 -30.70 -3.94
C GLY D 156 2.45 -29.52 -3.08
N ALA D 157 3.42 -28.61 -2.97
CA ALA D 157 3.11 -27.33 -2.34
C ALA D 157 1.84 -26.68 -2.96
N TYR D 158 1.79 -26.57 -4.28
CA TYR D 158 0.62 -26.00 -4.94
C TYR D 158 -0.63 -26.86 -4.77
N GLY D 159 -0.57 -28.10 -5.23
CA GLY D 159 -1.77 -28.95 -5.24
C GLY D 159 -2.40 -29.09 -3.87
N LYS D 160 -1.58 -29.45 -2.88
CA LYS D 160 -2.07 -29.71 -1.54
C LYS D 160 -2.57 -28.44 -0.95
N GLY D 161 -1.81 -27.38 -1.07
CA GLY D 161 -2.30 -26.10 -0.52
C GLY D 161 -3.59 -25.65 -1.18
N LEU D 162 -3.66 -25.80 -2.49
CA LEU D 162 -4.82 -25.43 -3.23
C LEU D 162 -6.01 -26.29 -2.79
N ALA D 163 -5.86 -27.61 -2.79
CA ALA D 163 -6.98 -28.46 -2.42
C ALA D 163 -7.44 -28.28 -0.95
N ASP D 164 -6.50 -28.01 -0.05
CA ASP D 164 -6.82 -27.71 1.35
C ASP D 164 -7.62 -26.41 1.56
N ALA D 165 -7.38 -25.43 0.72
CA ALA D 165 -8.15 -24.21 0.81
C ALA D 165 -9.54 -24.45 0.22
N PHE D 166 -9.62 -25.24 -0.84
CA PHE D 166 -10.91 -25.61 -1.39
C PHE D 166 -11.78 -26.32 -0.33
N LYS D 167 -11.23 -27.38 0.27
CA LYS D 167 -11.83 -28.12 1.40
C LYS D 167 -12.31 -27.21 2.52
N ALA D 168 -11.42 -26.32 2.97
CA ALA D 168 -11.79 -25.41 4.06
C ALA D 168 -13.06 -24.58 3.73
N ALA D 169 -13.11 -24.07 2.49
CA ALA D 169 -14.24 -23.26 2.05
C ALA D 169 -15.55 -24.05 1.90
N ILE D 170 -15.49 -25.26 1.33
CA ILE D 170 -16.72 -26.00 1.14
C ILE D 170 -17.19 -26.53 2.48
N ASN D 171 -16.25 -26.84 3.38
CA ASN D 171 -16.63 -27.28 4.74
C ASN D 171 -17.33 -26.13 5.49
N LYS D 172 -16.75 -24.95 5.41
CA LYS D 172 -17.32 -23.75 5.99
C LYS D 172 -18.74 -23.53 5.46
N GLY D 173 -18.96 -23.81 4.18
CA GLY D 173 -20.26 -23.59 3.54
C GLY D 173 -21.19 -24.76 3.77
N GLY D 174 -20.74 -25.80 4.48
CA GLY D 174 -21.61 -26.86 4.98
C GLY D 174 -21.51 -28.16 4.21
N ILE D 175 -20.53 -28.27 3.30
CA ILE D 175 -20.35 -29.49 2.52
C ILE D 175 -19.28 -30.33 3.15
N THR D 176 -19.61 -31.57 3.43
CA THR D 176 -18.61 -32.50 3.95
C THR D 176 -18.13 -33.44 2.81
N GLU D 177 -16.83 -33.36 2.48
CA GLU D 177 -16.27 -34.18 1.40
C GLU D 177 -16.39 -35.66 1.71
N VAL D 178 -16.71 -36.48 0.71
CA VAL D 178 -16.88 -37.92 0.92
C VAL D 178 -15.56 -38.64 0.85
N HIS D 179 -14.54 -37.97 0.32
CA HIS D 179 -13.22 -38.54 0.29
C HIS D 179 -12.16 -37.48 0.12
N TYR D 180 -11.04 -37.67 0.84
CA TYR D 180 -9.86 -36.81 0.76
C TYR D 180 -8.63 -37.67 0.52
N ASP D 181 -7.82 -37.29 -0.43
CA ASP D 181 -6.76 -38.19 -0.86
C ASP D 181 -5.78 -37.54 -1.78
N SER D 182 -4.73 -38.27 -2.11
CA SER D 182 -3.70 -37.75 -2.97
C SER D 182 -3.09 -38.82 -3.89
N VAL D 183 -2.44 -38.36 -4.96
CA VAL D 183 -1.67 -39.22 -5.86
C VAL D 183 -0.22 -38.75 -5.81
N THR D 184 0.71 -39.53 -6.34
CA THR D 184 2.09 -39.15 -6.38
C THR D 184 2.43 -38.74 -7.83
N PRO D 185 3.02 -37.56 -7.99
CA PRO D 185 3.46 -37.16 -9.33
C PRO D 185 4.42 -38.19 -9.97
N GLY D 186 4.19 -38.52 -11.24
CA GLY D 186 4.86 -39.67 -11.84
C GLY D 186 4.05 -40.97 -11.94
N ASP D 187 3.15 -41.22 -10.99
CA ASP D 187 2.33 -42.47 -11.04
C ASP D 187 1.34 -42.39 -12.19
N LYS D 188 1.19 -43.53 -12.85
CA LYS D 188 0.34 -43.66 -14.01
C LYS D 188 -0.91 -44.43 -13.72
N ASP D 189 -0.99 -45.05 -12.58
CA ASP D 189 -2.15 -45.89 -12.28
C ASP D 189 -2.88 -45.41 -10.99
N PHE D 190 -4.04 -44.82 -11.20
CA PHE D 190 -4.84 -44.29 -10.10
C PHE D 190 -6.01 -45.21 -9.73
N SER D 191 -5.93 -46.48 -10.08
CA SER D 191 -7.07 -47.41 -9.90
C SER D 191 -7.47 -47.53 -8.43
N ALA D 192 -6.50 -47.47 -7.53
CA ALA D 192 -6.78 -47.65 -6.13
C ALA D 192 -7.58 -46.46 -5.62
N LEU D 193 -7.26 -45.27 -6.12
CA LEU D 193 -8.02 -44.06 -5.77
C LEU D 193 -9.46 -44.07 -6.34
N VAL D 194 -9.57 -44.43 -7.59
CA VAL D 194 -10.87 -44.54 -8.24
C VAL D 194 -11.80 -45.50 -7.45
N THR D 195 -11.23 -46.61 -7.00
CA THR D 195 -11.96 -47.58 -6.20
C THR D 195 -12.61 -46.93 -5.01
N LYS D 196 -11.83 -46.10 -4.34
CA LYS D 196 -12.29 -45.45 -3.13
C LYS D 196 -13.34 -44.40 -3.45
N LEU D 197 -13.18 -43.73 -4.59
CA LEU D 197 -14.14 -42.72 -5.03
C LEU D 197 -15.42 -43.38 -5.46
N LYS D 198 -15.33 -44.55 -6.06
CA LYS D 198 -16.54 -45.34 -6.26
C LYS D 198 -17.26 -45.69 -4.97
N SER D 199 -16.61 -46.30 -3.98
CA SER D 199 -17.32 -46.59 -2.74
C SER D 199 -17.96 -45.32 -2.16
N ALA D 200 -17.24 -44.19 -2.23
CA ALA D 200 -17.72 -42.94 -1.67
C ALA D 200 -18.87 -42.27 -2.46
N GLY D 201 -19.17 -42.78 -3.65
CA GLY D 201 -20.21 -42.23 -4.54
C GLY D 201 -19.81 -40.89 -5.17
N ALA D 202 -18.51 -40.59 -5.26
CA ALA D 202 -18.09 -39.27 -5.68
C ALA D 202 -18.69 -38.84 -7.03
N GLU D 203 -19.35 -37.70 -7.05
CA GLU D 203 -19.90 -37.10 -8.26
C GLU D 203 -19.10 -35.91 -8.73
N VAL D 204 -18.34 -35.29 -7.84
CA VAL D 204 -17.52 -34.11 -8.18
C VAL D 204 -16.13 -34.34 -7.58
N VAL D 205 -15.10 -34.21 -8.38
CA VAL D 205 -13.73 -34.44 -7.91
C VAL D 205 -12.82 -33.22 -8.10
N TYR D 206 -12.56 -32.51 -7.01
CA TYR D 206 -11.61 -31.38 -7.07
C TYR D 206 -10.22 -31.95 -7.07
N PHE D 207 -9.41 -31.57 -8.03
CA PHE D 207 -8.04 -32.00 -8.09
C PHE D 207 -7.08 -30.83 -8.01
N GLY D 208 -6.23 -30.85 -7.00
CA GLY D 208 -5.21 -29.82 -6.89
C GLY D 208 -3.88 -30.32 -7.45
N GLY D 209 -3.49 -29.78 -8.60
CA GLY D 209 -2.27 -30.21 -9.26
C GLY D 209 -2.22 -29.91 -10.74
N TYR D 210 -1.42 -30.69 -11.46
CA TYR D 210 -1.14 -30.39 -12.87
C TYR D 210 -1.72 -31.42 -13.86
N HIS D 211 -1.50 -31.18 -15.15
CA HIS D 211 -2.17 -31.93 -16.21
C HIS D 211 -1.74 -33.38 -16.27
N ALA D 212 -0.46 -33.69 -16.04
CA ALA D 212 -0.04 -35.08 -16.18
C ALA D 212 -0.87 -35.94 -15.25
N GLU D 213 -1.05 -35.52 -14.01
CA GLU D 213 -1.85 -36.30 -13.07
C GLU D 213 -3.33 -36.10 -13.27
N GLY D 214 -3.70 -34.85 -13.48
CA GLY D 214 -5.08 -34.48 -13.63
C GLY D 214 -5.75 -35.16 -14.82
N GLY D 215 -5.01 -35.17 -15.92
CA GLY D 215 -5.45 -35.80 -17.15
C GLY D 215 -5.72 -37.27 -16.97
N LEU D 216 -4.79 -37.94 -16.32
CA LEU D 216 -4.88 -39.36 -16.17
C LEU D 216 -6.05 -39.71 -15.25
N LEU D 217 -6.19 -38.93 -14.17
CA LEU D 217 -7.28 -39.09 -13.22
C LEU D 217 -8.61 -38.96 -13.93
N SER D 218 -8.71 -37.96 -14.80
CA SER D 218 -9.93 -37.75 -15.53
C SER D 218 -10.25 -38.93 -16.48
N ARG D 219 -9.22 -39.42 -17.14
CA ARG D 219 -9.38 -40.53 -18.04
C ARG D 219 -9.77 -41.81 -17.28
N GLN D 220 -9.08 -42.12 -16.18
CA GLN D 220 -9.37 -43.38 -15.47
C GLN D 220 -10.69 -43.35 -14.68
N LEU D 221 -11.13 -42.19 -14.23
CA LEU D 221 -12.48 -42.08 -13.67
C LEU D 221 -13.55 -42.55 -14.66
N HIS D 222 -13.45 -42.04 -15.87
CA HIS D 222 -14.38 -42.38 -16.91
C HIS D 222 -14.26 -43.86 -17.38
N ASP D 223 -13.03 -44.38 -17.40
CA ASP D 223 -12.82 -45.77 -17.81
C ASP D 223 -13.50 -46.72 -16.82
N ALA D 224 -13.46 -46.37 -15.54
CA ALA D 224 -14.12 -47.17 -14.50
C ALA D 224 -15.65 -46.93 -14.40
N GLY D 225 -16.22 -46.18 -15.33
CA GLY D 225 -17.67 -46.02 -15.42
C GLY D 225 -18.27 -44.87 -14.61
N MET D 226 -17.43 -44.03 -14.01
CA MET D 226 -17.95 -42.88 -13.27
C MET D 226 -18.23 -41.73 -14.25
N GLN D 227 -19.27 -40.97 -14.00
CA GLN D 227 -19.51 -39.73 -14.75
C GLN D 227 -19.31 -38.70 -13.68
N ALA D 228 -18.07 -38.49 -13.26
CA ALA D 228 -17.76 -37.45 -12.23
C ALA D 228 -17.28 -36.19 -12.91
N LEU D 229 -17.62 -35.04 -12.35
CA LEU D 229 -17.10 -33.77 -12.84
C LEU D 229 -15.76 -33.43 -12.14
N VAL D 230 -14.71 -33.22 -12.94
CA VAL D 230 -13.42 -32.80 -12.40
C VAL D 230 -13.37 -31.27 -12.27
N LEU D 231 -12.91 -30.80 -11.13
CA LEU D 231 -12.68 -29.38 -10.95
C LEU D 231 -11.23 -29.19 -10.61
N GLY D 232 -10.70 -28.02 -10.92
CA GLY D 232 -9.36 -27.66 -10.47
C GLY D 232 -8.98 -26.21 -10.60
N GLY D 233 -7.69 -25.93 -10.37
CA GLY D 233 -7.15 -24.59 -10.47
C GLY D 233 -6.51 -24.40 -11.82
N GLU D 234 -5.70 -23.35 -11.98
CA GLU D 234 -5.09 -23.07 -13.26
C GLU D 234 -4.01 -24.05 -13.64
N GLY D 235 -3.64 -24.92 -12.70
CA GLY D 235 -2.83 -26.10 -13.00
C GLY D 235 -3.47 -27.06 -14.02
N LEU D 236 -4.75 -26.88 -14.33
CA LEU D 236 -5.41 -27.61 -15.43
C LEU D 236 -5.76 -26.73 -16.65
N SER D 237 -5.09 -25.59 -16.78
CA SER D 237 -5.33 -24.60 -17.86
C SER D 237 -4.67 -24.90 -19.23
N ASN D 238 -3.74 -25.85 -19.27
CA ASN D 238 -3.01 -26.18 -20.48
C ASN D 238 -3.69 -27.23 -21.38
N THR D 239 -3.45 -27.12 -22.69
CA THR D 239 -4.07 -28.08 -23.63
C THR D 239 -3.57 -29.48 -23.42
N GLU D 240 -2.39 -29.64 -22.85
CA GLU D 240 -1.93 -30.98 -22.47
C GLU D 240 -2.91 -31.75 -21.59
N TYR D 241 -3.67 -31.04 -20.76
CA TYR D 241 -4.72 -31.68 -19.99
C TYR D 241 -5.79 -32.25 -20.91
N TRP D 242 -6.21 -31.51 -21.96
CA TRP D 242 -7.12 -32.07 -22.96
C TRP D 242 -6.54 -33.28 -23.71
N ALA D 243 -5.31 -33.09 -24.21
CA ALA D 243 -4.52 -34.13 -24.87
C ALA D 243 -4.37 -35.42 -24.03
N ILE D 244 -4.14 -35.30 -22.73
CA ILE D 244 -3.94 -36.48 -21.89
C ILE D 244 -5.27 -37.11 -21.44
N GLY D 245 -6.24 -36.27 -21.10
CA GLY D 245 -7.55 -36.74 -20.63
C GLY D 245 -8.48 -37.21 -21.73
N GLY D 246 -8.35 -36.60 -22.91
CA GLY D 246 -9.19 -36.96 -24.02
C GLY D 246 -10.58 -36.43 -23.82
N THR D 247 -11.51 -36.95 -24.59
CA THR D 247 -12.89 -36.51 -24.53
C THR D 247 -13.44 -36.69 -23.12
N ASN D 248 -12.84 -37.59 -22.33
CA ASN D 248 -13.23 -37.75 -20.88
C ASN D 248 -13.08 -36.46 -20.11
N ALA D 249 -12.21 -35.59 -20.58
CA ALA D 249 -12.03 -34.31 -19.95
C ALA D 249 -13.18 -33.31 -20.22
N GLN D 250 -14.15 -33.70 -21.05
CA GLN D 250 -15.19 -32.76 -21.48
C GLN D 250 -15.96 -32.18 -20.29
N GLY D 251 -16.05 -30.85 -20.20
CA GLY D 251 -16.82 -30.25 -19.12
C GLY D 251 -16.04 -29.95 -17.84
N THR D 252 -14.78 -30.35 -17.78
CA THR D 252 -13.94 -29.99 -16.66
C THR D 252 -13.96 -28.49 -16.40
N LEU D 253 -14.04 -28.08 -15.15
CA LEU D 253 -14.06 -26.65 -14.81
C LEU D 253 -12.77 -26.28 -14.07
N PHE D 254 -12.24 -25.10 -14.34
CA PHE D 254 -11.05 -24.72 -13.63
C PHE D 254 -10.89 -23.26 -13.49
N THR D 255 -10.16 -22.84 -12.46
CA THR D 255 -10.02 -21.40 -12.23
C THR D 255 -8.78 -20.90 -12.95
N ASN D 256 -8.85 -19.68 -13.43
CA ASN D 256 -7.69 -18.94 -13.87
C ASN D 256 -7.99 -17.41 -13.82
N ALA D 257 -7.01 -16.62 -14.24
CA ALA D 257 -7.17 -15.18 -14.33
C ALA D 257 -8.28 -14.89 -15.27
N LYS D 258 -8.81 -13.69 -15.12
CA LYS D 258 -9.83 -13.21 -16.01
C LYS D 258 -9.32 -13.28 -17.44
N ASP D 259 -10.22 -13.49 -18.37
CA ASP D 259 -9.87 -13.50 -19.77
C ASP D 259 -9.18 -12.18 -20.14
N ALA D 260 -7.88 -12.25 -20.44
CA ALA D 260 -7.12 -11.03 -20.75
C ALA D 260 -7.38 -10.51 -22.19
N THR D 261 -7.81 -11.39 -23.10
CA THR D 261 -8.16 -11.00 -24.47
C THR D 261 -9.46 -10.19 -24.52
N LYS D 262 -10.23 -10.22 -23.43
CA LYS D 262 -11.43 -9.38 -23.31
C LYS D 262 -11.04 -7.90 -23.27
N ASN D 263 -10.15 -7.52 -22.35
CA ASN D 263 -9.83 -6.10 -22.14
C ASN D 263 -8.89 -5.50 -23.21
N PRO D 264 -9.12 -4.22 -23.58
CA PRO D 264 -8.36 -3.55 -24.66
C PRO D 264 -6.85 -3.37 -24.45
N ALA D 265 -6.41 -3.24 -23.21
CA ALA D 265 -4.98 -3.06 -22.92
C ALA D 265 -4.08 -4.24 -23.40
N ALA D 266 -4.72 -5.36 -23.79
CA ALA D 266 -4.04 -6.52 -24.34
C ALA D 266 -3.78 -6.45 -25.86
N LYS D 267 -4.41 -5.53 -26.59
CA LYS D 267 -4.32 -5.51 -28.08
C LYS D 267 -2.89 -5.77 -28.60
N ASP D 268 -1.93 -4.95 -28.18
CA ASP D 268 -0.57 -5.06 -28.68
C ASP D 268 0.12 -6.38 -28.38
N ALA D 269 -0.09 -6.91 -27.18
CA ALA D 269 0.44 -8.23 -26.82
C ALA D 269 -0.19 -9.31 -27.68
N ILE D 270 -1.49 -9.19 -27.92
CA ILE D 270 -2.22 -10.15 -28.73
C ILE D 270 -1.75 -10.10 -30.20
N GLN D 271 -1.60 -8.91 -30.80
CA GLN D 271 -1.16 -8.80 -32.22
C GLN D 271 0.23 -9.45 -32.39
N ALA D 272 1.19 -9.06 -31.56
CA ALA D 272 2.52 -9.70 -31.58
C ALA D 272 2.45 -11.23 -31.36
N LEU D 273 1.57 -11.68 -30.46
CA LEU D 273 1.42 -13.13 -30.25
C LEU D 273 0.78 -13.84 -31.46
N LYS D 274 -0.26 -13.23 -32.05
CA LYS D 274 -0.93 -13.82 -33.23
C LYS D 274 -0.04 -13.81 -34.47
N ALA D 275 0.78 -12.77 -34.62
CA ALA D 275 1.80 -12.71 -35.67
C ALA D 275 2.90 -13.81 -35.59
N LYS D 276 3.14 -14.35 -34.41
CA LYS D 276 4.08 -15.46 -34.25
C LYS D 276 3.34 -16.80 -34.13
N ASN D 277 2.03 -16.74 -34.39
CA ASN D 277 1.15 -17.92 -34.24
C ASN D 277 1.26 -18.52 -32.87
N ILE D 278 1.13 -17.67 -31.85
CA ILE D 278 1.12 -18.11 -30.47
C ILE D 278 -0.22 -17.66 -29.87
N PRO D 279 -1.02 -18.62 -29.39
CA PRO D 279 -2.26 -18.28 -28.68
C PRO D 279 -1.98 -17.43 -27.43
N ALA D 280 -2.83 -16.43 -27.23
CA ALA D 280 -2.72 -15.54 -26.05
C ALA D 280 -3.36 -16.18 -24.80
N GLU D 281 -2.78 -17.28 -24.37
CA GLU D 281 -3.24 -17.97 -23.19
C GLU D 281 -2.84 -17.20 -21.93
N ALA D 282 -3.48 -17.53 -20.83
CA ALA D 282 -3.32 -16.71 -19.64
C ALA D 282 -1.86 -16.66 -19.18
N PHE D 283 -1.23 -17.81 -19.07
CA PHE D 283 0.12 -17.84 -18.50
C PHE D 283 1.05 -17.05 -19.39
N THR D 284 0.83 -17.17 -20.70
CA THR D 284 1.63 -16.48 -21.68
C THR D 284 1.47 -14.97 -21.52
N MET D 285 0.25 -14.53 -21.27
CA MET D 285 -0.01 -13.11 -21.07
C MET D 285 0.56 -12.63 -19.71
N ASN D 286 0.48 -13.47 -18.68
CA ASN D 286 1.06 -13.14 -17.37
C ASN D 286 2.59 -12.96 -17.46
N ALA D 287 3.25 -13.82 -18.22
CA ALA D 287 4.70 -13.71 -18.43
C ALA D 287 5.06 -12.47 -19.25
N TYR D 288 4.24 -12.17 -20.26
CA TYR D 288 4.42 -10.93 -21.03
C TYR D 288 4.35 -9.75 -20.05
N ALA D 289 3.39 -9.77 -19.14
CA ALA D 289 3.23 -8.67 -18.20
C ALA D 289 4.38 -8.57 -17.23
N ALA D 290 4.94 -9.71 -16.81
CA ALA D 290 6.00 -9.73 -15.83
C ALA D 290 7.20 -8.94 -16.36
N VAL D 291 7.46 -9.05 -17.66
CA VAL D 291 8.57 -8.34 -18.27
C VAL D 291 8.23 -6.85 -18.36
N GLU D 292 6.97 -6.52 -18.65
CA GLU D 292 6.56 -5.11 -18.60
C GLU D 292 6.73 -4.54 -17.19
N VAL D 293 6.40 -5.31 -16.18
CA VAL D 293 6.56 -4.86 -14.80
C VAL D 293 8.01 -4.57 -14.48
N ILE D 294 8.93 -5.46 -14.82
CA ILE D 294 10.34 -5.16 -14.62
C ILE D 294 10.74 -3.84 -15.31
N LYS D 295 10.24 -3.64 -16.52
CA LYS D 295 10.47 -2.39 -17.27
C LYS D 295 10.08 -1.17 -16.49
N ALA D 296 8.86 -1.16 -15.99
CA ALA D 296 8.39 0.04 -15.32
C ALA D 296 9.24 0.26 -14.10
N GLY D 297 9.53 -0.81 -13.35
CA GLY D 297 10.42 -0.75 -12.18
C GLY D 297 11.73 0.01 -12.46
N ILE D 298 12.39 -0.39 -13.54
CA ILE D 298 13.68 0.21 -13.94
C ILE D 298 13.52 1.67 -14.33
N GLU D 299 12.41 1.95 -15.01
CA GLU D 299 12.14 3.32 -15.47
C GLU D 299 11.84 4.27 -14.33
N ARG D 300 11.12 3.81 -13.31
CA ARG D 300 10.85 4.61 -12.12
C ARG D 300 12.06 4.79 -11.26
N ALA D 301 12.76 3.69 -11.01
CA ALA D 301 13.95 3.73 -10.17
C ALA D 301 15.00 4.63 -10.79
N GLY D 302 15.06 4.65 -12.11
CA GLY D 302 16.06 5.39 -12.87
C GLY D 302 17.32 4.58 -13.08
N SER D 303 17.26 3.25 -12.86
CA SER D 303 18.46 2.42 -12.98
C SER D 303 18.21 0.99 -13.38
N THR D 304 19.12 0.48 -14.19
CA THR D 304 19.13 -0.91 -14.60
C THR D 304 20.20 -1.66 -13.82
N ASP D 305 20.65 -1.09 -12.70
CA ASP D 305 21.81 -1.64 -11.95
C ASP D 305 21.46 -2.14 -10.54
N ASP D 306 20.58 -1.40 -9.86
CA ASP D 306 20.22 -1.60 -8.45
C ASP D 306 18.82 -2.26 -8.32
N SER D 307 18.80 -3.57 -8.13
CA SER D 307 17.53 -4.25 -8.07
C SER D 307 16.71 -3.77 -6.87
N ALA D 308 17.37 -3.41 -5.77
CA ALA D 308 16.64 -2.98 -4.57
C ALA D 308 15.85 -1.69 -4.82
N ALA D 309 16.44 -0.76 -5.58
CA ALA D 309 15.76 0.47 -5.97
C ALA D 309 14.60 0.16 -6.92
N VAL D 310 14.80 -0.77 -7.86
CA VAL D 310 13.72 -1.23 -8.73
C VAL D 310 12.58 -1.81 -7.92
N ALA D 311 12.89 -2.62 -6.90
CA ALA D 311 11.88 -3.23 -6.07
C ALA D 311 11.11 -2.22 -5.24
N LYS D 312 11.83 -1.23 -4.68
CA LYS D 312 11.21 -0.13 -3.92
C LYS D 312 10.30 0.68 -4.81
N ALA D 313 10.76 1.00 -6.02
CA ALA D 313 9.90 1.70 -6.99
C ALA D 313 8.59 0.91 -7.28
N LEU D 314 8.69 -0.39 -7.46
CA LEU D 314 7.46 -1.21 -7.68
C LEU D 314 6.57 -1.25 -6.45
N HIS D 315 7.15 -1.17 -5.26
CA HIS D 315 6.35 -1.15 -4.03
C HIS D 315 5.74 0.21 -3.70
N ASP D 316 6.13 1.27 -4.43
CA ASP D 316 5.71 2.65 -4.11
C ASP D 316 4.23 2.98 -4.27
N GLY D 317 3.44 2.03 -4.73
CA GLY D 317 1.99 2.18 -4.75
C GLY D 317 1.47 2.61 -6.10
N LYS D 318 2.31 3.26 -6.92
CA LYS D 318 1.87 3.81 -8.21
C LYS D 318 1.52 2.67 -9.13
N PRO D 319 0.48 2.85 -9.96
CA PRO D 319 -0.01 1.75 -10.79
C PRO D 319 0.86 1.46 -12.03
N ILE D 320 0.91 0.21 -12.45
CA ILE D 320 1.67 -0.15 -13.66
C ILE D 320 0.71 -0.64 -14.72
N GLU D 321 0.81 -0.06 -15.91
CA GLU D 321 -0.02 -0.45 -17.06
C GLU D 321 0.64 -1.69 -17.66
N THR D 322 -0.11 -2.81 -17.75
CA THR D 322 0.38 -4.02 -18.43
C THR D 322 -0.57 -4.50 -19.51
N ALA D 323 -0.14 -5.50 -20.28
CA ALA D 323 -1.01 -6.18 -21.23
C ALA D 323 -2.16 -6.85 -20.52
N ILE D 324 -1.99 -7.23 -19.26
CA ILE D 324 -3.09 -7.87 -18.54
C ILE D 324 -3.83 -6.86 -17.68
N GLY D 325 -3.55 -5.59 -17.91
CA GLY D 325 -4.27 -4.50 -17.27
C GLY D 325 -3.38 -3.75 -16.30
N THR D 326 -4.01 -2.88 -15.54
CA THR D 326 -3.31 -2.00 -14.61
C THR D 326 -3.06 -2.76 -13.30
N LEU D 327 -1.84 -2.77 -12.81
CA LEU D 327 -1.49 -3.59 -11.63
C LEU D 327 -0.87 -2.71 -10.57
N THR D 328 -1.19 -2.96 -9.31
CA THR D 328 -0.61 -2.22 -8.20
C THR D 328 -0.16 -3.19 -7.12
N TYR D 329 1.09 -3.07 -6.69
CA TYR D 329 1.61 -4.02 -5.74
C TYR D 329 1.40 -3.68 -4.25
N SER D 330 1.08 -4.70 -3.46
CA SER D 330 1.04 -4.57 -2.01
C SER D 330 2.49 -4.64 -1.54
N GLU D 331 2.67 -4.49 -0.22
CA GLU D 331 3.95 -4.72 0.46
C GLU D 331 4.54 -6.13 0.26
N THR D 332 3.67 -7.11 0.09
CA THR D 332 4.09 -8.48 -0.01
C THR D 332 4.57 -8.78 -1.40
N GLY D 333 4.20 -7.95 -2.37
CA GLY D 333 4.50 -8.23 -3.78
C GLY D 333 3.37 -8.94 -4.53
N ASP D 334 2.21 -9.02 -3.89
CA ASP D 334 1.04 -9.59 -4.53
C ASP D 334 0.35 -8.44 -5.28
N LEU D 335 -0.53 -8.78 -6.21
CA LEU D 335 -1.42 -7.80 -6.82
C LEU D 335 -2.43 -7.27 -5.79
N SER D 336 -2.81 -6.00 -5.88
CA SER D 336 -3.79 -5.44 -4.95
C SER D 336 -5.23 -5.85 -5.30
N SER D 337 -5.52 -6.11 -6.58
CA SER D 337 -6.90 -6.39 -6.99
C SER D 337 -6.97 -7.64 -7.85
N PRO D 338 -6.55 -8.78 -7.31
CA PRO D 338 -6.45 -9.96 -8.12
C PRO D 338 -7.85 -10.57 -8.33
N SER D 339 -8.02 -11.30 -9.45
CA SER D 339 -9.32 -11.89 -9.74
C SER D 339 -9.20 -13.29 -10.38
N PHE D 340 -10.18 -14.14 -10.13
CA PHE D 340 -10.21 -15.45 -10.80
C PHE D 340 -11.61 -15.67 -11.30
N ASP D 341 -11.71 -16.08 -12.57
CA ASP D 341 -12.95 -16.60 -13.14
C ASP D 341 -12.84 -18.09 -13.34
N ILE D 342 -13.96 -18.67 -13.76
CA ILE D 342 -14.08 -20.09 -13.96
C ILE D 342 -14.26 -20.35 -15.44
N PHE D 343 -13.46 -21.30 -15.94
CA PHE D 343 -13.44 -21.72 -17.34
C PHE D 343 -13.81 -23.18 -17.47
N LYS D 344 -14.14 -23.57 -18.68
CA LYS D 344 -14.63 -24.92 -18.97
C LYS D 344 -13.97 -25.49 -20.19
N TRP D 345 -13.61 -26.78 -20.14
CA TRP D 345 -13.01 -27.47 -21.28
C TRP D 345 -14.17 -28.02 -22.07
N ASP D 346 -14.31 -27.48 -23.28
CA ASP D 346 -15.39 -27.82 -24.17
C ASP D 346 -14.83 -28.08 -25.54
N ASP D 347 -14.86 -29.35 -25.98
CA ASP D 347 -14.43 -29.75 -27.32
C ASP D 347 -12.98 -29.35 -27.59
N GLY D 348 -12.11 -29.53 -26.59
CA GLY D 348 -10.68 -29.24 -26.77
C GLY D 348 -10.33 -27.79 -26.66
N LYS D 349 -11.31 -26.97 -26.33
CA LYS D 349 -11.09 -25.54 -26.17
C LYS D 349 -11.52 -25.07 -24.78
N ILE D 350 -10.92 -23.95 -24.38
CA ILE D 350 -11.22 -23.29 -23.13
C ILE D 350 -12.32 -22.26 -23.33
N VAL D 351 -13.40 -22.31 -22.55
CA VAL D 351 -14.54 -21.44 -22.79
C VAL D 351 -14.95 -20.88 -21.43
N GLY D 352 -15.50 -19.67 -21.41
CA GLY D 352 -15.92 -18.98 -20.18
C GLY D 352 -17.25 -19.48 -19.67
N LEU D 353 -17.57 -19.09 -18.43
CA LEU D 353 -18.85 -19.37 -17.74
C LEU D 353 -18.99 -20.86 -17.42
#